data_3TR5
#
_entry.id   3TR5
#
_cell.length_a   57.254
_cell.length_b   141.429
_cell.length_c   161.869
_cell.angle_alpha   90.000
_cell.angle_beta   95.620
_cell.angle_gamma   90.000
#
_symmetry.space_group_name_H-M   'P 1 21 1'
#
loop_
_entity.id
_entity.type
_entity.pdbx_description
1 polymer 'Peptide chain release factor 3'
2 non-polymer 'CALCIUM ION'
3 non-polymer "GUANOSINE-5'-DIPHOSPHATE"
4 water water
#
_entity_poly.entity_id   1
_entity_poly.type   'polypeptide(L)'
_entity_poly.pdbx_seq_one_letter_code
;SNA(MSE)SVEKQTA(MSE)RRTFAIISHPDAGKTTLTEKLLLFGGAIQLAGTIKSRKAARHATSDW(MSE)ELEKQRGI
SVTTSV(MSE)QFPYKDYLINLLDTPGHADFTEDTYRTLTAVDSAL(MSE)VIDAAKGVEPRTIKL(MSE)EVCRLRHTP
I(MSE)TFINK(MSE)DRDTRPSIELLDEIESILRIHCAPVTWPIG(MSE)GKYFKGIYHLIEDAIYLYQPGKHERVGES
ERIEGINNPELDKKLGDLASELRNEIELVKGASHPFEREGYLKGELTPIFFGSAINNFGVGELLDAFVKEAPPPQGRETN
SRLVKPEEEKFSGFVFKIQAN(MSE)DPGHRDRIAFLRIASGQYQKG(MSE)KAYHVRLKKEIQINNALTF(MSE)AGKR
ENAEEAWPGDIIGLHNHGTIQIGDTFTQGERFKFTGIPNFASELFRLVRLKDPLKQKALLKGLTQLSEEGATQLFRPLDS
NELILGAVGLLQFDVVAYRLENEYNVKCVYESVNVVTARWVICDDKAVLERFNQEQSRNLAYDGGGHLTYLAPSRVNLEI
T(MSE)EKWPEIQFSETREH
;
_entity_poly.pdbx_strand_id   A,B,C,D
#
# COMPACT_ATOMS: atom_id res chain seq x y z
N VAL A 6 -30.18 -72.86 -2.39
CA VAL A 6 -28.80 -72.55 -2.05
C VAL A 6 -28.08 -72.04 -3.29
N GLU A 7 -28.18 -72.82 -4.37
CA GLU A 7 -27.67 -72.39 -5.66
C GLU A 7 -28.63 -71.36 -6.25
N LYS A 8 -29.89 -71.44 -5.85
CA LYS A 8 -30.90 -70.48 -6.30
C LYS A 8 -30.75 -69.18 -5.53
N GLN A 9 -30.46 -69.27 -4.23
CA GLN A 9 -30.20 -68.09 -3.42
C GLN A 9 -29.04 -67.30 -4.00
N THR A 10 -27.99 -68.01 -4.42
CA THR A 10 -26.82 -67.37 -4.98
C THR A 10 -27.11 -66.76 -6.36
N ALA A 11 -27.95 -67.45 -7.14
CA ALA A 11 -28.17 -67.07 -8.53
C ALA A 11 -28.89 -65.73 -8.68
N ARG A 13 -28.63 -63.13 -6.59
CA ARG A 13 -27.94 -62.02 -5.94
C ARG A 13 -26.96 -61.30 -6.86
N ARG A 14 -26.87 -59.98 -6.66
CA ARG A 14 -25.94 -59.14 -7.39
C ARG A 14 -25.25 -58.21 -6.39
N THR A 15 -23.97 -58.44 -6.16
CA THR A 15 -23.24 -57.63 -5.19
C THR A 15 -22.24 -56.73 -5.91
N PHE A 16 -22.37 -55.44 -5.69
CA PHE A 16 -21.53 -54.47 -6.40
C PHE A 16 -21.28 -53.23 -5.54
N ALA A 17 -20.49 -52.32 -6.09
CA ALA A 17 -20.33 -50.99 -5.51
C ALA A 17 -20.24 -49.98 -6.62
N ILE A 18 -20.51 -48.72 -6.29
CA ILE A 18 -20.35 -47.64 -7.24
C ILE A 18 -18.95 -47.06 -7.08
N ILE A 19 -18.24 -46.92 -8.20
CA ILE A 19 -16.96 -46.22 -8.17
C ILE A 19 -17.04 -44.90 -8.92
N SER A 20 -16.50 -43.86 -8.32
CA SER A 20 -16.70 -42.52 -8.83
C SER A 20 -15.89 -41.49 -8.08
N HIS A 21 -15.69 -40.35 -8.71
CA HIS A 21 -15.10 -39.19 -8.08
C HIS A 21 -16.22 -38.44 -7.35
N PRO A 22 -15.92 -37.86 -6.17
CA PRO A 22 -16.89 -37.09 -5.39
C PRO A 22 -17.60 -36.06 -6.27
N ASP A 23 -18.90 -35.85 -6.01
CA ASP A 23 -19.72 -34.90 -6.78
C ASP A 23 -20.21 -35.43 -8.14
N ALA A 24 -19.81 -36.65 -8.49
CA ALA A 24 -20.20 -37.22 -9.80
C ALA A 24 -21.68 -37.63 -9.85
N GLY A 25 -22.23 -38.01 -8.70
CA GLY A 25 -23.63 -38.37 -8.61
C GLY A 25 -23.92 -39.72 -7.98
N LYS A 26 -22.97 -40.26 -7.22
CA LYS A 26 -23.17 -41.57 -6.59
C LYS A 26 -24.35 -41.58 -5.60
N THR A 27 -24.40 -40.61 -4.70
CA THR A 27 -25.49 -40.53 -3.73
C THR A 27 -26.85 -40.40 -4.43
N THR A 28 -26.90 -39.59 -5.48
CA THR A 28 -28.12 -39.39 -6.25
C THR A 28 -28.53 -40.69 -6.96
N LEU A 29 -27.58 -41.35 -7.60
CA LEU A 29 -27.88 -42.62 -8.27
C LEU A 29 -28.31 -43.69 -7.27
N THR A 30 -27.62 -43.74 -6.14
CA THR A 30 -27.97 -44.68 -5.06
C THR A 30 -29.42 -44.48 -4.63
N GLU A 31 -29.82 -43.23 -4.43
CA GLU A 31 -31.20 -42.91 -4.09
C GLU A 31 -32.16 -43.50 -5.11
N LYS A 32 -31.88 -43.27 -6.39
CA LYS A 32 -32.78 -43.72 -7.46
C LYS A 32 -32.82 -45.24 -7.60
N LEU A 33 -31.69 -45.89 -7.39
CA LEU A 33 -31.67 -47.36 -7.42
C LEU A 33 -32.50 -47.89 -6.26
N LEU A 34 -32.36 -47.27 -5.09
CA LEU A 34 -33.13 -47.67 -3.93
C LEU A 34 -34.63 -47.57 -4.19
N LEU A 35 -35.06 -46.48 -4.81
CA LEU A 35 -36.46 -46.28 -5.14
C LEU A 35 -36.96 -47.36 -6.12
N PHE A 36 -36.13 -47.74 -7.08
CA PHE A 36 -36.48 -48.86 -7.95
C PHE A 36 -36.69 -50.14 -7.13
N GLY A 37 -36.03 -50.22 -5.98
CA GLY A 37 -36.15 -51.38 -5.11
C GLY A 37 -37.18 -51.21 -4.00
N GLY A 38 -38.01 -50.18 -4.13
CA GLY A 38 -39.04 -49.91 -3.15
C GLY A 38 -38.53 -49.58 -1.77
N ALA A 39 -37.29 -49.12 -1.67
CA ALA A 39 -36.72 -48.72 -0.39
C ALA A 39 -36.92 -47.23 -0.18
N ILE A 40 -38.18 -46.81 -0.22
CA ILE A 40 -38.52 -45.39 -0.19
C ILE A 40 -37.96 -44.69 1.05
N GLN A 41 -38.14 -45.29 2.22
CA GLN A 41 -37.68 -44.68 3.46
C GLN A 41 -36.17 -44.44 3.43
N LEU A 42 -35.41 -45.50 3.12
CA LEU A 42 -33.97 -45.42 3.03
C LEU A 42 -33.48 -44.39 2.02
N ALA A 43 -34.09 -44.39 0.83
CA ALA A 43 -33.70 -43.43 -0.20
C ALA A 43 -33.79 -42.01 0.34
N GLY A 44 -34.82 -41.75 1.15
CA GLY A 44 -35.01 -40.45 1.75
C GLY A 44 -33.89 -40.11 2.70
N THR A 45 -33.45 -41.09 3.48
CA THR A 45 -32.41 -40.86 4.48
C THR A 45 -31.07 -40.54 3.85
N ILE A 46 -30.59 -41.40 2.96
CA ILE A 46 -29.30 -41.17 2.32
C ILE A 46 -29.31 -39.84 1.57
N LYS A 47 -30.49 -39.44 1.13
CA LYS A 47 -30.65 -38.20 0.38
C LYS A 47 -30.45 -36.99 1.28
N SER A 48 -30.85 -37.11 2.54
CA SER A 48 -30.69 -36.03 3.51
C SER A 48 -29.24 -35.91 3.99
N ARG A 49 -28.30 -36.16 3.08
CA ARG A 49 -26.88 -36.04 3.38
C ARG A 49 -26.24 -34.96 2.51
N HIS A 54 -18.97 -30.98 5.27
CA HIS A 54 -18.51 -32.05 6.16
C HIS A 54 -16.99 -32.16 6.17
N ALA A 55 -16.37 -31.46 7.13
CA ALA A 55 -14.97 -31.70 7.43
C ALA A 55 -14.94 -33.01 8.20
N THR A 56 -13.78 -33.65 8.27
CA THR A 56 -13.69 -34.91 9.00
C THR A 56 -14.18 -34.73 10.45
N SER A 57 -14.00 -33.53 10.99
CA SER A 57 -14.45 -33.23 12.34
C SER A 57 -15.97 -33.22 12.43
N ASP A 58 -16.62 -32.66 11.41
CA ASP A 58 -18.08 -32.65 11.35
C ASP A 58 -18.62 -34.07 11.30
N TRP A 59 -18.00 -34.92 10.49
CA TRP A 59 -18.41 -36.32 10.41
C TRP A 59 -18.28 -36.99 11.77
N GLU A 61 -18.37 -35.71 14.72
CA GLU A 61 -19.45 -35.22 15.58
C GLU A 61 -20.73 -35.99 15.29
N LEU A 62 -21.19 -35.92 14.05
CA LEU A 62 -22.40 -36.62 13.63
C LEU A 62 -22.36 -38.09 13.99
N GLU A 63 -21.22 -38.73 13.75
CA GLU A 63 -21.07 -40.15 14.05
C GLU A 63 -21.24 -40.43 15.54
N LYS A 64 -20.65 -39.58 16.36
CA LYS A 64 -20.75 -39.72 17.82
C LYS A 64 -22.20 -39.58 18.28
N GLN A 65 -22.94 -38.69 17.61
CA GLN A 65 -24.32 -38.40 17.99
C GLN A 65 -25.32 -39.48 17.58
N ARG A 66 -25.27 -39.92 16.32
CA ARG A 66 -26.26 -40.85 15.79
C ARG A 66 -25.73 -42.27 15.59
N GLY A 67 -24.50 -42.38 15.12
CA GLY A 67 -23.82 -43.66 15.03
C GLY A 67 -24.56 -44.74 14.25
N ILE A 68 -25.20 -44.34 13.15
CA ILE A 68 -25.87 -45.30 12.28
C ILE A 68 -25.36 -45.15 10.84
N SER A 69 -24.05 -45.04 10.70
CA SER A 69 -23.42 -45.00 9.38
C SER A 69 -22.98 -46.40 9.01
N VAL A 70 -23.06 -47.30 9.99
CA VAL A 70 -22.61 -48.67 9.80
C VAL A 70 -23.75 -49.56 9.32
N THR A 71 -24.98 -49.14 9.56
CA THR A 71 -26.14 -49.92 9.14
C THR A 71 -26.53 -49.61 7.70
N THR A 72 -25.91 -48.56 7.15
CA THR A 72 -26.11 -48.21 5.74
C THR A 72 -24.81 -48.34 4.96
N SER A 73 -23.80 -48.94 5.58
CA SER A 73 -22.54 -49.25 4.92
C SER A 73 -22.82 -50.22 3.80
N VAL A 74 -23.89 -50.98 3.97
CA VAL A 74 -24.33 -51.95 2.98
C VAL A 74 -25.82 -51.77 2.84
N GLN A 76 -29.14 -53.45 0.97
CA GLN A 76 -29.66 -54.62 0.30
C GLN A 76 -31.12 -54.35 -0.04
N PHE A 77 -31.51 -54.65 -1.28
CA PHE A 77 -32.88 -54.40 -1.69
C PHE A 77 -33.28 -55.30 -2.85
N PRO A 78 -34.56 -55.66 -2.92
CA PRO A 78 -35.00 -56.53 -4.00
C PRO A 78 -35.35 -55.73 -5.25
N TYR A 79 -35.18 -56.34 -6.41
CA TYR A 79 -35.65 -55.77 -7.67
C TYR A 79 -35.99 -56.90 -8.60
N LYS A 80 -37.25 -56.98 -8.99
CA LYS A 80 -37.73 -58.15 -9.72
C LYS A 80 -37.43 -59.38 -8.89
N ASP A 81 -36.90 -60.42 -9.53
CA ASP A 81 -36.53 -61.64 -8.82
C ASP A 81 -35.05 -61.65 -8.47
N TYR A 82 -34.48 -60.46 -8.31
CA TYR A 82 -33.09 -60.33 -7.92
C TYR A 82 -32.99 -59.74 -6.53
N LEU A 83 -31.90 -60.04 -5.84
CA LEU A 83 -31.61 -59.39 -4.57
C LEU A 83 -30.26 -58.67 -4.74
N ILE A 84 -30.28 -57.36 -4.57
CA ILE A 84 -29.12 -56.55 -4.85
C ILE A 84 -28.40 -56.13 -3.57
N ASN A 85 -27.07 -56.29 -3.57
CA ASN A 85 -26.23 -55.85 -2.47
C ASN A 85 -25.33 -54.71 -2.91
N LEU A 86 -25.62 -53.51 -2.43
CA LEU A 86 -24.80 -52.36 -2.76
C LEU A 86 -23.92 -51.99 -1.57
N LEU A 87 -22.61 -52.13 -1.74
CA LEU A 87 -21.69 -51.75 -0.68
C LEU A 87 -21.26 -50.32 -0.91
N ASP A 88 -21.32 -49.51 0.14
CA ASP A 88 -20.98 -48.11 -0.03
C ASP A 88 -19.47 -47.92 -0.14
N THR A 89 -19.08 -46.84 -0.79
CA THR A 89 -17.68 -46.49 -0.95
C THR A 89 -17.53 -45.01 -0.63
N PRO A 90 -17.47 -44.68 0.67
CA PRO A 90 -17.42 -43.27 1.07
C PRO A 90 -16.28 -42.54 0.39
N GLY A 91 -16.58 -41.38 -0.21
CA GLY A 91 -15.59 -40.62 -0.94
C GLY A 91 -15.33 -39.21 -0.39
N HIS A 92 -16.14 -38.77 0.55
CA HIS A 92 -15.97 -37.43 1.11
C HIS A 92 -15.19 -37.45 2.43
N ALA A 93 -15.74 -36.82 3.46
CA ALA A 93 -15.07 -36.76 4.75
C ALA A 93 -14.71 -38.15 5.26
N ASP A 94 -15.56 -39.12 4.96
CA ASP A 94 -15.39 -40.48 5.47
C ASP A 94 -14.61 -41.42 4.53
N PHE A 95 -13.93 -40.84 3.55
CA PHE A 95 -12.98 -41.60 2.71
C PHE A 95 -11.87 -42.15 3.60
N THR A 96 -11.59 -43.45 3.47
CA THR A 96 -10.48 -44.09 4.16
C THR A 96 -10.01 -45.28 3.35
N GLU A 97 -9.01 -46.00 3.85
CA GLU A 97 -8.54 -47.20 3.18
C GLU A 97 -9.70 -48.20 3.00
N ASP A 98 -10.64 -48.22 3.94
CA ASP A 98 -11.81 -49.10 3.83
C ASP A 98 -12.51 -48.93 2.49
N THR A 99 -12.51 -47.70 1.96
CA THR A 99 -13.14 -47.42 0.67
C THR A 99 -12.52 -48.26 -0.45
N TYR A 100 -11.20 -48.40 -0.45
CA TYR A 100 -10.54 -49.27 -1.43
C TYR A 100 -10.85 -50.73 -1.18
N ARG A 101 -10.73 -51.16 0.08
CA ARG A 101 -10.82 -52.57 0.43
C ARG A 101 -12.22 -53.17 0.29
N THR A 102 -13.24 -52.33 0.41
CA THR A 102 -14.62 -52.74 0.16
C THR A 102 -14.78 -53.35 -1.24
N LEU A 103 -13.97 -52.88 -2.18
CA LEU A 103 -14.05 -53.38 -3.55
C LEU A 103 -13.65 -54.86 -3.66
N THR A 104 -12.93 -55.38 -2.66
CA THR A 104 -12.54 -56.78 -2.70
C THR A 104 -13.74 -57.67 -2.45
N ALA A 105 -14.82 -57.07 -1.94
CA ALA A 105 -16.01 -57.81 -1.53
C ALA A 105 -17.15 -57.79 -2.54
N VAL A 106 -16.93 -57.17 -3.70
CA VAL A 106 -17.98 -57.07 -4.72
C VAL A 106 -17.65 -57.98 -5.89
N ASP A 107 -18.65 -58.30 -6.71
CA ASP A 107 -18.41 -59.15 -7.86
C ASP A 107 -18.34 -58.32 -9.13
N SER A 108 -18.83 -57.09 -9.07
CA SER A 108 -18.70 -56.15 -10.18
C SER A 108 -18.85 -54.74 -9.67
N ALA A 109 -18.61 -53.76 -10.54
CA ALA A 109 -18.71 -52.37 -10.13
C ALA A 109 -19.45 -51.53 -11.16
N LEU A 110 -19.99 -50.43 -10.68
CA LEU A 110 -20.75 -49.50 -11.49
C LEU A 110 -20.04 -48.15 -11.38
N VAL A 112 -19.57 -44.27 -12.10
CA VAL A 112 -20.36 -43.08 -12.42
C VAL A 112 -19.44 -41.92 -12.74
N ILE A 113 -19.72 -41.26 -13.87
CA ILE A 113 -18.90 -40.17 -14.36
C ILE A 113 -19.72 -38.92 -14.63
N ASP A 114 -19.24 -37.79 -14.13
CA ASP A 114 -19.83 -36.49 -14.40
C ASP A 114 -19.46 -36.13 -15.83
N ALA A 115 -20.45 -36.07 -16.71
CA ALA A 115 -20.24 -35.87 -18.14
C ALA A 115 -19.50 -34.58 -18.47
N ALA A 116 -19.65 -33.58 -17.61
CA ALA A 116 -18.96 -32.31 -17.80
C ALA A 116 -17.51 -32.40 -17.36
N LYS A 117 -17.19 -33.46 -16.61
CA LYS A 117 -15.85 -33.64 -16.06
C LYS A 117 -15.06 -34.77 -16.71
N GLY A 118 -15.73 -35.84 -17.11
CA GLY A 118 -15.06 -37.00 -17.64
C GLY A 118 -14.36 -37.78 -16.53
N VAL A 119 -13.17 -38.29 -16.82
CA VAL A 119 -12.42 -39.12 -15.90
C VAL A 119 -11.62 -38.28 -14.90
N GLU A 120 -11.87 -38.51 -13.62
CA GLU A 120 -11.22 -37.72 -12.57
C GLU A 120 -10.27 -38.58 -11.73
N PRO A 121 -9.50 -37.95 -10.84
CA PRO A 121 -8.48 -38.67 -10.07
C PRO A 121 -8.98 -39.89 -9.29
N ARG A 122 -10.14 -39.79 -8.63
CA ARG A 122 -10.67 -40.95 -7.89
C ARG A 122 -11.19 -42.04 -8.83
N THR A 123 -11.78 -41.63 -9.95
CA THR A 123 -12.21 -42.58 -10.97
C THR A 123 -11.04 -43.50 -11.30
N ILE A 124 -9.90 -42.89 -11.59
CA ILE A 124 -8.69 -43.61 -11.98
C ILE A 124 -8.23 -44.56 -10.89
N LYS A 125 -8.16 -44.03 -9.66
CA LYS A 125 -7.69 -44.79 -8.51
C LYS A 125 -8.58 -45.99 -8.19
N LEU A 126 -9.89 -45.77 -8.18
CA LEU A 126 -10.83 -46.85 -7.89
C LEU A 126 -10.87 -47.90 -9.01
N GLU A 128 -8.14 -48.68 -10.65
CA GLU A 128 -6.92 -49.43 -10.34
C GLU A 128 -7.18 -50.52 -9.29
N VAL A 129 -7.96 -50.20 -8.27
CA VAL A 129 -8.31 -51.18 -7.26
C VAL A 129 -9.10 -52.34 -7.86
N CYS A 130 -10.11 -51.99 -8.65
CA CYS A 130 -10.94 -52.97 -9.34
C CYS A 130 -10.12 -53.89 -10.25
N ARG A 131 -9.10 -53.31 -10.89
CA ARG A 131 -8.26 -54.02 -11.82
C ARG A 131 -7.54 -55.20 -11.15
N LEU A 132 -7.30 -55.07 -9.85
CA LEU A 132 -6.70 -56.12 -9.04
C LEU A 132 -7.39 -57.48 -9.18
N ARG A 133 -8.69 -57.46 -9.46
CA ARG A 133 -9.44 -58.70 -9.61
C ARG A 133 -10.14 -58.77 -10.96
N HIS A 134 -9.80 -57.85 -11.85
CA HIS A 134 -10.47 -57.74 -13.16
C HIS A 134 -11.97 -57.63 -12.97
N THR A 135 -12.37 -56.95 -11.91
CA THR A 135 -13.78 -56.73 -11.61
C THR A 135 -14.49 -56.13 -12.82
N PRO A 136 -15.60 -56.74 -13.24
CA PRO A 136 -16.39 -56.20 -14.35
C PRO A 136 -16.93 -54.81 -14.04
N ILE A 137 -16.96 -53.95 -15.05
CA ILE A 137 -17.38 -52.56 -14.87
C ILE A 137 -18.54 -52.20 -15.79
N THR A 139 -20.75 -48.74 -16.84
CA THR A 139 -20.49 -47.31 -16.77
C THR A 139 -21.77 -46.49 -16.95
N PHE A 140 -21.93 -45.45 -16.12
CA PHE A 140 -23.04 -44.52 -16.25
C PHE A 140 -22.53 -43.09 -16.33
N ILE A 141 -22.82 -42.45 -17.45
CA ILE A 141 -22.43 -41.07 -17.71
C ILE A 141 -23.53 -40.14 -17.23
N ASN A 142 -23.28 -39.44 -16.14
CA ASN A 142 -24.31 -38.68 -15.46
C ASN A 142 -24.39 -37.21 -15.88
N LYS A 143 -25.50 -36.57 -15.55
CA LYS A 143 -25.65 -35.13 -15.70
C LYS A 143 -25.82 -34.67 -17.14
N ASP A 145 -28.34 -33.55 -18.39
CA ASP A 145 -29.27 -32.41 -18.40
C ASP A 145 -28.52 -31.07 -18.42
N ARG A 146 -27.22 -31.14 -18.24
CA ARG A 146 -26.37 -29.96 -18.31
C ARG A 146 -25.39 -30.16 -19.45
N ASP A 147 -24.79 -29.07 -19.93
CA ASP A 147 -23.80 -29.20 -20.98
C ASP A 147 -22.72 -30.19 -20.56
N THR A 148 -22.27 -30.99 -21.51
CA THR A 148 -21.28 -32.01 -21.21
C THR A 148 -20.11 -31.87 -22.14
N ARG A 149 -19.08 -32.68 -21.91
CA ARG A 149 -18.05 -32.88 -22.91
C ARG A 149 -18.68 -33.72 -24.00
N PRO A 150 -18.11 -33.71 -25.21
CA PRO A 150 -18.70 -34.51 -26.28
C PRO A 150 -18.63 -36.02 -26.00
N SER A 151 -19.72 -36.72 -26.28
CA SER A 151 -19.86 -38.13 -25.94
C SER A 151 -18.69 -38.97 -26.43
N ILE A 152 -18.35 -38.85 -27.70
CA ILE A 152 -17.27 -39.65 -28.27
C ILE A 152 -15.97 -39.37 -27.54
N GLU A 153 -15.78 -38.12 -27.15
CA GLU A 153 -14.61 -37.75 -26.37
C GLU A 153 -14.62 -38.39 -24.97
N LEU A 154 -15.78 -38.44 -24.32
CA LEU A 154 -15.85 -39.05 -23.01
C LEU A 154 -15.39 -40.51 -23.09
N LEU A 155 -15.85 -41.20 -24.12
CA LEU A 155 -15.52 -42.61 -24.29
C LEU A 155 -14.03 -42.83 -24.56
N ASP A 156 -13.43 -41.98 -25.39
CA ASP A 156 -12.02 -42.10 -25.70
C ASP A 156 -11.15 -41.94 -24.47
N GLU A 157 -11.48 -40.97 -23.62
CA GLU A 157 -10.73 -40.75 -22.39
C GLU A 157 -10.83 -41.96 -21.46
N ILE A 158 -11.95 -42.66 -21.51
CA ILE A 158 -12.14 -43.85 -20.70
C ILE A 158 -11.23 -44.97 -21.21
N GLU A 159 -11.30 -45.23 -22.51
CA GLU A 159 -10.46 -46.25 -23.12
C GLU A 159 -8.99 -45.92 -22.95
N SER A 160 -8.64 -44.65 -23.17
CA SER A 160 -7.25 -44.23 -23.07
C SER A 160 -6.72 -44.20 -21.63
N ILE A 161 -7.47 -43.59 -20.73
CA ILE A 161 -6.97 -43.42 -19.38
C ILE A 161 -7.21 -44.66 -18.54
N LEU A 162 -8.38 -45.26 -18.68
CA LEU A 162 -8.76 -46.39 -17.82
C LEU A 162 -8.49 -47.75 -18.45
N ARG A 163 -7.95 -47.74 -19.66
CA ARG A 163 -7.51 -48.97 -20.32
C ARG A 163 -8.59 -50.03 -20.35
N ILE A 164 -9.76 -49.66 -20.87
CA ILE A 164 -10.88 -50.58 -20.98
C ILE A 164 -11.72 -50.18 -22.19
N HIS A 165 -12.15 -51.16 -22.97
CA HIS A 165 -12.93 -50.89 -24.18
C HIS A 165 -14.32 -50.40 -23.80
N CYS A 166 -14.81 -49.39 -24.50
CA CYS A 166 -16.15 -48.87 -24.25
C CYS A 166 -17.17 -49.46 -25.21
N ALA A 167 -18.28 -49.93 -24.67
CA ALA A 167 -19.35 -50.51 -25.49
C ALA A 167 -20.71 -49.84 -25.21
N PRO A 168 -21.05 -48.81 -25.99
CA PRO A 168 -22.29 -48.08 -25.76
C PRO A 168 -23.51 -48.97 -25.82
N VAL A 169 -24.37 -48.89 -24.81
CA VAL A 169 -25.63 -49.60 -24.80
C VAL A 169 -26.76 -48.59 -24.91
N THR A 170 -26.63 -47.47 -24.22
CA THR A 170 -27.49 -46.33 -24.49
C THR A 170 -26.64 -45.15 -24.94
N TRP A 171 -27.28 -44.11 -25.46
CA TRP A 171 -26.57 -43.01 -26.07
C TRP A 171 -27.46 -41.78 -25.97
N PRO A 172 -26.86 -40.62 -25.71
CA PRO A 172 -27.63 -39.41 -25.46
C PRO A 172 -28.19 -38.78 -26.74
N ILE A 173 -29.39 -38.24 -26.65
CA ILE A 173 -29.95 -37.41 -27.71
C ILE A 173 -29.97 -35.97 -27.22
N GLY A 174 -29.06 -35.16 -27.76
CA GLY A 174 -28.90 -33.78 -27.31
C GLY A 174 -28.09 -33.68 -26.02
N GLY A 176 -27.61 -30.88 -22.23
CA GLY A 176 -27.98 -29.69 -21.49
C GLY A 176 -29.42 -29.28 -21.75
N LYS A 177 -29.60 -28.02 -22.12
CA LYS A 177 -30.92 -27.45 -22.39
C LYS A 177 -31.67 -28.18 -23.50
N TYR A 178 -30.93 -28.86 -24.38
CA TYR A 178 -31.57 -29.59 -25.47
C TYR A 178 -31.36 -31.10 -25.37
N PHE A 179 -31.13 -31.59 -24.16
CA PHE A 179 -31.11 -33.03 -23.94
C PHE A 179 -32.55 -33.51 -24.01
N LYS A 180 -32.83 -34.47 -24.89
CA LYS A 180 -34.20 -34.90 -25.13
C LYS A 180 -34.44 -36.39 -24.91
N GLY A 181 -33.39 -37.13 -24.58
CA GLY A 181 -33.57 -38.54 -24.27
C GLY A 181 -32.36 -39.41 -24.54
N ILE A 182 -32.60 -40.71 -24.65
CA ILE A 182 -31.54 -41.65 -24.96
C ILE A 182 -32.00 -42.72 -25.94
N TYR A 183 -31.05 -43.17 -26.76
CA TYR A 183 -31.28 -44.27 -27.68
C TYR A 183 -30.66 -45.52 -27.07
N HIS A 184 -31.40 -46.63 -27.14
CA HIS A 184 -30.93 -47.88 -26.60
C HIS A 184 -30.49 -48.73 -27.79
N LEU A 185 -29.19 -48.97 -27.92
CA LEU A 185 -28.65 -49.57 -29.15
C LEU A 185 -29.10 -51.01 -29.38
N ILE A 186 -29.36 -51.74 -28.30
CA ILE A 186 -29.77 -53.13 -28.42
C ILE A 186 -31.28 -53.25 -28.68
N GLU A 187 -32.07 -52.46 -27.95
CA GLU A 187 -33.51 -52.45 -28.18
C GLU A 187 -33.87 -51.71 -29.46
N ASP A 188 -32.96 -50.87 -29.94
CA ASP A 188 -33.27 -49.99 -31.07
C ASP A 188 -34.49 -49.17 -30.70
N ALA A 189 -34.48 -48.56 -29.53
CA ALA A 189 -35.62 -47.78 -29.07
C ALA A 189 -35.18 -46.47 -28.43
N ILE A 190 -36.06 -45.47 -28.50
CA ILE A 190 -35.74 -44.17 -27.94
C ILE A 190 -36.62 -43.86 -26.75
N TYR A 191 -35.99 -43.57 -25.61
CA TYR A 191 -36.71 -43.13 -24.44
C TYR A 191 -36.60 -41.63 -24.34
N LEU A 192 -37.74 -40.95 -24.46
CA LEU A 192 -37.78 -39.50 -24.41
C LEU A 192 -37.64 -38.99 -22.99
N TYR A 193 -36.83 -37.96 -22.83
CA TYR A 193 -36.66 -37.30 -21.55
C TYR A 193 -37.78 -36.27 -21.38
N GLN A 194 -38.65 -36.49 -20.39
CA GLN A 194 -39.81 -35.63 -20.16
C GLN A 194 -40.05 -35.43 -18.67
N PRO A 195 -39.36 -34.43 -18.07
CA PRO A 195 -39.47 -34.18 -16.64
C PRO A 195 -40.93 -34.15 -16.18
N GLY A 196 -41.22 -34.84 -15.09
CA GLY A 196 -42.57 -34.99 -14.62
C GLY A 196 -43.18 -36.33 -14.98
N LYS A 197 -42.53 -37.06 -15.89
CA LYS A 197 -43.01 -38.40 -16.25
C LYS A 197 -42.04 -39.51 -15.87
N HIS A 198 -41.09 -39.22 -14.99
CA HIS A 198 -40.14 -40.23 -14.55
C HIS A 198 -40.15 -40.40 -13.04
N GLU A 199 -41.28 -40.03 -12.42
CA GLU A 199 -41.47 -40.21 -10.99
C GLU A 199 -41.84 -41.66 -10.68
N ARG A 200 -42.87 -42.14 -11.37
CA ARG A 200 -43.33 -43.51 -11.24
C ARG A 200 -43.05 -44.24 -12.56
N VAL A 201 -42.78 -45.54 -12.47
CA VAL A 201 -42.50 -46.35 -13.66
C VAL A 201 -43.75 -46.48 -14.55
N GLY A 202 -43.55 -46.43 -15.87
CA GLY A 202 -44.62 -46.68 -16.82
C GLY A 202 -45.27 -45.46 -17.47
N GLU A 203 -44.80 -44.27 -17.13
CA GLU A 203 -45.43 -43.04 -17.61
C GLU A 203 -44.62 -42.32 -18.69
N SER A 204 -43.42 -42.85 -18.95
CA SER A 204 -42.51 -42.24 -19.92
C SER A 204 -42.77 -42.72 -21.34
N GLU A 205 -42.47 -41.87 -22.32
CA GLU A 205 -42.74 -42.19 -23.72
C GLU A 205 -41.56 -42.92 -24.37
N ARG A 206 -41.87 -43.98 -25.12
CA ARG A 206 -40.86 -44.81 -25.76
C ARG A 206 -41.18 -44.94 -27.24
N ILE A 207 -40.15 -44.79 -28.08
CA ILE A 207 -40.32 -44.84 -29.52
C ILE A 207 -39.49 -45.96 -30.15
N GLU A 208 -40.15 -46.79 -30.97
CA GLU A 208 -39.50 -47.89 -31.64
C GLU A 208 -38.80 -47.43 -32.91
N GLY A 209 -37.56 -47.87 -33.10
CA GLY A 209 -36.84 -47.62 -34.34
C GLY A 209 -36.11 -46.29 -34.42
N ILE A 210 -34.82 -46.34 -34.70
CA ILE A 210 -34.01 -45.13 -34.82
C ILE A 210 -34.32 -44.35 -36.11
N ASN A 211 -34.91 -45.03 -37.09
CA ASN A 211 -35.29 -44.36 -38.34
C ASN A 211 -36.79 -44.06 -38.38
N ASN A 212 -37.42 -44.07 -37.21
CA ASN A 212 -38.84 -43.78 -37.10
C ASN A 212 -39.13 -42.30 -37.34
N PRO A 213 -39.98 -42.00 -38.32
CA PRO A 213 -40.29 -40.61 -38.70
C PRO A 213 -40.77 -39.77 -37.52
N GLU A 214 -41.44 -40.41 -36.55
CA GLU A 214 -41.92 -39.72 -35.36
C GLU A 214 -40.80 -38.97 -34.62
N LEU A 215 -39.59 -39.52 -34.69
CA LEU A 215 -38.44 -38.90 -34.03
C LEU A 215 -38.15 -37.51 -34.58
N ASP A 216 -38.08 -37.40 -35.91
CA ASP A 216 -37.80 -36.12 -36.56
C ASP A 216 -38.89 -35.11 -36.21
N LYS A 217 -40.09 -35.61 -35.98
CA LYS A 217 -41.23 -34.77 -35.62
C LYS A 217 -41.00 -34.16 -34.25
N LYS A 218 -40.68 -35.02 -33.28
CA LYS A 218 -40.52 -34.59 -31.89
C LYS A 218 -39.22 -33.85 -31.64
N LEU A 219 -38.12 -34.36 -32.21
CA LEU A 219 -36.79 -33.88 -31.86
C LEU A 219 -36.10 -33.05 -32.94
N GLY A 220 -36.66 -33.09 -34.15
CA GLY A 220 -36.08 -32.35 -35.26
C GLY A 220 -34.67 -32.74 -35.61
N ASP A 221 -33.76 -31.76 -35.64
CA ASP A 221 -32.37 -31.97 -36.05
C ASP A 221 -31.58 -32.88 -35.11
N LEU A 222 -32.13 -33.15 -33.93
CA LEU A 222 -31.47 -34.03 -32.99
C LEU A 222 -31.54 -35.47 -33.49
N ALA A 223 -32.61 -35.78 -34.22
CA ALA A 223 -32.81 -37.12 -34.76
C ALA A 223 -31.72 -37.51 -35.74
N SER A 224 -31.41 -36.61 -36.67
CA SER A 224 -30.36 -36.90 -37.66
C SER A 224 -28.98 -36.87 -37.00
N GLU A 225 -28.81 -36.03 -35.99
CA GLU A 225 -27.54 -36.04 -35.27
C GLU A 225 -27.34 -37.38 -34.55
N LEU A 226 -28.41 -37.90 -33.96
CA LEU A 226 -28.37 -39.23 -33.34
C LEU A 226 -27.95 -40.27 -34.36
N ARG A 227 -28.65 -40.30 -35.49
CA ARG A 227 -28.37 -41.25 -36.54
C ARG A 227 -26.92 -41.17 -36.98
N ASN A 228 -26.40 -39.96 -37.09
CA ASN A 228 -25.00 -39.77 -37.43
C ASN A 228 -24.05 -40.29 -36.34
N GLU A 229 -24.31 -39.93 -35.08
CA GLU A 229 -23.44 -40.36 -33.97
C GLU A 229 -23.43 -41.88 -33.78
N ILE A 230 -24.59 -42.51 -33.91
CA ILE A 230 -24.68 -43.96 -33.76
C ILE A 230 -23.86 -44.68 -34.84
N GLU A 231 -23.83 -44.13 -36.05
CA GLU A 231 -23.02 -44.71 -37.10
C GLU A 231 -21.53 -44.53 -36.81
N LEU A 232 -21.14 -43.36 -36.30
CA LEU A 232 -19.78 -43.15 -35.84
C LEU A 232 -19.42 -44.17 -34.76
N VAL A 233 -20.29 -44.30 -33.77
CA VAL A 233 -20.08 -45.26 -32.68
C VAL A 233 -19.96 -46.68 -33.20
N LYS A 234 -20.86 -47.08 -34.08
CA LYS A 234 -20.83 -48.43 -34.63
C LYS A 234 -19.51 -48.72 -35.34
N GLY A 235 -18.92 -47.70 -35.95
CA GLY A 235 -17.71 -47.86 -36.72
C GLY A 235 -16.42 -47.82 -35.90
N ALA A 236 -16.44 -47.10 -34.78
CA ALA A 236 -15.22 -46.89 -33.99
C ALA A 236 -15.30 -47.53 -32.60
N SER A 237 -16.46 -48.06 -32.24
CA SER A 237 -16.63 -48.62 -30.91
C SER A 237 -16.91 -50.11 -30.96
N HIS A 238 -16.99 -50.75 -29.81
CA HIS A 238 -17.30 -52.17 -29.75
C HIS A 238 -18.76 -52.35 -29.37
N PRO A 239 -19.37 -53.45 -29.81
CA PRO A 239 -20.72 -53.77 -29.35
C PRO A 239 -20.59 -54.45 -28.00
N PHE A 240 -21.63 -54.41 -27.18
CA PHE A 240 -21.55 -55.09 -25.90
C PHE A 240 -21.30 -56.57 -26.11
N GLU A 241 -20.44 -57.15 -25.28
CA GLU A 241 -20.14 -58.56 -25.38
C GLU A 241 -19.88 -59.10 -23.98
N ARG A 242 -20.68 -60.08 -23.57
CA ARG A 242 -20.68 -60.54 -22.18
C ARG A 242 -19.31 -61.04 -21.70
N GLU A 243 -18.59 -61.76 -22.56
CA GLU A 243 -17.30 -62.33 -22.19
C GLU A 243 -16.25 -61.25 -21.88
N GLY A 244 -16.13 -60.27 -22.77
CA GLY A 244 -15.22 -59.17 -22.54
C GLY A 244 -15.62 -58.40 -21.29
N TYR A 245 -16.92 -58.26 -21.07
CA TYR A 245 -17.42 -57.56 -19.88
C TYR A 245 -17.05 -58.32 -18.61
N LEU A 246 -17.33 -59.62 -18.61
CA LEU A 246 -17.06 -60.46 -17.45
C LEU A 246 -15.56 -60.57 -17.16
N LYS A 247 -14.74 -60.34 -18.18
CA LYS A 247 -13.28 -60.36 -18.01
C LYS A 247 -12.73 -59.00 -17.60
N GLY A 248 -13.57 -57.97 -17.61
CA GLY A 248 -13.14 -56.64 -17.23
C GLY A 248 -12.32 -55.96 -18.32
N GLU A 249 -12.57 -56.34 -19.57
CA GLU A 249 -11.86 -55.74 -20.70
C GLU A 249 -12.79 -54.81 -21.47
N LEU A 250 -14.08 -54.84 -21.12
CA LEU A 250 -15.06 -54.06 -21.85
C LEU A 250 -16.17 -53.57 -20.92
N THR A 251 -16.58 -52.32 -21.09
CA THR A 251 -17.60 -51.73 -20.23
C THR A 251 -18.76 -51.16 -21.04
N PRO A 252 -19.97 -51.67 -20.80
CA PRO A 252 -21.14 -51.11 -21.45
C PRO A 252 -21.40 -49.72 -20.87
N ILE A 253 -21.71 -48.75 -21.73
CA ILE A 253 -21.92 -47.39 -21.26
C ILE A 253 -23.39 -47.03 -21.28
N PHE A 254 -23.86 -46.42 -20.20
CA PHE A 254 -25.20 -45.87 -20.14
C PHE A 254 -25.11 -44.36 -19.91
N PHE A 255 -26.05 -43.61 -20.48
CA PHE A 255 -26.10 -42.17 -20.31
C PHE A 255 -27.41 -41.79 -19.65
N GLY A 256 -27.38 -40.75 -18.81
CA GLY A 256 -28.61 -40.25 -18.20
C GLY A 256 -28.48 -39.05 -17.28
N SER A 257 -29.54 -38.81 -16.51
CA SER A 257 -29.58 -37.74 -15.53
C SER A 257 -30.15 -38.32 -14.24
N ALA A 258 -29.28 -38.70 -13.32
CA ALA A 258 -29.70 -39.34 -12.09
C ALA A 258 -30.68 -38.47 -11.30
N ILE A 259 -30.38 -37.18 -11.19
CA ILE A 259 -31.23 -36.28 -10.41
C ILE A 259 -32.67 -36.25 -10.92
N ASN A 260 -32.85 -36.50 -12.21
CA ASN A 260 -34.18 -36.55 -12.80
C ASN A 260 -34.66 -37.98 -13.06
N ASN A 261 -33.98 -38.94 -12.43
CA ASN A 261 -34.32 -40.35 -12.57
C ASN A 261 -34.44 -40.80 -14.02
N PHE A 262 -33.52 -40.36 -14.87
CA PHE A 262 -33.63 -40.71 -16.28
C PHE A 262 -32.41 -41.49 -16.76
N GLY A 263 -32.68 -42.59 -17.45
CA GLY A 263 -31.63 -43.49 -17.91
C GLY A 263 -31.20 -44.47 -16.83
N VAL A 264 -31.83 -44.37 -15.67
CA VAL A 264 -31.49 -45.22 -14.54
C VAL A 264 -32.12 -46.60 -14.67
N GLY A 265 -33.40 -46.65 -15.02
CA GLY A 265 -34.06 -47.90 -15.29
C GLY A 265 -33.31 -48.76 -16.30
N GLU A 266 -32.83 -48.13 -17.38
CA GLU A 266 -32.11 -48.86 -18.41
C GLU A 266 -30.81 -49.45 -17.88
N LEU A 267 -30.13 -48.67 -17.04
CA LEU A 267 -28.90 -49.10 -16.41
C LEU A 267 -29.13 -50.28 -15.47
N LEU A 268 -30.14 -50.15 -14.61
CA LEU A 268 -30.46 -51.16 -13.62
C LEU A 268 -30.86 -52.48 -14.26
N ASP A 269 -31.62 -52.42 -15.35
CA ASP A 269 -32.09 -53.62 -16.01
C ASP A 269 -30.94 -54.42 -16.63
N ALA A 270 -30.05 -53.72 -17.31
CA ALA A 270 -28.87 -54.35 -17.88
C ALA A 270 -27.98 -54.92 -16.77
N PHE A 271 -27.85 -54.17 -15.67
CA PHE A 271 -27.07 -54.62 -14.51
C PHE A 271 -27.55 -55.97 -13.99
N VAL A 272 -28.82 -56.07 -13.60
CA VAL A 272 -29.32 -57.33 -13.07
C VAL A 272 -29.20 -58.46 -14.10
N LYS A 273 -29.36 -58.11 -15.38
CA LYS A 273 -29.26 -59.12 -16.44
C LYS A 273 -27.83 -59.62 -16.66
N GLU A 274 -26.88 -58.68 -16.77
CA GLU A 274 -25.52 -59.02 -17.18
C GLU A 274 -24.50 -59.12 -16.05
N ALA A 275 -24.71 -58.37 -14.96
CA ALA A 275 -23.73 -58.40 -13.88
C ALA A 275 -23.61 -59.80 -13.29
N PRO A 276 -22.39 -60.22 -12.93
CA PRO A 276 -22.18 -61.59 -12.43
C PRO A 276 -22.75 -61.83 -11.04
N PRO A 277 -23.30 -63.03 -10.80
CA PRO A 277 -23.70 -63.40 -9.45
C PRO A 277 -22.44 -63.64 -8.62
N PRO A 278 -22.59 -63.95 -7.32
CA PRO A 278 -21.42 -64.22 -6.49
C PRO A 278 -20.47 -65.24 -7.12
N GLN A 279 -19.18 -64.97 -7.05
CA GLN A 279 -18.17 -65.80 -7.72
C GLN A 279 -17.30 -66.53 -6.70
N GLY A 280 -16.61 -67.57 -7.18
CA GLY A 280 -15.67 -68.31 -6.35
C GLY A 280 -14.55 -67.42 -5.84
N ARG A 281 -13.97 -67.80 -4.70
CA ARG A 281 -12.87 -67.05 -4.11
C ARG A 281 -11.68 -67.96 -3.85
N GLU A 282 -10.51 -67.52 -4.31
CA GLU A 282 -9.28 -68.28 -4.13
C GLU A 282 -8.85 -68.30 -2.66
N THR A 283 -8.10 -69.33 -2.29
CA THR A 283 -7.52 -69.42 -0.96
C THR A 283 -6.07 -69.86 -1.11
N ASN A 284 -5.36 -69.98 0.01
CA ASN A 284 -3.99 -70.48 -0.01
C ASN A 284 -3.90 -71.92 -0.56
N SER A 285 -5.03 -72.60 -0.61
CA SER A 285 -5.11 -73.87 -1.33
C SER A 285 -6.19 -73.87 -2.41
N ARG A 286 -7.30 -74.55 -2.12
CA ARG A 286 -8.33 -74.81 -3.12
C ARG A 286 -9.16 -73.58 -3.43
N LEU A 287 -9.92 -73.66 -4.52
CA LEU A 287 -10.88 -72.61 -4.85
C LEU A 287 -12.20 -72.92 -4.15
N VAL A 288 -12.76 -71.91 -3.50
CA VAL A 288 -14.06 -72.07 -2.85
C VAL A 288 -15.18 -71.55 -3.75
N LYS A 289 -16.17 -72.40 -3.99
CA LYS A 289 -17.32 -72.02 -4.82
C LYS A 289 -18.52 -71.70 -3.93
N PRO A 290 -19.29 -70.66 -4.31
CA PRO A 290 -20.40 -70.19 -3.48
C PRO A 290 -21.46 -71.27 -3.25
N GLU A 291 -21.63 -72.16 -4.23
CA GLU A 291 -22.65 -73.20 -4.18
C GLU A 291 -22.35 -74.31 -3.15
N GLU A 292 -21.13 -74.32 -2.63
CA GLU A 292 -20.78 -75.30 -1.62
C GLU A 292 -21.72 -75.20 -0.41
N GLU A 293 -21.92 -76.32 0.28
CA GLU A 293 -22.90 -76.40 1.35
C GLU A 293 -22.41 -75.74 2.64
N LYS A 294 -21.11 -75.80 2.88
CA LYS A 294 -20.52 -75.29 4.10
C LYS A 294 -20.33 -73.77 4.05
N PHE A 295 -20.66 -73.12 5.17
CA PHE A 295 -20.51 -71.67 5.30
C PHE A 295 -19.05 -71.25 5.42
N SER A 296 -18.71 -70.16 4.75
CA SER A 296 -17.41 -69.54 4.89
C SER A 296 -17.46 -68.10 4.39
N GLY A 297 -16.49 -67.30 4.80
CA GLY A 297 -16.45 -65.90 4.39
C GLY A 297 -15.18 -65.23 4.90
N PHE A 298 -15.01 -63.96 4.56
CA PHE A 298 -13.84 -63.21 5.00
C PHE A 298 -14.21 -61.80 5.45
N VAL A 299 -13.45 -61.28 6.41
CA VAL A 299 -13.66 -59.93 6.91
C VAL A 299 -12.85 -58.93 6.08
N PHE A 300 -13.50 -57.88 5.61
CA PHE A 300 -12.83 -56.92 4.72
C PHE A 300 -12.82 -55.48 5.26
N LYS A 301 -13.58 -55.23 6.31
CA LYS A 301 -13.48 -53.95 7.03
C LYS A 301 -14.10 -54.02 8.41
N ILE A 302 -13.64 -53.14 9.30
CA ILE A 302 -14.13 -53.10 10.67
C ILE A 302 -14.49 -51.67 11.04
N GLN A 303 -15.71 -51.47 11.54
CA GLN A 303 -16.15 -50.14 11.95
C GLN A 303 -16.36 -50.15 13.46
N ALA A 304 -15.74 -49.19 14.15
CA ALA A 304 -15.84 -49.12 15.60
C ALA A 304 -17.04 -48.28 16.03
N ASN A 305 -17.73 -48.76 17.05
CA ASN A 305 -18.76 -47.97 17.69
C ASN A 305 -18.12 -46.77 18.38
N ASP A 307 -19.88 -44.37 19.98
CA ASP A 307 -20.64 -44.13 21.21
C ASP A 307 -20.13 -44.99 22.37
N GLY A 309 -18.95 -44.85 25.95
CA GLY A 309 -18.16 -45.84 26.65
C GLY A 309 -18.23 -47.21 26.01
N HIS A 310 -18.63 -47.24 24.74
CA HIS A 310 -18.67 -48.48 23.99
C HIS A 310 -17.29 -48.90 23.51
N ARG A 311 -17.06 -50.20 23.40
CA ARG A 311 -15.80 -50.71 22.89
C ARG A 311 -16.03 -51.93 22.01
N ASP A 312 -17.25 -52.06 21.50
CA ASP A 312 -17.58 -53.09 20.51
C ASP A 312 -17.31 -52.56 19.11
N ARG A 313 -17.04 -53.47 18.19
CA ARG A 313 -16.86 -53.11 16.78
C ARG A 313 -17.62 -54.09 15.91
N ILE A 314 -17.91 -53.65 14.69
CA ILE A 314 -18.55 -54.51 13.71
C ILE A 314 -17.52 -54.91 12.65
N ALA A 315 -17.27 -56.21 12.54
CA ALA A 315 -16.41 -56.69 11.47
C ALA A 315 -17.25 -57.16 10.29
N PHE A 316 -17.10 -56.48 9.16
CA PHE A 316 -17.86 -56.80 7.96
C PHE A 316 -17.31 -58.02 7.25
N LEU A 317 -18.17 -59.02 7.07
CA LEU A 317 -17.78 -60.26 6.42
C LEU A 317 -18.62 -60.52 5.19
N ARG A 318 -17.94 -60.83 4.09
CA ARG A 318 -18.64 -61.22 2.87
C ARG A 318 -18.78 -62.74 2.88
N ILE A 319 -20.00 -63.23 2.65
CA ILE A 319 -20.20 -64.67 2.60
C ILE A 319 -19.72 -65.23 1.27
N ALA A 320 -18.81 -66.21 1.33
CA ALA A 320 -18.22 -66.78 0.13
C ALA A 320 -18.94 -68.06 -0.29
N SER A 321 -19.51 -68.77 0.67
CA SER A 321 -20.21 -70.00 0.37
C SER A 321 -21.13 -70.43 1.53
N GLY A 322 -22.03 -71.36 1.24
CA GLY A 322 -22.90 -71.90 2.26
C GLY A 322 -23.96 -70.92 2.73
N GLN A 323 -24.36 -71.05 3.97
CA GLN A 323 -25.44 -70.25 4.52
C GLN A 323 -25.11 -69.80 5.92
N TYR A 324 -25.33 -68.52 6.20
CA TYR A 324 -25.28 -68.05 7.57
C TYR A 324 -26.64 -68.28 8.22
N GLN A 325 -26.62 -68.81 9.43
CA GLN A 325 -27.85 -68.95 10.22
C GLN A 325 -27.64 -68.25 11.54
N LYS A 326 -28.60 -67.42 11.94
CA LYS A 326 -28.48 -66.66 13.17
C LYS A 326 -28.28 -67.62 14.36
N GLY A 327 -27.18 -67.44 15.08
CA GLY A 327 -26.88 -68.28 16.24
C GLY A 327 -26.01 -69.48 15.92
N LYS A 329 -22.84 -71.99 14.87
CA LYS A 329 -21.44 -72.19 15.24
C LYS A 329 -20.60 -71.93 14.00
N ALA A 330 -19.41 -71.35 14.18
CA ALA A 330 -18.52 -71.16 13.07
C ALA A 330 -17.08 -71.32 13.53
N TYR A 331 -16.17 -71.49 12.58
CA TYR A 331 -14.78 -71.70 12.91
C TYR A 331 -13.90 -70.49 12.57
N HIS A 332 -13.35 -69.87 13.61
CA HIS A 332 -12.43 -68.74 13.47
C HIS A 332 -11.05 -69.29 13.16
N VAL A 333 -10.70 -69.32 11.88
CA VAL A 333 -9.48 -70.01 11.42
C VAL A 333 -8.18 -69.47 12.03
N ARG A 334 -8.06 -68.15 12.15
CA ARG A 334 -6.85 -67.56 12.72
C ARG A 334 -6.67 -67.97 14.18
N LEU A 335 -7.76 -67.95 14.95
CA LEU A 335 -7.68 -68.31 16.36
C LEU A 335 -7.83 -69.82 16.60
N LYS A 336 -7.92 -70.57 15.50
CA LYS A 336 -8.13 -72.01 15.56
C LYS A 336 -9.12 -72.35 16.67
N LYS A 337 -10.29 -71.72 16.60
CA LYS A 337 -11.28 -71.83 17.65
C LYS A 337 -12.68 -71.80 17.09
N GLU A 338 -13.62 -72.44 17.77
CA GLU A 338 -15.01 -72.34 17.38
C GLU A 338 -15.63 -71.14 18.07
N ILE A 339 -16.42 -70.37 17.32
CA ILE A 339 -17.17 -69.28 17.91
C ILE A 339 -18.65 -69.43 17.59
N GLN A 340 -19.48 -68.60 18.22
CA GLN A 340 -20.88 -68.54 17.86
C GLN A 340 -21.17 -67.17 17.26
N ILE A 341 -22.12 -67.11 16.34
CA ILE A 341 -22.54 -65.85 15.74
C ILE A 341 -24.03 -65.66 16.04
N ASN A 342 -24.32 -64.90 17.08
CA ASN A 342 -25.66 -64.89 17.67
C ASN A 342 -26.63 -63.85 17.10
N ASN A 343 -26.09 -62.83 16.45
CA ASN A 343 -26.92 -61.71 16.06
C ASN A 343 -26.18 -60.77 15.11
N ALA A 344 -25.62 -61.34 14.05
CA ALA A 344 -24.88 -60.56 13.07
C ALA A 344 -25.77 -59.52 12.40
N LEU A 345 -25.22 -58.32 12.19
CA LEU A 345 -25.94 -57.27 11.49
C LEU A 345 -26.28 -57.72 10.05
N THR A 346 -27.51 -57.48 9.63
CA THR A 346 -27.89 -57.68 8.22
C THR A 346 -28.40 -56.35 7.66
N PHE A 347 -28.67 -56.30 6.35
CA PHE A 347 -28.79 -55.01 5.67
C PHE A 347 -29.98 -54.84 4.72
N ALA A 349 -33.07 -53.38 3.32
CA ALA A 349 -33.72 -52.07 3.45
C ALA A 349 -35.09 -52.19 4.09
N GLY A 350 -35.32 -51.41 5.15
CA GLY A 350 -36.62 -51.36 5.81
C GLY A 350 -36.83 -52.47 6.81
N LYS A 351 -35.76 -53.17 7.16
CA LYS A 351 -35.84 -54.30 8.08
C LYS A 351 -36.16 -53.84 9.50
N ARG A 352 -36.86 -54.70 10.24
CA ARG A 352 -37.21 -54.40 11.62
C ARG A 352 -36.16 -54.99 12.56
N GLU A 353 -35.47 -56.02 12.08
CA GLU A 353 -34.46 -56.71 12.87
C GLU A 353 -33.53 -57.50 11.96
N ASN A 354 -32.42 -57.95 12.53
CA ASN A 354 -31.45 -58.73 11.76
C ASN A 354 -32.05 -60.03 11.25
N ALA A 355 -31.63 -60.44 10.06
CA ALA A 355 -32.22 -61.61 9.41
C ALA A 355 -31.79 -62.89 10.11
N GLU A 356 -32.54 -63.96 9.87
CA GLU A 356 -32.21 -65.26 10.44
C GLU A 356 -31.14 -65.96 9.61
N GLU A 357 -30.96 -65.50 8.39
CA GLU A 357 -29.98 -66.11 7.50
C GLU A 357 -29.51 -65.17 6.41
N ALA A 358 -28.35 -65.50 5.83
CA ALA A 358 -27.80 -64.76 4.71
C ALA A 358 -27.11 -65.74 3.78
N TRP A 359 -26.84 -65.31 2.55
CA TRP A 359 -26.32 -66.22 1.53
C TRP A 359 -25.06 -65.68 0.85
N PRO A 360 -24.42 -66.50 0.01
CA PRO A 360 -23.19 -66.03 -0.65
C PRO A 360 -23.44 -64.73 -1.41
N GLY A 361 -22.50 -63.80 -1.30
CA GLY A 361 -22.64 -62.51 -1.95
C GLY A 361 -23.11 -61.49 -0.94
N ASP A 362 -23.83 -61.98 0.08
CA ASP A 362 -24.31 -61.12 1.16
C ASP A 362 -23.17 -60.70 2.04
N ILE A 363 -23.35 -59.58 2.73
CA ILE A 363 -22.46 -59.15 3.78
C ILE A 363 -23.22 -59.25 5.10
N ILE A 364 -22.53 -59.66 6.15
CA ILE A 364 -23.11 -59.63 7.48
C ILE A 364 -22.13 -58.98 8.45
N GLY A 365 -22.65 -58.41 9.54
CA GLY A 365 -21.80 -57.72 10.49
C GLY A 365 -21.60 -58.46 11.79
N LEU A 366 -20.37 -58.92 12.02
CA LEU A 366 -20.06 -59.73 13.21
C LEU A 366 -19.66 -58.86 14.39
N HIS A 367 -20.42 -58.97 15.48
CA HIS A 367 -20.12 -58.23 16.70
C HIS A 367 -18.92 -58.83 17.42
N ASN A 368 -18.01 -57.97 17.87
CA ASN A 368 -16.86 -58.41 18.65
C ASN A 368 -16.19 -57.27 19.40
N HIS A 369 -15.24 -57.63 20.25
CA HIS A 369 -14.51 -56.64 21.03
C HIS A 369 -13.01 -56.71 20.77
N GLY A 370 -12.65 -57.04 19.53
CA GLY A 370 -11.27 -56.98 19.11
C GLY A 370 -10.64 -58.32 18.77
N THR A 371 -11.46 -59.36 18.74
CA THR A 371 -10.97 -60.70 18.44
C THR A 371 -11.05 -61.00 16.95
N ILE A 372 -11.62 -60.05 16.19
CA ILE A 372 -11.77 -60.22 14.74
C ILE A 372 -11.03 -59.12 13.96
N GLN A 373 -10.20 -59.53 13.01
CA GLN A 373 -9.33 -58.61 12.28
C GLN A 373 -9.47 -58.71 10.76
N ILE A 374 -8.95 -57.70 10.07
CA ILE A 374 -8.99 -57.66 8.61
C ILE A 374 -8.38 -58.91 7.99
N GLY A 375 -9.08 -59.51 7.04
CA GLY A 375 -8.58 -60.69 6.36
C GLY A 375 -8.94 -62.00 7.05
N ASP A 376 -9.57 -61.91 8.23
CA ASP A 376 -9.94 -63.12 8.95
C ASP A 376 -10.91 -63.99 8.16
N THR A 377 -10.58 -65.27 8.07
CA THR A 377 -11.43 -66.25 7.39
C THR A 377 -12.24 -67.04 8.40
N PHE A 378 -13.52 -67.25 8.09
CA PHE A 378 -14.39 -68.05 8.93
C PHE A 378 -14.99 -69.18 8.12
N THR A 379 -14.95 -70.39 8.68
CA THR A 379 -15.52 -71.57 8.02
C THR A 379 -16.39 -72.32 9.02
N GLN A 380 -16.64 -73.60 8.75
CA GLN A 380 -17.36 -74.44 9.69
C GLN A 380 -16.49 -75.57 10.22
N GLY A 381 -15.18 -75.47 9.93
CA GLY A 381 -14.23 -76.45 10.42
C GLY A 381 -13.00 -76.50 9.54
N GLU A 382 -13.22 -76.38 8.23
CA GLU A 382 -12.11 -76.42 7.29
C GLU A 382 -11.14 -75.28 7.55
N ARG A 383 -9.85 -75.59 7.55
CA ARG A 383 -8.84 -74.55 7.70
C ARG A 383 -8.27 -74.15 6.34
N PHE A 384 -8.60 -72.92 5.93
CA PHE A 384 -7.96 -72.26 4.81
C PHE A 384 -8.14 -70.76 5.01
N LYS A 385 -7.36 -69.98 4.29
CA LYS A 385 -7.48 -68.54 4.36
C LYS A 385 -7.70 -67.98 2.97
N PHE A 386 -8.75 -67.17 2.83
CA PHE A 386 -9.00 -66.49 1.57
C PHE A 386 -7.87 -65.50 1.29
N THR A 387 -7.43 -65.47 0.04
CA THR A 387 -6.35 -64.59 -0.36
C THR A 387 -6.91 -63.39 -1.11
N GLY A 388 -6.05 -62.48 -1.53
CA GLY A 388 -6.47 -61.35 -2.33
C GLY A 388 -7.06 -60.17 -1.56
N ILE A 389 -7.03 -60.24 -0.24
CA ILE A 389 -7.49 -59.10 0.57
C ILE A 389 -6.34 -58.12 0.74
N PRO A 390 -6.41 -56.94 0.10
CA PRO A 390 -5.22 -56.11 -0.04
C PRO A 390 -5.04 -55.07 1.04
N ASN A 391 -3.78 -54.70 1.28
CA ASN A 391 -3.47 -53.39 1.82
C ASN A 391 -3.19 -52.50 0.61
N PHE A 392 -3.41 -51.20 0.76
CA PHE A 392 -3.12 -50.26 -0.32
C PHE A 392 -2.12 -49.23 0.20
N ALA A 393 -1.26 -48.73 -0.69
CA ALA A 393 -0.23 -47.78 -0.29
C ALA A 393 -0.84 -46.55 0.38
N SER A 394 -0.30 -46.20 1.55
CA SER A 394 -0.78 -45.03 2.28
C SER A 394 -0.49 -43.76 1.48
N GLU A 395 -1.38 -42.78 1.62
CA GLU A 395 -1.28 -41.54 0.86
C GLU A 395 -1.09 -40.36 1.80
N LEU A 396 -1.12 -40.62 3.10
CA LEU A 396 -0.92 -39.58 4.11
C LEU A 396 -0.10 -40.17 5.24
N PHE A 397 0.80 -39.35 5.80
CA PHE A 397 1.76 -39.83 6.76
C PHE A 397 1.90 -38.87 7.93
N ARG A 398 2.07 -39.43 9.14
CA ARG A 398 2.28 -38.62 10.32
C ARG A 398 3.07 -39.40 11.36
N LEU A 399 4.01 -38.71 11.99
CA LEU A 399 4.72 -39.28 13.13
C LEU A 399 3.73 -39.26 14.29
N VAL A 400 3.71 -40.33 15.07
CA VAL A 400 2.88 -40.34 16.26
C VAL A 400 3.74 -40.57 17.50
N ARG A 401 3.48 -39.78 18.54
CA ARG A 401 4.23 -39.86 19.78
C ARG A 401 3.35 -39.52 20.99
N LEU A 402 3.94 -39.58 22.18
CA LEU A 402 3.23 -39.29 23.42
C LEU A 402 3.84 -38.11 24.16
N LYS A 403 3.01 -37.44 24.95
CA LYS A 403 3.50 -36.42 25.87
C LYS A 403 4.06 -37.10 27.11
N ASP A 404 3.50 -38.28 27.43
CA ASP A 404 3.92 -39.03 28.62
C ASP A 404 4.57 -40.37 28.25
N PRO A 405 5.89 -40.46 28.43
CA PRO A 405 6.68 -41.65 28.08
C PRO A 405 6.18 -42.91 28.78
N LEU A 406 5.58 -42.75 29.96
CA LEU A 406 5.13 -43.90 30.75
C LEU A 406 3.98 -44.67 30.07
N LYS A 407 3.36 -44.05 29.07
CA LYS A 407 2.22 -44.66 28.37
C LYS A 407 2.62 -45.32 27.06
N GLN A 408 3.90 -45.59 26.88
CA GLN A 408 4.39 -46.16 25.61
C GLN A 408 3.79 -47.52 25.33
N LYS A 409 3.64 -48.34 26.36
CA LYS A 409 3.10 -49.68 26.20
C LYS A 409 1.66 -49.65 25.67
N ALA A 410 0.83 -48.80 26.27
CA ALA A 410 -0.55 -48.65 25.82
C ALA A 410 -0.64 -48.10 24.39
N LEU A 411 0.19 -47.12 24.06
CA LEU A 411 0.21 -46.56 22.71
C LEU A 411 0.50 -47.67 21.68
N LEU A 412 1.57 -48.42 21.92
CA LEU A 412 1.97 -49.52 21.03
C LEU A 412 0.89 -50.58 20.89
N LYS A 413 0.31 -50.99 22.01
CA LYS A 413 -0.76 -51.96 22.01
C LYS A 413 -1.94 -51.48 21.19
N GLY A 414 -2.35 -50.23 21.43
CA GLY A 414 -3.47 -49.65 20.72
C GLY A 414 -3.22 -49.53 19.22
N LEU A 415 -2.07 -48.95 18.87
CA LEU A 415 -1.67 -48.82 17.46
C LEU A 415 -1.55 -50.18 16.78
N THR A 416 -1.12 -51.19 17.53
CA THR A 416 -1.00 -52.54 16.96
C THR A 416 -2.38 -53.12 16.67
N GLN A 417 -3.33 -52.99 17.60
CA GLN A 417 -4.68 -53.45 17.37
C GLN A 417 -5.38 -52.69 16.24
N LEU A 418 -5.26 -51.37 16.28
CA LEU A 418 -5.86 -50.50 15.27
C LEU A 418 -5.39 -50.84 13.86
N SER A 419 -4.09 -51.11 13.72
CA SER A 419 -3.52 -51.56 12.46
C SER A 419 -4.16 -52.87 12.02
N GLU A 420 -4.24 -53.82 12.95
CA GLU A 420 -4.81 -55.13 12.65
C GLU A 420 -6.28 -55.04 12.27
N GLU A 421 -6.95 -53.97 12.67
CA GLU A 421 -8.34 -53.74 12.28
C GLU A 421 -8.47 -52.79 11.09
N GLY A 422 -7.34 -52.44 10.49
CA GLY A 422 -7.35 -51.64 9.27
C GLY A 422 -7.63 -50.17 9.51
N ALA A 423 -7.62 -49.75 10.77
CA ALA A 423 -7.88 -48.35 11.11
C ALA A 423 -6.77 -47.47 10.56
N THR A 424 -5.59 -48.04 10.43
CA THR A 424 -4.42 -47.29 10.01
C THR A 424 -3.31 -48.25 9.63
N GLN A 425 -2.30 -47.76 8.92
CA GLN A 425 -1.08 -48.53 8.76
C GLN A 425 -0.03 -47.97 9.72
N LEU A 426 0.95 -48.80 10.02
CA LEU A 426 1.92 -48.51 11.07
C LEU A 426 3.30 -48.87 10.55
N PHE A 427 4.22 -47.93 10.59
CA PHE A 427 5.57 -48.16 10.06
C PHE A 427 6.64 -47.92 11.11
N ARG A 428 7.62 -48.80 11.15
CA ARG A 428 8.77 -48.65 12.05
C ARG A 428 10.04 -48.52 11.23
N PRO A 429 10.55 -47.30 11.08
CA PRO A 429 11.78 -47.08 10.32
C PRO A 429 12.91 -47.95 10.86
N LEU A 430 13.82 -48.37 9.99
CA LEU A 430 14.92 -49.24 10.38
C LEU A 430 15.90 -48.54 11.31
N ASP A 431 16.14 -47.25 11.06
CA ASP A 431 17.18 -46.51 11.76
C ASP A 431 16.62 -45.52 12.79
N SER A 432 15.50 -45.87 13.42
CA SER A 432 14.96 -45.07 14.51
C SER A 432 13.88 -45.86 15.24
N ASN A 433 13.45 -45.32 16.38
CA ASN A 433 12.39 -45.94 17.17
C ASN A 433 11.07 -45.19 16.99
N GLU A 434 11.06 -44.26 16.03
CA GLU A 434 9.87 -43.48 15.74
C GLU A 434 8.74 -44.34 15.19
N LEU A 435 7.51 -43.84 15.35
CA LEU A 435 6.33 -44.51 14.82
C LEU A 435 5.66 -43.62 13.79
N ILE A 436 5.46 -44.17 12.59
CA ILE A 436 4.81 -43.42 11.52
C ILE A 436 3.48 -44.07 11.20
N LEU A 437 2.41 -43.28 11.22
CA LEU A 437 1.11 -43.78 10.80
C LEU A 437 0.87 -43.48 9.33
N GLY A 438 0.26 -44.45 8.64
CA GLY A 438 -0.07 -44.31 7.24
C GLY A 438 -1.57 -44.45 7.03
N ALA A 439 -2.14 -43.51 6.29
CA ALA A 439 -3.58 -43.50 6.04
C ALA A 439 -3.84 -43.30 4.56
N VAL A 440 -5.03 -43.67 4.11
CA VAL A 440 -5.45 -43.35 2.76
C VAL A 440 -6.34 -42.11 2.81
N GLY A 441 -7.17 -42.03 3.85
CA GLY A 441 -8.04 -40.88 4.05
C GLY A 441 -7.75 -40.14 5.35
N LEU A 442 -7.85 -38.82 5.29
CA LEU A 442 -7.64 -37.94 6.42
C LEU A 442 -8.37 -38.37 7.70
N LEU A 443 -9.59 -38.87 7.53
CA LEU A 443 -10.42 -39.22 8.69
C LEU A 443 -9.76 -40.25 9.62
N GLN A 444 -8.94 -41.12 9.05
CA GLN A 444 -8.30 -42.18 9.82
C GLN A 444 -7.52 -41.64 11.01
N PHE A 445 -6.88 -40.49 10.86
CA PHE A 445 -6.08 -39.94 11.95
C PHE A 445 -6.99 -39.56 13.13
N ASP A 446 -8.17 -39.02 12.82
CA ASP A 446 -9.15 -38.66 13.83
C ASP A 446 -9.67 -39.89 14.58
N VAL A 447 -10.04 -40.91 13.80
CA VAL A 447 -10.52 -42.18 14.35
C VAL A 447 -9.46 -42.84 15.23
N VAL A 448 -8.21 -42.82 14.78
CA VAL A 448 -7.12 -43.39 15.54
C VAL A 448 -6.93 -42.66 16.88
N ALA A 449 -6.90 -41.33 16.83
CA ALA A 449 -6.74 -40.54 18.04
C ALA A 449 -7.87 -40.77 19.04
N TYR A 450 -9.10 -40.75 18.54
CA TYR A 450 -10.27 -41.02 19.37
C TYR A 450 -10.21 -42.42 19.98
N ARG A 451 -9.94 -43.41 19.15
CA ARG A 451 -9.89 -44.78 19.62
C ARG A 451 -8.83 -44.98 20.70
N LEU A 452 -7.65 -44.39 20.48
CA LEU A 452 -6.57 -44.48 21.46
C LEU A 452 -6.97 -43.92 22.82
N GLU A 453 -7.65 -42.79 22.79
CA GLU A 453 -8.13 -42.15 24.00
C GLU A 453 -9.23 -42.98 24.66
N ASN A 454 -10.26 -43.30 23.87
CA ASN A 454 -11.46 -43.97 24.40
C ASN A 454 -11.27 -45.43 24.79
N GLU A 455 -10.40 -46.15 24.08
CA GLU A 455 -10.19 -47.59 24.34
C GLU A 455 -8.88 -47.88 25.08
N TYR A 456 -7.88 -47.04 24.90
CA TYR A 456 -6.57 -47.31 25.48
C TYR A 456 -6.11 -46.24 26.47
N ASN A 457 -6.97 -45.25 26.71
CA ASN A 457 -6.63 -44.13 27.57
C ASN A 457 -5.25 -43.57 27.24
N VAL A 458 -5.01 -43.33 25.96
CA VAL A 458 -3.75 -42.77 25.47
C VAL A 458 -4.01 -41.52 24.63
N LYS A 459 -3.37 -40.41 24.98
CA LYS A 459 -3.44 -39.20 24.17
C LYS A 459 -2.23 -39.09 23.26
N CYS A 460 -2.46 -39.18 21.96
CA CYS A 460 -1.37 -39.14 21.00
C CYS A 460 -1.15 -37.75 20.42
N VAL A 461 0.07 -37.50 19.95
CA VAL A 461 0.38 -36.25 19.29
C VAL A 461 0.90 -36.54 17.88
N TYR A 462 0.34 -35.84 16.89
CA TYR A 462 0.76 -36.01 15.51
C TYR A 462 1.79 -34.95 15.13
N GLU A 463 2.72 -35.31 14.27
CA GLU A 463 3.63 -34.34 13.66
C GLU A 463 3.78 -34.66 12.17
N SER A 464 3.90 -33.61 11.36
CA SER A 464 4.17 -33.79 9.94
C SER A 464 5.53 -34.48 9.79
N VAL A 465 5.68 -35.26 8.72
CA VAL A 465 6.93 -35.93 8.43
C VAL A 465 7.23 -35.79 6.94
N ASN A 466 8.49 -35.95 6.56
CA ASN A 466 8.88 -35.78 5.15
C ASN A 466 8.65 -37.04 4.32
N VAL A 467 7.40 -37.49 4.27
CA VAL A 467 7.04 -38.67 3.49
C VAL A 467 5.79 -38.37 2.68
N VAL A 468 5.80 -38.67 1.39
CA VAL A 468 4.64 -38.40 0.55
C VAL A 468 3.97 -39.66 0.02
N THR A 469 4.72 -40.74 -0.09
CA THR A 469 4.16 -42.00 -0.57
C THR A 469 5.01 -43.17 -0.10
N ALA A 470 4.51 -44.38 -0.32
CA ALA A 470 5.22 -45.58 0.13
C ALA A 470 4.98 -46.75 -0.83
N ARG A 471 5.92 -47.69 -0.82
CA ARG A 471 5.83 -48.89 -1.64
C ARG A 471 6.37 -50.08 -0.84
N TRP A 472 5.72 -51.22 -0.97
CA TRP A 472 6.27 -52.44 -0.41
C TRP A 472 7.40 -52.97 -1.30
N VAL A 473 8.48 -53.42 -0.66
CA VAL A 473 9.70 -53.82 -1.34
C VAL A 473 9.82 -55.34 -1.41
N ILE A 474 9.94 -55.86 -2.63
CA ILE A 474 10.05 -57.30 -2.85
C ILE A 474 11.20 -57.60 -3.79
N CYS A 475 12.02 -58.57 -3.44
CA CYS A 475 13.15 -58.97 -4.28
C CYS A 475 13.52 -60.43 -4.04
N ASP A 476 13.58 -61.21 -5.10
CA ASP A 476 13.97 -62.62 -4.99
C ASP A 476 15.41 -62.77 -4.50
N ASP A 477 16.34 -62.10 -5.17
CA ASP A 477 17.75 -62.18 -4.82
C ASP A 477 18.04 -61.45 -3.51
N LYS A 478 18.36 -62.23 -2.47
CA LYS A 478 18.56 -61.66 -1.14
C LYS A 478 19.89 -60.89 -1.01
N ALA A 479 20.84 -61.17 -1.90
CA ALA A 479 22.09 -60.45 -1.88
C ALA A 479 21.86 -59.01 -2.31
N VAL A 480 21.09 -58.84 -3.37
CA VAL A 480 20.71 -57.52 -3.84
C VAL A 480 19.89 -56.80 -2.77
N LEU A 481 18.84 -57.47 -2.29
CA LEU A 481 17.95 -56.88 -1.30
C LEU A 481 18.70 -56.36 -0.08
N GLU A 482 19.48 -57.22 0.56
CA GLU A 482 20.18 -56.80 1.77
C GLU A 482 21.15 -55.67 1.45
N ARG A 483 21.69 -55.69 0.23
CA ARG A 483 22.52 -54.60 -0.24
C ARG A 483 21.69 -53.32 -0.24
N PHE A 484 20.50 -53.44 -0.82
CA PHE A 484 19.54 -52.33 -0.90
C PHE A 484 19.14 -51.81 0.49
N ASN A 485 18.96 -52.71 1.45
CA ASN A 485 18.61 -52.30 2.80
C ASN A 485 19.70 -51.46 3.47
N GLN A 486 20.91 -51.49 2.90
CA GLN A 486 22.03 -50.72 3.43
C GLN A 486 22.04 -49.27 2.93
N GLU A 487 21.89 -49.11 1.62
CA GLU A 487 21.92 -47.81 0.99
C GLU A 487 20.69 -46.98 1.34
N GLN A 488 19.59 -47.65 1.63
CA GLN A 488 18.30 -46.98 1.74
C GLN A 488 17.61 -47.20 3.09
N SER A 489 18.36 -47.64 4.09
CA SER A 489 17.79 -47.94 5.40
C SER A 489 17.07 -46.74 6.01
N ARG A 490 17.59 -45.54 5.76
CA ARG A 490 16.98 -44.32 6.26
C ARG A 490 15.56 -44.09 5.68
N ASN A 491 15.30 -44.65 4.51
CA ASN A 491 13.97 -44.54 3.91
C ASN A 491 13.20 -45.86 3.97
N LEU A 492 13.64 -46.77 4.84
CA LEU A 492 13.01 -48.07 4.96
C LEU A 492 12.37 -48.29 6.32
N ALA A 493 11.35 -49.13 6.34
CA ALA A 493 10.63 -49.43 7.57
C ALA A 493 9.95 -50.78 7.42
N TYR A 494 9.51 -51.33 8.54
CA TYR A 494 8.66 -52.51 8.54
C TYR A 494 7.27 -52.07 8.95
N ASP A 495 6.25 -52.53 8.24
CA ASP A 495 4.89 -52.18 8.61
C ASP A 495 4.36 -53.14 9.68
N GLY A 496 3.10 -52.98 10.05
CA GLY A 496 2.52 -53.74 11.16
C GLY A 496 2.44 -55.23 10.90
N GLY A 497 2.65 -55.62 9.64
CA GLY A 497 2.65 -57.03 9.28
C GLY A 497 4.06 -57.55 9.11
N GLY A 498 5.04 -56.67 9.31
CA GLY A 498 6.44 -57.04 9.19
C GLY A 498 6.94 -57.02 7.75
N HIS A 499 6.23 -56.29 6.89
CA HIS A 499 6.63 -56.19 5.49
C HIS A 499 7.51 -54.99 5.25
N LEU A 500 8.62 -55.22 4.57
CA LEU A 500 9.57 -54.15 4.24
C LEU A 500 8.89 -53.10 3.35
N THR A 501 8.94 -51.84 3.79
CA THR A 501 8.28 -50.75 3.10
C THR A 501 9.22 -49.57 2.84
N TYR A 502 9.15 -48.99 1.66
CA TYR A 502 9.95 -47.81 1.31
C TYR A 502 9.11 -46.55 1.50
N LEU A 503 9.59 -45.64 2.34
CA LEU A 503 8.87 -44.40 2.60
C LEU A 503 9.52 -43.26 1.83
N ALA A 504 8.97 -42.95 0.66
CA ALA A 504 9.56 -41.94 -0.21
C ALA A 504 9.27 -40.53 0.28
N PRO A 505 10.35 -39.74 0.46
CA PRO A 505 10.23 -38.33 0.83
C PRO A 505 9.66 -37.51 -0.31
N SER A 506 9.76 -38.04 -1.54
CA SER A 506 9.25 -37.32 -2.70
C SER A 506 9.08 -38.25 -3.89
N ARG A 507 8.26 -37.86 -4.84
CA ARG A 507 8.10 -38.62 -6.07
C ARG A 507 9.45 -38.83 -6.74
N VAL A 508 10.22 -37.76 -6.88
CA VAL A 508 11.50 -37.84 -7.58
C VAL A 508 12.44 -38.84 -6.93
N ASN A 509 12.48 -38.85 -5.61
CA ASN A 509 13.32 -39.80 -4.88
C ASN A 509 12.93 -41.25 -5.17
N LEU A 510 11.63 -41.53 -5.20
CA LEU A 510 11.15 -42.87 -5.53
C LEU A 510 11.63 -43.29 -6.91
N GLU A 511 11.28 -42.52 -7.93
CA GLU A 511 11.77 -42.77 -9.28
C GLU A 511 13.26 -43.07 -9.28
N ILE A 512 14.04 -42.17 -8.70
CA ILE A 512 15.49 -42.30 -8.70
C ILE A 512 15.96 -43.58 -8.01
N THR A 513 15.32 -43.93 -6.90
CA THR A 513 15.67 -45.16 -6.20
C THR A 513 15.28 -46.37 -7.04
N GLU A 515 14.90 -46.76 -10.39
CA GLU A 515 15.74 -46.99 -11.55
C GLU A 515 17.11 -47.55 -11.18
N LYS A 516 17.60 -47.18 -9.99
CA LYS A 516 18.87 -47.70 -9.49
C LYS A 516 18.78 -49.16 -9.08
N TRP A 517 17.55 -49.66 -8.90
CA TRP A 517 17.35 -51.02 -8.42
C TRP A 517 16.21 -51.73 -9.14
N PRO A 518 16.36 -51.93 -10.46
CA PRO A 518 15.29 -52.47 -11.31
C PRO A 518 14.95 -53.92 -10.99
N GLU A 519 15.87 -54.65 -10.38
CA GLU A 519 15.60 -56.03 -9.97
C GLU A 519 14.73 -56.05 -8.72
N ILE A 520 14.50 -54.88 -8.15
CA ILE A 520 13.65 -54.77 -6.97
C ILE A 520 12.27 -54.31 -7.35
N GLN A 521 11.26 -55.06 -6.93
CA GLN A 521 9.88 -54.68 -7.19
C GLN A 521 9.37 -53.72 -6.13
N PHE A 522 8.72 -52.65 -6.58
CA PHE A 522 8.08 -51.70 -5.67
C PHE A 522 6.58 -51.71 -5.92
N SER A 523 5.82 -52.22 -4.95
CA SER A 523 4.39 -52.40 -5.16
C SER A 523 3.54 -51.39 -4.40
N GLU A 524 2.35 -51.13 -4.94
CA GLU A 524 1.40 -50.20 -4.34
C GLU A 524 0.32 -50.94 -3.59
N THR A 525 0.36 -52.28 -3.67
CA THR A 525 -0.56 -53.12 -2.94
C THR A 525 0.19 -54.35 -2.45
N ARG A 526 -0.33 -54.95 -1.39
CA ARG A 526 0.16 -56.23 -0.93
C ARG A 526 -0.98 -56.98 -0.30
N GLU A 527 -0.88 -58.30 -0.27
CA GLU A 527 -1.86 -59.11 0.41
C GLU A 527 -1.80 -58.75 1.90
N HIS A 528 -2.95 -58.44 2.48
CA HIS A 528 -2.99 -58.03 3.89
C HIS A 528 -2.43 -59.13 4.79
N VAL B 6 10.28 8.36 -19.76
CA VAL B 6 9.67 7.26 -20.50
C VAL B 6 10.17 5.91 -19.99
N GLU B 7 11.16 5.96 -19.11
CA GLU B 7 11.74 4.73 -18.55
C GLU B 7 10.94 4.24 -17.36
N LYS B 8 10.44 5.19 -16.56
CA LYS B 8 9.69 4.85 -15.35
C LYS B 8 8.27 4.36 -15.66
N GLN B 9 7.76 4.74 -16.82
CA GLN B 9 6.43 4.28 -17.25
C GLN B 9 6.42 2.77 -17.46
N THR B 10 7.51 2.25 -18.01
CA THR B 10 7.66 0.80 -18.20
C THR B 10 8.13 0.13 -16.91
N ALA B 11 8.96 0.85 -16.15
CA ALA B 11 9.54 0.31 -14.93
C ALA B 11 8.52 -0.02 -13.86
N ARG B 13 5.45 -0.86 -14.34
CA ARG B 13 4.37 -1.69 -14.85
C ARG B 13 4.55 -3.19 -14.59
N ARG B 14 3.44 -3.87 -14.35
CA ARG B 14 3.44 -5.30 -14.09
C ARG B 14 2.28 -5.94 -14.83
N THR B 15 2.60 -6.64 -15.91
CA THR B 15 1.59 -7.28 -16.74
C THR B 15 1.60 -8.79 -16.50
N PHE B 16 0.44 -9.33 -16.16
CA PHE B 16 0.36 -10.74 -15.80
C PHE B 16 -1.04 -11.30 -15.96
N ALA B 17 -1.16 -12.60 -15.70
CA ALA B 17 -2.45 -13.27 -15.70
C ALA B 17 -2.45 -14.35 -14.64
N ILE B 18 -3.64 -14.76 -14.24
CA ILE B 18 -3.79 -15.84 -13.27
C ILE B 18 -4.11 -17.12 -14.01
N ILE B 19 -3.32 -18.16 -13.75
CA ILE B 19 -3.59 -19.47 -14.32
C ILE B 19 -4.08 -20.38 -13.21
N SER B 20 -5.14 -21.13 -13.50
CA SER B 20 -5.80 -21.94 -12.49
C SER B 20 -6.89 -22.78 -13.09
N HIS B 21 -7.18 -23.90 -12.43
CA HIS B 21 -8.30 -24.75 -12.82
C HIS B 21 -9.58 -24.10 -12.31
N PRO B 22 -10.67 -24.20 -13.07
CA PRO B 22 -11.94 -23.62 -12.62
C PRO B 22 -12.23 -23.98 -11.16
N ASP B 23 -12.78 -23.02 -10.42
CA ASP B 23 -13.12 -23.20 -9.00
C ASP B 23 -11.94 -23.16 -8.02
N ALA B 24 -10.76 -22.76 -8.48
CA ALA B 24 -9.60 -22.69 -7.60
C ALA B 24 -9.58 -21.43 -6.75
N GLY B 25 -10.13 -20.34 -7.31
CA GLY B 25 -10.18 -19.08 -6.59
C GLY B 25 -9.77 -17.86 -7.40
N LYS B 26 -9.64 -18.01 -8.72
CA LYS B 26 -9.22 -16.89 -9.56
C LYS B 26 -10.07 -15.64 -9.31
N THR B 27 -11.36 -15.73 -9.60
CA THR B 27 -12.29 -14.61 -9.43
C THR B 27 -12.22 -14.00 -8.05
N THR B 28 -12.23 -14.86 -7.03
CA THR B 28 -12.19 -14.42 -5.64
C THR B 28 -10.92 -13.63 -5.37
N LEU B 29 -9.79 -14.16 -5.79
CA LEU B 29 -8.52 -13.48 -5.62
C LEU B 29 -8.48 -12.16 -6.41
N THR B 30 -8.92 -12.21 -7.67
CA THR B 30 -8.97 -11.02 -8.52
C THR B 30 -9.68 -9.87 -7.81
N GLU B 31 -10.81 -10.18 -7.18
CA GLU B 31 -11.55 -9.19 -6.41
C GLU B 31 -10.67 -8.54 -5.34
N LYS B 32 -10.03 -9.38 -4.53
CA LYS B 32 -9.20 -8.89 -3.43
C LYS B 32 -8.05 -8.01 -3.91
N LEU B 33 -7.35 -8.45 -4.97
CA LEU B 33 -6.26 -7.66 -5.53
C LEU B 33 -6.78 -6.31 -6.01
N LEU B 34 -7.97 -6.33 -6.58
CA LEU B 34 -8.63 -5.10 -7.03
C LEU B 34 -8.93 -4.19 -5.85
N LEU B 35 -9.37 -4.79 -4.73
CA LEU B 35 -9.63 -4.02 -3.52
C LEU B 35 -8.34 -3.34 -3.02
N PHE B 36 -7.23 -4.06 -3.07
CA PHE B 36 -5.95 -3.49 -2.67
C PHE B 36 -5.56 -2.34 -3.59
N GLY B 37 -6.04 -2.40 -4.83
CA GLY B 37 -5.75 -1.36 -5.81
C GLY B 37 -6.70 -0.18 -5.75
N GLY B 38 -7.67 -0.26 -4.85
CA GLY B 38 -8.67 0.79 -4.70
C GLY B 38 -9.81 0.67 -5.68
N ALA B 39 -9.82 -0.39 -6.49
CA ALA B 39 -10.83 -0.57 -7.52
C ALA B 39 -12.14 -1.13 -6.98
N ILE B 40 -12.69 -0.48 -5.96
CA ILE B 40 -13.96 -0.89 -5.35
C ILE B 40 -15.07 -1.08 -6.40
N GLN B 41 -14.97 -0.31 -7.49
CA GLN B 41 -15.93 -0.41 -8.58
C GLN B 41 -15.93 -1.78 -9.24
N LEU B 42 -14.80 -2.13 -9.87
CA LEU B 42 -14.66 -3.43 -10.53
C LEU B 42 -14.87 -4.58 -9.55
N ALA B 43 -14.32 -4.43 -8.36
CA ALA B 43 -14.35 -5.49 -7.35
C ALA B 43 -15.75 -6.08 -7.19
N GLY B 44 -16.72 -5.24 -6.87
CA GLY B 44 -18.08 -5.71 -6.72
C GLY B 44 -18.62 -6.28 -8.02
N THR B 45 -18.32 -5.59 -9.12
CA THR B 45 -18.81 -5.98 -10.44
C THR B 45 -18.44 -7.42 -10.80
N ILE B 46 -17.19 -7.79 -10.56
CA ILE B 46 -16.72 -9.12 -10.95
C ILE B 46 -17.36 -10.23 -10.11
N LYS B 47 -17.57 -9.97 -8.82
CA LYS B 47 -18.18 -10.97 -7.95
C LYS B 47 -19.65 -11.15 -8.28
N SER B 48 -20.24 -10.13 -8.90
CA SER B 48 -21.62 -10.23 -9.37
C SER B 48 -21.72 -11.26 -10.49
N ARG B 49 -20.71 -12.13 -10.59
CA ARG B 49 -20.73 -13.23 -11.53
C ARG B 49 -20.38 -14.53 -10.81
N HIS B 54 -23.51 -20.18 -15.57
CA HIS B 54 -23.63 -19.86 -16.99
C HIS B 54 -23.28 -21.04 -17.90
N ALA B 55 -24.21 -21.40 -18.78
CA ALA B 55 -23.91 -22.29 -19.88
C ALA B 55 -23.43 -21.42 -21.02
N THR B 56 -22.95 -22.02 -22.09
CA THR B 56 -22.50 -21.24 -23.24
C THR B 56 -23.65 -20.41 -23.79
N SER B 57 -24.83 -21.02 -23.86
CA SER B 57 -26.05 -20.34 -24.28
C SER B 57 -26.34 -19.12 -23.41
N ASP B 58 -26.22 -19.30 -22.10
CA ASP B 58 -26.45 -18.19 -21.17
C ASP B 58 -25.52 -17.03 -21.47
N TRP B 59 -24.24 -17.34 -21.65
CA TRP B 59 -23.24 -16.32 -21.95
C TRP B 59 -23.58 -15.54 -23.22
N GLU B 61 -26.68 -15.07 -24.53
CA GLU B 61 -27.84 -14.24 -24.26
C GLU B 61 -27.41 -12.88 -23.72
N LEU B 62 -26.80 -12.88 -22.55
CA LEU B 62 -26.30 -11.65 -21.94
C LEU B 62 -25.37 -10.93 -22.92
N GLU B 63 -24.48 -11.69 -23.54
CA GLU B 63 -23.51 -11.15 -24.48
C GLU B 63 -24.12 -10.27 -25.55
N LYS B 64 -25.21 -10.73 -26.16
CA LYS B 64 -25.86 -9.96 -27.22
C LYS B 64 -26.46 -8.68 -26.65
N GLN B 65 -27.53 -8.83 -25.87
CA GLN B 65 -28.18 -7.68 -25.23
C GLN B 65 -27.16 -6.74 -24.60
N ARG B 66 -26.50 -7.23 -23.55
CA ARG B 66 -25.55 -6.41 -22.79
C ARG B 66 -24.12 -6.52 -23.32
N GLY B 67 -23.55 -7.72 -23.22
CA GLY B 67 -22.23 -8.00 -23.75
C GLY B 67 -21.14 -7.08 -23.26
N ILE B 68 -21.25 -6.63 -22.01
CA ILE B 68 -20.22 -5.79 -21.42
C ILE B 68 -19.08 -6.67 -20.89
N SER B 69 -18.63 -7.59 -21.75
CA SER B 69 -17.46 -8.40 -21.45
C SER B 69 -16.27 -7.82 -22.20
N VAL B 70 -16.47 -6.63 -22.74
CA VAL B 70 -15.45 -5.93 -23.53
C VAL B 70 -14.60 -5.02 -22.66
N THR B 71 -15.18 -4.55 -21.56
CA THR B 71 -14.52 -3.56 -20.71
C THR B 71 -13.77 -4.19 -19.54
N THR B 72 -13.78 -5.52 -19.46
CA THR B 72 -13.13 -6.21 -18.35
C THR B 72 -12.28 -7.40 -18.80
N SER B 73 -11.92 -7.42 -20.08
CA SER B 73 -11.00 -8.44 -20.58
C SER B 73 -9.60 -8.10 -20.11
N VAL B 74 -9.41 -6.83 -19.77
CA VAL B 74 -8.15 -6.34 -19.23
C VAL B 74 -8.42 -5.47 -18.01
N GLN B 76 -6.70 -2.99 -15.36
CA GLN B 76 -5.56 -2.16 -15.03
C GLN B 76 -5.84 -1.38 -13.75
N PHE B 77 -4.90 -1.38 -12.82
CA PHE B 77 -5.09 -0.68 -11.57
C PHE B 77 -3.75 -0.35 -10.90
N PRO B 78 -3.71 0.75 -10.14
CA PRO B 78 -2.51 1.19 -9.45
C PRO B 78 -2.38 0.52 -8.10
N TYR B 79 -1.15 0.27 -7.67
CA TYR B 79 -0.86 -0.20 -6.33
C TYR B 79 0.52 0.29 -5.92
N LYS B 80 0.58 1.05 -4.83
CA LYS B 80 1.81 1.74 -4.47
C LYS B 80 2.27 2.56 -5.67
N ASP B 81 3.56 2.47 -5.99
CA ASP B 81 4.11 3.16 -7.14
C ASP B 81 4.20 2.24 -8.35
N TYR B 82 3.27 1.28 -8.44
CA TYR B 82 3.24 0.32 -9.53
C TYR B 82 1.96 0.43 -10.34
N LEU B 83 2.02 0.05 -11.61
CA LEU B 83 0.82 -0.07 -12.41
C LEU B 83 0.66 -1.53 -12.83
N ILE B 84 -0.45 -2.13 -12.46
CA ILE B 84 -0.65 -3.56 -12.68
C ILE B 84 -1.64 -3.84 -13.81
N ASN B 85 -1.21 -4.61 -14.80
CA ASN B 85 -2.10 -5.05 -15.87
C ASN B 85 -2.47 -6.52 -15.73
N LEU B 86 -3.69 -6.78 -15.27
CA LEU B 86 -4.19 -8.15 -15.16
C LEU B 86 -5.02 -8.52 -16.39
N LEU B 87 -4.51 -9.46 -17.18
CA LEU B 87 -5.26 -9.91 -18.35
C LEU B 87 -6.17 -11.09 -17.98
N ASP B 88 -7.44 -10.98 -18.38
CA ASP B 88 -8.44 -12.00 -18.12
C ASP B 88 -8.10 -13.32 -18.80
N THR B 89 -8.33 -14.42 -18.08
CA THR B 89 -8.17 -15.77 -18.64
C THR B 89 -9.43 -16.58 -18.37
N PRO B 90 -10.51 -16.31 -19.10
CA PRO B 90 -11.80 -16.94 -18.88
C PRO B 90 -11.69 -18.47 -18.86
N GLY B 91 -12.32 -19.10 -17.89
CA GLY B 91 -12.16 -20.53 -17.68
C GLY B 91 -13.48 -21.30 -17.68
N HIS B 92 -14.59 -20.57 -17.61
CA HIS B 92 -15.89 -21.21 -17.58
C HIS B 92 -16.54 -21.22 -18.95
N ALA B 93 -17.78 -20.74 -19.00
CA ALA B 93 -18.56 -20.73 -20.24
C ALA B 93 -17.83 -20.06 -21.41
N ASP B 94 -17.06 -19.02 -21.10
CA ASP B 94 -16.40 -18.24 -22.14
C ASP B 94 -14.93 -18.62 -22.35
N PHE B 95 -14.58 -19.81 -21.87
CA PHE B 95 -13.30 -20.42 -22.19
C PHE B 95 -13.21 -20.61 -23.70
N THR B 96 -12.13 -20.11 -24.30
CA THR B 96 -11.84 -20.34 -25.72
C THR B 96 -10.34 -20.42 -25.90
N GLU B 97 -9.90 -20.61 -27.14
CA GLU B 97 -8.47 -20.60 -27.44
C GLU B 97 -7.82 -19.29 -27.01
N ASP B 98 -8.58 -18.19 -27.06
CA ASP B 98 -8.06 -16.88 -26.63
C ASP B 98 -7.52 -16.94 -25.19
N THR B 99 -8.07 -17.83 -24.38
CA THR B 99 -7.62 -17.98 -23.00
C THR B 99 -6.16 -18.41 -22.96
N TYR B 100 -5.78 -19.30 -23.86
CA TYR B 100 -4.38 -19.70 -24.00
C TYR B 100 -3.56 -18.56 -24.60
N ARG B 101 -4.03 -18.01 -25.70
CA ARG B 101 -3.24 -17.02 -26.45
C ARG B 101 -2.95 -15.77 -25.62
N THR B 102 -3.84 -15.46 -24.68
CA THR B 102 -3.65 -14.29 -23.82
C THR B 102 -2.37 -14.36 -23.00
N LEU B 103 -1.91 -15.58 -22.72
CA LEU B 103 -0.69 -15.75 -21.93
C LEU B 103 0.55 -15.28 -22.69
N THR B 104 0.46 -15.23 -24.02
CA THR B 104 1.58 -14.75 -24.82
C THR B 104 1.82 -13.25 -24.57
N ALA B 105 0.80 -12.57 -24.08
CA ALA B 105 0.92 -11.13 -23.84
C ALA B 105 1.27 -10.76 -22.40
N VAL B 106 1.61 -11.74 -21.56
CA VAL B 106 2.03 -11.44 -20.19
C VAL B 106 3.55 -11.56 -20.00
N ASP B 107 4.06 -10.98 -18.92
CA ASP B 107 5.48 -11.06 -18.60
C ASP B 107 5.71 -12.03 -17.46
N SER B 108 4.64 -12.30 -16.69
CA SER B 108 4.71 -13.34 -15.68
C SER B 108 3.30 -13.82 -15.35
N ALA B 109 3.21 -14.88 -14.56
CA ALA B 109 1.90 -15.44 -14.23
C ALA B 109 1.76 -15.73 -12.74
N LEU B 110 0.51 -15.73 -12.28
CA LEU B 110 0.18 -16.08 -10.91
C LEU B 110 -0.69 -17.32 -10.94
N VAL B 112 -2.98 -20.18 -9.28
CA VAL B 112 -3.82 -20.43 -8.11
C VAL B 112 -4.22 -21.89 -8.04
N ILE B 113 -3.97 -22.48 -6.88
CA ILE B 113 -4.27 -23.89 -6.67
C ILE B 113 -5.20 -24.06 -5.48
N ASP B 114 -6.21 -24.90 -5.64
CA ASP B 114 -7.10 -25.25 -4.56
C ASP B 114 -6.39 -26.25 -3.65
N ALA B 115 -6.08 -25.82 -2.43
CA ALA B 115 -5.30 -26.63 -1.49
C ALA B 115 -5.85 -28.04 -1.29
N ALA B 116 -7.17 -28.19 -1.41
CA ALA B 116 -7.81 -29.50 -1.29
C ALA B 116 -7.64 -30.34 -2.55
N LYS B 117 -7.32 -29.70 -3.66
CA LYS B 117 -7.25 -30.37 -4.96
C LYS B 117 -5.82 -30.58 -5.47
N GLY B 118 -4.94 -29.61 -5.22
CA GLY B 118 -3.61 -29.66 -5.79
C GLY B 118 -3.67 -29.38 -7.28
N VAL B 119 -2.76 -29.98 -8.03
CA VAL B 119 -2.65 -29.77 -9.48
C VAL B 119 -3.81 -30.42 -10.25
N GLU B 120 -4.49 -29.62 -11.07
CA GLU B 120 -5.62 -30.11 -11.84
C GLU B 120 -5.38 -29.99 -13.36
N PRO B 121 -6.30 -30.54 -14.18
CA PRO B 121 -6.06 -30.56 -15.63
C PRO B 121 -5.72 -29.20 -16.26
N ARG B 122 -6.51 -28.17 -16.00
CA ARG B 122 -6.20 -26.84 -16.56
C ARG B 122 -4.92 -26.23 -15.98
N THR B 123 -4.62 -26.58 -14.73
CA THR B 123 -3.39 -26.09 -14.12
C THR B 123 -2.25 -26.54 -15.00
N ILE B 124 -2.31 -27.79 -15.43
CA ILE B 124 -1.28 -28.38 -16.25
C ILE B 124 -1.24 -27.74 -17.64
N LYS B 125 -2.41 -27.58 -18.25
CA LYS B 125 -2.51 -26.99 -19.59
C LYS B 125 -1.92 -25.59 -19.63
N LEU B 126 -2.38 -24.73 -18.72
CA LEU B 126 -1.97 -23.33 -18.68
C LEU B 126 -0.48 -23.19 -18.39
N GLU B 128 1.82 -25.47 -19.34
CA GLU B 128 2.41 -25.82 -20.63
C GLU B 128 2.44 -24.60 -21.54
N VAL B 129 1.36 -23.83 -21.57
CA VAL B 129 1.32 -22.63 -22.39
C VAL B 129 2.33 -21.60 -21.88
N CYS B 130 2.31 -21.34 -20.58
CA CYS B 130 3.30 -20.44 -19.98
C CYS B 130 4.71 -20.92 -20.31
N ARG B 131 4.90 -22.23 -20.33
CA ARG B 131 6.21 -22.83 -20.55
C ARG B 131 6.81 -22.46 -21.92
N LEU B 132 5.95 -22.09 -22.87
CA LEU B 132 6.40 -21.70 -24.21
C LEU B 132 7.33 -20.49 -24.19
N ARG B 133 7.18 -19.66 -23.17
CA ARG B 133 8.03 -18.47 -23.04
C ARG B 133 8.77 -18.47 -21.70
N HIS B 134 8.85 -19.64 -21.07
CA HIS B 134 9.44 -19.76 -19.74
C HIS B 134 8.94 -18.67 -18.83
N THR B 135 7.63 -18.44 -18.87
CA THR B 135 7.00 -17.37 -18.11
C THR B 135 7.18 -17.60 -16.61
N PRO B 136 7.74 -16.61 -15.90
CA PRO B 136 7.87 -16.72 -14.44
C PRO B 136 6.53 -16.97 -13.77
N ILE B 137 6.55 -17.80 -12.72
CA ILE B 137 5.32 -18.19 -12.02
C ILE B 137 5.40 -17.93 -10.51
N THR B 139 2.99 -18.62 -7.02
CA THR B 139 1.91 -19.52 -6.64
C THR B 139 1.19 -19.09 -5.36
N PHE B 140 -0.13 -19.08 -5.43
CA PHE B 140 -0.97 -18.89 -4.26
C PHE B 140 -1.76 -20.18 -4.00
N ILE B 141 -1.45 -20.84 -2.89
CA ILE B 141 -2.21 -22.02 -2.45
C ILE B 141 -3.42 -21.54 -1.65
N ASN B 142 -4.61 -21.71 -2.22
CA ASN B 142 -5.82 -21.07 -1.71
C ASN B 142 -6.67 -21.99 -0.84
N LYS B 143 -7.60 -21.41 -0.09
CA LYS B 143 -8.57 -22.15 0.72
C LYS B 143 -7.95 -22.91 1.90
N ASP B 145 -8.60 -22.20 4.88
CA ASP B 145 -9.62 -22.18 5.92
C ASP B 145 -10.39 -23.50 6.01
N ARG B 146 -10.27 -24.32 4.97
CA ARG B 146 -10.89 -25.66 4.95
C ARG B 146 -9.79 -26.72 4.90
N ASP B 147 -10.15 -27.98 5.18
CA ASP B 147 -9.16 -29.06 5.14
C ASP B 147 -8.41 -29.04 3.82
N THR B 148 -7.15 -29.44 3.87
CA THR B 148 -6.33 -29.47 2.67
C THR B 148 -5.43 -30.70 2.67
N ARG B 149 -4.83 -30.96 1.52
CA ARG B 149 -3.77 -31.94 1.43
C ARG B 149 -2.57 -31.40 2.19
N PRO B 150 -1.70 -32.29 2.70
CA PRO B 150 -0.49 -31.80 3.35
C PRO B 150 0.28 -30.84 2.45
N SER B 151 0.81 -29.78 3.04
CA SER B 151 1.51 -28.74 2.31
C SER B 151 2.72 -29.29 1.55
N ILE B 152 3.45 -30.20 2.19
CA ILE B 152 4.61 -30.84 1.58
C ILE B 152 4.20 -31.65 0.37
N GLU B 153 3.07 -32.33 0.47
CA GLU B 153 2.53 -33.10 -0.65
C GLU B 153 2.17 -32.17 -1.81
N LEU B 154 1.46 -31.09 -1.50
CA LEU B 154 1.11 -30.10 -2.51
C LEU B 154 2.35 -29.59 -3.25
N LEU B 155 3.40 -29.29 -2.49
CA LEU B 155 4.64 -28.79 -3.10
C LEU B 155 5.31 -29.86 -3.95
N ASP B 156 5.40 -31.07 -3.43
CA ASP B 156 6.06 -32.15 -4.16
C ASP B 156 5.38 -32.39 -5.50
N GLU B 157 4.05 -32.45 -5.48
CA GLU B 157 3.29 -32.67 -6.70
C GLU B 157 3.57 -31.60 -7.73
N ILE B 158 3.63 -30.34 -7.28
CA ILE B 158 3.91 -29.22 -8.19
C ILE B 158 5.26 -29.44 -8.88
N GLU B 159 6.26 -29.85 -8.11
CA GLU B 159 7.59 -30.05 -8.64
C GLU B 159 7.65 -31.20 -9.66
N SER B 160 6.97 -32.30 -9.35
CA SER B 160 7.01 -33.47 -10.22
C SER B 160 6.16 -33.26 -11.47
N ILE B 161 4.89 -32.92 -11.26
CA ILE B 161 3.95 -32.80 -12.36
C ILE B 161 4.20 -31.55 -13.19
N LEU B 162 4.36 -30.41 -12.53
CA LEU B 162 4.51 -29.14 -13.25
C LEU B 162 5.96 -28.80 -13.56
N ARG B 163 6.88 -29.64 -13.09
CA ARG B 163 8.30 -29.51 -13.44
C ARG B 163 8.90 -28.16 -13.08
N ILE B 164 8.65 -27.71 -11.85
CA ILE B 164 9.20 -26.44 -11.38
C ILE B 164 9.47 -26.48 -9.87
N HIS B 165 10.63 -25.96 -9.48
CA HIS B 165 11.01 -25.95 -8.07
C HIS B 165 10.11 -25.04 -7.25
N CYS B 166 9.72 -25.52 -6.08
CA CYS B 166 8.90 -24.72 -5.16
C CYS B 166 9.77 -24.03 -4.12
N ALA B 167 9.47 -22.77 -3.85
CA ALA B 167 10.21 -22.00 -2.84
C ALA B 167 9.25 -21.25 -1.92
N PRO B 168 8.86 -21.89 -0.81
CA PRO B 168 7.90 -21.26 0.11
C PRO B 168 8.36 -19.89 0.60
N VAL B 169 7.45 -18.93 0.59
CA VAL B 169 7.71 -17.61 1.15
C VAL B 169 6.77 -17.39 2.32
N THR B 170 5.55 -17.91 2.19
CA THR B 170 4.65 -18.01 3.34
C THR B 170 4.26 -19.46 3.55
N TRP B 171 3.71 -19.75 4.73
CA TRP B 171 3.43 -21.10 5.14
C TRP B 171 2.22 -21.09 6.06
N PRO B 172 1.34 -22.10 5.92
CA PRO B 172 0.10 -22.16 6.70
C PRO B 172 0.35 -22.59 8.15
N ILE B 173 -0.40 -21.99 9.07
CA ILE B 173 -0.41 -22.46 10.46
C ILE B 173 -1.74 -23.17 10.71
N GLY B 174 -1.69 -24.50 10.75
CA GLY B 174 -2.88 -25.31 10.82
C GLY B 174 -3.60 -25.37 9.48
N GLY B 176 -8.01 -25.92 7.83
CA GLY B 176 -9.42 -26.03 8.14
C GLY B 176 -9.81 -25.26 9.40
N LYS B 177 -10.59 -25.89 10.27
CA LYS B 177 -11.05 -25.26 11.50
C LYS B 177 -9.93 -24.69 12.35
N TYR B 178 -8.79 -25.38 12.37
CA TYR B 178 -7.66 -24.92 13.17
C TYR B 178 -6.59 -24.17 12.35
N PHE B 179 -7.03 -23.49 11.31
CA PHE B 179 -6.14 -22.60 10.56
C PHE B 179 -5.97 -21.28 11.31
N LYS B 180 -4.78 -21.03 11.81
CA LYS B 180 -4.55 -19.88 12.68
C LYS B 180 -3.72 -18.74 12.06
N GLY B 181 -3.25 -18.94 10.83
CA GLY B 181 -2.54 -17.88 10.14
C GLY B 181 -1.42 -18.37 9.25
N ILE B 182 -0.51 -17.46 8.91
CA ILE B 182 0.62 -17.80 8.06
C ILE B 182 1.94 -17.28 8.62
N TYR B 183 3.02 -17.95 8.24
CA TYR B 183 4.35 -17.56 8.66
C TYR B 183 5.14 -17.10 7.43
N HIS B 184 5.61 -15.87 7.48
CA HIS B 184 6.43 -15.33 6.41
C HIS B 184 7.86 -15.73 6.69
N LEU B 185 8.41 -16.60 5.83
CA LEU B 185 9.75 -17.14 6.05
C LEU B 185 10.84 -16.09 5.94
N ILE B 186 10.61 -15.09 5.10
CA ILE B 186 11.59 -14.03 4.90
C ILE B 186 11.57 -13.00 6.03
N GLU B 187 10.38 -12.57 6.42
CA GLU B 187 10.23 -11.63 7.53
C GLU B 187 10.43 -12.31 8.88
N ASP B 188 10.30 -13.63 8.89
CA ASP B 188 10.30 -14.39 10.14
C ASP B 188 9.23 -13.83 11.06
N ALA B 189 8.00 -13.74 10.54
CA ALA B 189 6.89 -13.19 11.29
C ALA B 189 5.62 -14.01 11.06
N ILE B 190 4.73 -13.99 12.06
CA ILE B 190 3.49 -14.73 12.02
C ILE B 190 2.29 -13.80 11.94
N TYR B 191 1.49 -13.94 10.88
CA TYR B 191 0.26 -13.17 10.76
C TYR B 191 -0.92 -14.02 11.19
N LEU B 192 -1.54 -13.65 12.30
CA LEU B 192 -2.64 -14.43 12.87
C LEU B 192 -3.94 -14.24 12.10
N TYR B 193 -4.64 -15.35 11.86
CA TYR B 193 -5.92 -15.33 11.16
C TYR B 193 -7.07 -15.15 12.15
N GLN B 194 -7.64 -13.95 12.16
CA GLN B 194 -8.70 -13.60 13.09
C GLN B 194 -9.86 -12.96 12.34
N PRO B 195 -10.75 -13.78 11.77
CA PRO B 195 -11.86 -13.31 10.93
C PRO B 195 -12.65 -12.19 11.59
N SER B 204 -5.72 -9.13 12.12
CA SER B 204 -4.42 -9.34 11.49
C SER B 204 -3.28 -8.97 12.43
N GLU B 205 -3.37 -9.47 13.66
CA GLU B 205 -2.31 -9.31 14.65
C GLU B 205 -1.02 -9.93 14.14
N ARG B 206 0.10 -9.24 14.37
CA ARG B 206 1.39 -9.69 13.87
C ARG B 206 2.39 -10.03 14.99
N ILE B 207 3.10 -11.14 14.83
CA ILE B 207 4.04 -11.60 15.85
C ILE B 207 5.40 -11.99 15.27
N GLU B 208 6.45 -11.33 15.74
CA GLU B 208 7.79 -11.55 15.22
C GLU B 208 8.49 -12.73 15.89
N GLY B 209 9.24 -13.49 15.09
CA GLY B 209 10.01 -14.61 15.60
C GLY B 209 9.24 -15.92 15.66
N ILE B 210 9.69 -16.90 14.89
CA ILE B 210 9.04 -18.22 14.89
C ILE B 210 9.13 -18.88 16.27
N ASN B 211 10.13 -18.47 17.04
CA ASN B 211 10.35 -19.04 18.38
C ASN B 211 9.78 -18.16 19.49
N ASN B 212 9.09 -17.10 19.12
CA ASN B 212 8.48 -16.21 20.10
C ASN B 212 7.52 -16.98 21.01
N PRO B 213 7.80 -16.97 22.32
CA PRO B 213 7.01 -17.72 23.33
C PRO B 213 5.51 -17.42 23.27
N GLU B 214 5.14 -16.23 22.80
CA GLU B 214 3.73 -15.90 22.70
C GLU B 214 2.99 -16.79 21.68
N LEU B 215 3.72 -17.31 20.70
CA LEU B 215 3.13 -18.22 19.73
C LEU B 215 2.55 -19.45 20.43
N ASP B 216 3.36 -20.04 21.30
CA ASP B 216 2.95 -21.24 22.02
C ASP B 216 1.74 -20.97 22.91
N LYS B 217 1.64 -19.72 23.38
CA LYS B 217 0.54 -19.33 24.26
C LYS B 217 -0.77 -19.25 23.51
N LYS B 218 -0.74 -18.67 22.31
CA LYS B 218 -1.96 -18.49 21.53
C LYS B 218 -2.28 -19.69 20.62
N LEU B 219 -1.24 -20.40 20.18
CA LEU B 219 -1.44 -21.44 19.18
C LEU B 219 -1.20 -22.87 19.70
N GLY B 220 -0.55 -22.98 20.85
CA GLY B 220 -0.33 -24.27 21.48
C GLY B 220 0.56 -25.21 20.69
N ASP B 221 0.06 -26.43 20.46
CA ASP B 221 0.81 -27.44 19.71
C ASP B 221 1.08 -27.01 18.26
N LEU B 222 0.25 -26.11 17.73
CA LEU B 222 0.45 -25.62 16.38
C LEU B 222 1.76 -24.85 16.24
N ALA B 223 2.20 -24.23 17.34
CA ALA B 223 3.43 -23.46 17.33
C ALA B 223 4.64 -24.35 17.03
N SER B 224 4.71 -25.50 17.68
CA SER B 224 5.82 -26.43 17.44
C SER B 224 5.64 -27.21 16.15
N GLU B 225 4.40 -27.34 15.67
CA GLU B 225 4.15 -27.96 14.38
C GLU B 225 4.67 -27.04 13.27
N LEU B 226 4.45 -25.74 13.44
CA LEU B 226 4.98 -24.75 12.50
C LEU B 226 6.50 -24.88 12.42
N ARG B 227 7.15 -24.91 13.58
CA ARG B 227 8.60 -25.05 13.63
C ARG B 227 9.06 -26.35 12.98
N ASN B 228 8.40 -27.44 13.34
CA ASN B 228 8.64 -28.73 12.71
C ASN B 228 8.58 -28.60 11.19
N GLU B 229 7.43 -28.18 10.67
CA GLU B 229 7.23 -28.08 9.22
C GLU B 229 8.21 -27.12 8.53
N ILE B 230 8.51 -26.00 9.18
CA ILE B 230 9.46 -25.05 8.60
C ILE B 230 10.85 -25.66 8.45
N GLU B 231 11.23 -26.51 9.42
CA GLU B 231 12.51 -27.20 9.36
C GLU B 231 12.54 -28.23 8.23
N LEU B 232 11.49 -29.06 8.16
CA LEU B 232 11.33 -29.99 7.05
C LEU B 232 11.40 -29.24 5.72
N VAL B 233 10.70 -28.11 5.63
CA VAL B 233 10.67 -27.32 4.41
C VAL B 233 12.08 -26.94 3.95
N LYS B 234 12.84 -26.32 4.84
CA LYS B 234 14.16 -25.80 4.49
C LYS B 234 15.21 -26.90 4.31
N GLY B 235 14.78 -28.15 4.41
CA GLY B 235 15.66 -29.27 4.19
C GLY B 235 15.31 -30.00 2.91
N ALA B 236 14.03 -29.99 2.56
CA ALA B 236 13.54 -30.70 1.38
C ALA B 236 13.08 -29.74 0.29
N SER B 237 13.21 -28.44 0.53
CA SER B 237 12.73 -27.44 -0.40
C SER B 237 13.81 -26.42 -0.76
N HIS B 238 13.45 -25.44 -1.58
CA HIS B 238 14.37 -24.38 -1.98
C HIS B 238 13.95 -23.05 -1.39
N PRO B 239 14.92 -22.17 -1.14
CA PRO B 239 14.64 -20.80 -0.70
C PRO B 239 14.34 -19.94 -1.93
N PHE B 240 13.54 -18.90 -1.78
CA PHE B 240 13.24 -18.03 -2.92
C PHE B 240 14.53 -17.50 -3.54
N GLU B 241 14.49 -17.28 -4.85
CA GLU B 241 15.67 -16.85 -5.59
C GLU B 241 15.26 -16.16 -6.88
N ARG B 242 15.59 -14.87 -6.98
CA ARG B 242 15.21 -14.04 -8.13
C ARG B 242 15.56 -14.68 -9.48
N GLU B 243 16.83 -15.04 -9.66
CA GLU B 243 17.31 -15.58 -10.92
C GLU B 243 16.50 -16.79 -11.40
N GLY B 244 16.33 -17.77 -10.52
CA GLY B 244 15.56 -18.95 -10.86
C GLY B 244 14.12 -18.62 -11.16
N TYR B 245 13.57 -17.68 -10.41
CA TYR B 245 12.19 -17.25 -10.62
C TYR B 245 12.02 -16.60 -11.99
N LEU B 246 12.97 -15.76 -12.37
CA LEU B 246 12.89 -15.06 -13.66
C LEU B 246 13.09 -15.98 -14.86
N LYS B 247 13.83 -17.07 -14.67
CA LYS B 247 14.06 -18.03 -15.74
C LYS B 247 12.97 -19.08 -15.80
N GLY B 248 12.00 -18.97 -14.90
CA GLY B 248 10.88 -19.91 -14.86
C GLY B 248 11.23 -21.28 -14.32
N GLU B 249 12.26 -21.36 -13.49
CA GLU B 249 12.70 -22.64 -12.95
C GLU B 249 12.24 -22.83 -11.51
N LEU B 250 11.72 -21.77 -10.92
CA LEU B 250 11.39 -21.76 -9.51
C LEU B 250 10.18 -20.86 -9.26
N THR B 251 9.26 -21.31 -8.41
CA THR B 251 8.10 -20.50 -8.05
C THR B 251 7.99 -20.28 -6.54
N PRO B 252 7.92 -19.02 -6.11
CA PRO B 252 7.65 -18.75 -4.70
C PRO B 252 6.21 -19.13 -4.35
N ILE B 253 6.01 -19.82 -3.23
CA ILE B 253 4.65 -20.24 -2.84
C ILE B 253 4.09 -19.39 -1.72
N PHE B 254 2.81 -19.04 -1.84
CA PHE B 254 2.10 -18.32 -0.82
C PHE B 254 0.83 -19.09 -0.44
N PHE B 255 0.49 -19.10 0.84
CA PHE B 255 -0.70 -19.78 1.31
C PHE B 255 -1.68 -18.76 1.88
N GLY B 256 -2.97 -18.95 1.62
CA GLY B 256 -3.95 -18.06 2.19
C GLY B 256 -5.38 -18.53 2.02
N SER B 257 -6.29 -17.63 2.38
CA SER B 257 -7.71 -17.84 2.13
C SER B 257 -8.22 -16.58 1.43
N ALA B 258 -8.41 -16.68 0.12
CA ALA B 258 -8.81 -15.55 -0.70
C ALA B 258 -10.15 -14.97 -0.25
N ILE B 259 -11.10 -15.85 0.04
CA ILE B 259 -12.44 -15.42 0.44
C ILE B 259 -12.40 -14.58 1.74
N ASN B 260 -11.36 -14.80 2.55
CA ASN B 260 -11.15 -14.00 3.76
C ASN B 260 -10.11 -12.91 3.56
N ASN B 261 -9.67 -12.73 2.31
CA ASN B 261 -8.68 -11.72 1.98
C ASN B 261 -7.46 -11.84 2.87
N PHE B 262 -7.04 -13.07 3.08
CA PHE B 262 -5.93 -13.37 3.99
C PHE B 262 -4.78 -14.01 3.24
N GLY B 263 -3.58 -13.51 3.47
CA GLY B 263 -2.41 -14.01 2.79
C GLY B 263 -2.24 -13.33 1.44
N VAL B 264 -3.26 -12.61 1.01
CA VAL B 264 -3.25 -11.94 -0.29
C VAL B 264 -2.26 -10.78 -0.31
N GLY B 265 -2.27 -9.95 0.73
CA GLY B 265 -1.38 -8.80 0.83
C GLY B 265 0.07 -9.18 0.70
N GLU B 266 0.45 -10.29 1.35
CA GLU B 266 1.82 -10.80 1.26
C GLU B 266 2.15 -11.23 -0.16
N LEU B 267 1.17 -11.82 -0.84
CA LEU B 267 1.35 -12.24 -2.22
C LEU B 267 1.56 -11.05 -3.15
N LEU B 268 0.69 -10.05 -3.04
CA LEU B 268 0.73 -8.85 -3.88
C LEU B 268 2.04 -8.06 -3.71
N ASP B 269 2.49 -7.92 -2.48
CA ASP B 269 3.73 -7.20 -2.21
C ASP B 269 4.92 -7.90 -2.83
N ALA B 270 4.94 -9.23 -2.76
CA ALA B 270 6.03 -9.99 -3.36
C ALA B 270 5.94 -9.91 -4.88
N PHE B 271 4.71 -9.82 -5.39
CA PHE B 271 4.48 -9.71 -6.82
C PHE B 271 5.06 -8.41 -7.41
N VAL B 272 4.54 -7.27 -6.96
CA VAL B 272 5.02 -5.98 -7.47
C VAL B 272 6.54 -5.86 -7.31
N LYS B 273 7.06 -6.40 -6.22
CA LYS B 273 8.49 -6.34 -5.94
C LYS B 273 9.34 -7.19 -6.87
N GLU B 274 8.90 -8.43 -7.11
CA GLU B 274 9.74 -9.39 -7.81
C GLU B 274 9.33 -9.66 -9.26
N ALA B 275 8.05 -9.54 -9.57
CA ALA B 275 7.58 -9.84 -10.93
C ALA B 275 8.20 -8.90 -11.95
N PRO B 276 8.48 -9.42 -13.15
CA PRO B 276 9.19 -8.65 -14.19
C PRO B 276 8.36 -7.53 -14.78
N PRO B 277 9.02 -6.40 -15.07
CA PRO B 277 8.41 -5.34 -15.90
C PRO B 277 8.33 -5.84 -17.33
N PRO B 278 7.57 -5.14 -18.19
CA PRO B 278 7.48 -5.53 -19.59
C PRO B 278 8.85 -5.88 -20.18
N GLN B 279 8.93 -7.04 -20.82
CA GLN B 279 10.18 -7.47 -21.44
C GLN B 279 10.12 -7.24 -22.93
N GLY B 280 11.27 -7.35 -23.59
CA GLY B 280 11.32 -7.22 -25.04
C GLY B 280 10.81 -8.47 -25.70
N ARG B 281 10.51 -8.39 -26.99
CA ARG B 281 10.03 -9.54 -27.73
C ARG B 281 10.82 -9.70 -29.02
N GLU B 282 11.04 -10.95 -29.43
CA GLU B 282 11.76 -11.22 -30.66
C GLU B 282 10.89 -10.94 -31.87
N THR B 283 11.53 -10.65 -33.00
CA THR B 283 10.82 -10.48 -34.27
C THR B 283 11.56 -11.26 -35.36
N ASN B 284 10.94 -11.31 -36.54
CA ASN B 284 11.53 -12.00 -37.68
C ASN B 284 12.80 -11.31 -38.20
N SER B 285 13.33 -10.36 -37.43
CA SER B 285 14.52 -9.65 -37.84
C SER B 285 15.44 -9.25 -36.68
N ARG B 286 14.86 -8.93 -35.53
CA ARG B 286 15.65 -8.45 -34.40
C ARG B 286 14.88 -8.43 -33.08
N LEU B 287 15.60 -8.24 -31.99
CA LEU B 287 14.97 -8.11 -30.68
C LEU B 287 14.50 -6.68 -30.47
N VAL B 288 13.20 -6.51 -30.27
CA VAL B 288 12.63 -5.20 -29.99
C VAL B 288 12.52 -5.01 -28.48
N LYS B 289 13.16 -3.98 -27.96
CA LYS B 289 13.09 -3.68 -26.53
C LYS B 289 12.12 -2.52 -26.27
N PRO B 290 11.42 -2.56 -25.13
CA PRO B 290 10.33 -1.63 -24.86
C PRO B 290 10.80 -0.17 -24.74
N GLU B 291 12.06 0.03 -24.37
CA GLU B 291 12.59 1.37 -24.17
C GLU B 291 12.88 2.10 -25.48
N GLU B 292 12.69 1.43 -26.61
CA GLU B 292 12.83 2.09 -27.90
C GLU B 292 11.76 3.16 -28.03
N GLU B 293 12.14 4.34 -28.55
CA GLU B 293 11.23 5.48 -28.61
C GLU B 293 10.08 5.27 -29.59
N LYS B 294 10.31 4.49 -30.63
CA LYS B 294 9.26 4.23 -31.62
C LYS B 294 8.22 3.25 -31.08
N PHE B 295 6.96 3.47 -31.46
CA PHE B 295 5.86 2.63 -31.02
C PHE B 295 5.82 1.31 -31.79
N SER B 296 5.40 0.26 -31.09
CA SER B 296 5.16 -1.03 -31.73
C SER B 296 4.34 -1.92 -30.82
N GLY B 297 3.68 -2.92 -31.40
CA GLY B 297 2.86 -3.84 -30.64
C GLY B 297 2.34 -4.96 -31.52
N PHE B 298 1.68 -5.95 -30.92
CA PHE B 298 1.11 -7.06 -31.68
C PHE B 298 -0.30 -7.41 -31.22
N VAL B 299 -1.14 -7.87 -32.14
CA VAL B 299 -2.49 -8.27 -31.82
C VAL B 299 -2.53 -9.75 -31.43
N PHE B 300 -3.15 -10.04 -30.27
CA PHE B 300 -3.20 -11.40 -29.76
C PHE B 300 -4.61 -11.87 -29.44
N LYS B 301 -5.59 -10.99 -29.63
CA LYS B 301 -6.97 -11.35 -29.33
C LYS B 301 -7.95 -10.45 -30.05
N ILE B 302 -8.99 -11.06 -30.62
CA ILE B 302 -10.05 -10.30 -31.27
C ILE B 302 -11.41 -10.77 -30.79
N GLN B 303 -12.26 -9.82 -30.43
CA GLN B 303 -13.66 -10.17 -30.17
C GLN B 303 -14.61 -9.18 -30.84
N ALA B 304 -15.57 -9.72 -31.58
CA ALA B 304 -16.50 -8.90 -32.36
C ALA B 304 -17.71 -8.52 -31.52
N ASN B 305 -18.38 -7.45 -31.94
CA ASN B 305 -19.59 -7.01 -31.27
C ASN B 305 -20.76 -7.91 -31.63
N HIS B 310 -24.46 -5.15 -35.85
CA HIS B 310 -23.14 -4.54 -35.89
C HIS B 310 -22.15 -5.39 -36.68
N ARG B 311 -20.98 -4.83 -36.95
CA ARG B 311 -19.94 -5.54 -37.69
C ARG B 311 -18.55 -5.09 -37.25
N ASP B 312 -18.50 -4.28 -36.19
CA ASP B 312 -17.22 -3.77 -35.68
C ASP B 312 -16.60 -4.75 -34.70
N ARG B 313 -15.26 -4.73 -34.63
CA ARG B 313 -14.53 -5.66 -33.77
C ARG B 313 -13.45 -4.92 -33.00
N ILE B 314 -13.00 -5.52 -31.90
CA ILE B 314 -11.92 -4.95 -31.12
C ILE B 314 -10.71 -5.87 -31.09
N ALA B 315 -9.60 -5.41 -31.66
CA ALA B 315 -8.36 -6.17 -31.62
C ALA B 315 -7.49 -5.72 -30.45
N PHE B 316 -7.24 -6.63 -29.53
CA PHE B 316 -6.42 -6.32 -28.37
C PHE B 316 -4.94 -6.35 -28.73
N LEU B 317 -4.27 -5.21 -28.53
CA LEU B 317 -2.86 -5.07 -28.86
C LEU B 317 -2.05 -4.86 -27.60
N ARG B 318 -1.00 -5.66 -27.43
CA ARG B 318 -0.03 -5.40 -26.38
C ARG B 318 1.03 -4.48 -26.94
N ILE B 319 1.30 -3.38 -26.23
CA ILE B 319 2.36 -2.46 -26.66
C ILE B 319 3.70 -3.08 -26.32
N ALA B 320 4.61 -3.10 -27.29
CA ALA B 320 5.90 -3.74 -27.10
C ALA B 320 7.04 -2.74 -26.95
N SER B 321 6.81 -1.50 -27.39
CA SER B 321 7.85 -0.48 -27.34
C SER B 321 7.28 0.92 -27.58
N GLY B 322 8.05 1.93 -27.20
CA GLY B 322 7.65 3.32 -27.43
C GLY B 322 6.47 3.71 -26.56
N GLN B 323 5.57 4.51 -27.12
CA GLN B 323 4.35 4.89 -26.42
C GLN B 323 3.20 5.05 -27.40
N TYR B 324 1.99 4.82 -26.90
CA TYR B 324 0.78 5.08 -27.67
C TYR B 324 0.23 6.45 -27.31
N GLN B 325 -0.20 7.19 -28.32
CA GLN B 325 -0.83 8.50 -28.11
C GLN B 325 -2.10 8.56 -28.94
N LYS B 326 -3.22 8.90 -28.29
CA LYS B 326 -4.50 8.99 -28.98
C LYS B 326 -4.37 9.86 -30.24
N GLY B 327 -5.00 9.42 -31.32
CA GLY B 327 -4.96 10.16 -32.57
C GLY B 327 -3.66 10.03 -33.34
N LYS B 329 -0.54 8.27 -35.69
CA LYS B 329 -0.43 7.52 -36.94
C LYS B 329 0.46 6.31 -36.69
N ALA B 330 0.01 5.14 -37.12
CA ALA B 330 0.79 3.92 -36.99
C ALA B 330 0.87 3.19 -38.32
N TYR B 331 1.75 2.20 -38.38
CA TYR B 331 1.97 1.43 -39.60
C TYR B 331 1.47 0.01 -39.44
N HIS B 332 0.45 -0.34 -40.21
CA HIS B 332 -0.09 -1.69 -40.23
C HIS B 332 0.79 -2.55 -41.13
N VAL B 333 1.75 -3.24 -40.51
CA VAL B 333 2.80 -3.94 -41.24
C VAL B 333 2.31 -4.90 -42.34
N ARG B 334 1.36 -5.78 -42.00
CA ARG B 334 0.85 -6.74 -42.97
C ARG B 334 0.25 -6.07 -44.19
N LEU B 335 -0.53 -5.02 -43.98
CA LEU B 335 -1.21 -4.34 -45.09
C LEU B 335 -0.38 -3.22 -45.70
N LYS B 336 0.89 -3.13 -45.28
CA LYS B 336 1.79 -2.08 -45.77
C LYS B 336 1.06 -0.74 -45.88
N LYS B 337 0.39 -0.36 -44.80
CA LYS B 337 -0.54 0.76 -44.84
C LYS B 337 -0.47 1.60 -43.57
N GLU B 338 -0.44 2.91 -43.73
CA GLU B 338 -0.51 3.80 -42.59
C GLU B 338 -1.95 3.90 -42.07
N ILE B 339 -2.09 3.96 -40.75
CA ILE B 339 -3.39 4.09 -40.12
C ILE B 339 -3.34 5.15 -39.04
N GLN B 340 -4.51 5.46 -38.49
CA GLN B 340 -4.61 6.39 -37.38
C GLN B 340 -5.46 5.76 -36.29
N ILE B 341 -4.92 5.66 -35.09
CA ILE B 341 -5.66 5.13 -33.96
C ILE B 341 -6.27 6.30 -33.20
N ASN B 342 -7.57 6.50 -33.38
CA ASN B 342 -8.23 7.70 -32.87
C ASN B 342 -8.77 7.60 -31.45
N ASN B 343 -9.24 6.41 -31.08
CA ASN B 343 -9.89 6.24 -29.79
C ASN B 343 -9.74 4.83 -29.24
N ALA B 344 -8.51 4.32 -29.22
CA ALA B 344 -8.25 2.97 -28.75
C ALA B 344 -8.72 2.76 -27.32
N LEU B 345 -9.42 1.65 -27.09
CA LEU B 345 -9.91 1.32 -25.76
C LEU B 345 -8.77 1.09 -24.79
N THR B 346 -8.86 1.71 -23.62
CA THR B 346 -7.89 1.47 -22.55
C THR B 346 -8.62 0.87 -21.35
N PHE B 347 -7.86 0.47 -20.31
CA PHE B 347 -8.42 -0.38 -19.27
C PHE B 347 -8.18 0.05 -17.83
N ALA B 349 -9.07 0.98 -14.36
CA ALA B 349 -10.27 0.80 -13.55
C ALA B 349 -10.85 2.15 -13.16
N GLY B 350 -12.18 2.26 -13.23
CA GLY B 350 -12.88 3.45 -12.79
C GLY B 350 -12.85 4.63 -13.75
N LYS B 351 -12.12 4.50 -14.85
CA LYS B 351 -11.99 5.60 -15.81
C LYS B 351 -13.35 5.97 -16.43
N ARG B 352 -13.47 7.21 -16.88
CA ARG B 352 -14.67 7.65 -17.58
C ARG B 352 -14.42 7.74 -19.08
N GLU B 353 -13.19 8.07 -19.47
CA GLU B 353 -12.82 8.13 -20.87
C GLU B 353 -11.60 7.26 -21.16
N ASN B 354 -11.38 6.95 -22.44
CA ASN B 354 -10.18 6.25 -22.86
C ASN B 354 -8.95 7.10 -22.58
N ALA B 355 -7.87 6.47 -22.10
CA ALA B 355 -6.65 7.20 -21.80
C ALA B 355 -6.08 7.85 -23.05
N GLU B 356 -5.42 8.99 -22.86
CA GLU B 356 -4.86 9.72 -23.99
C GLU B 356 -3.55 9.10 -24.43
N GLU B 357 -2.96 8.29 -23.54
CA GLU B 357 -1.71 7.62 -23.83
C GLU B 357 -1.63 6.26 -23.14
N ALA B 358 -0.68 5.44 -23.59
CA ALA B 358 -0.44 4.13 -23.01
C ALA B 358 1.02 3.72 -23.22
N TRP B 359 1.46 2.69 -22.51
CA TRP B 359 2.88 2.34 -22.49
C TRP B 359 3.13 0.84 -22.61
N PRO B 360 4.39 0.45 -22.88
CA PRO B 360 4.76 -0.96 -23.02
C PRO B 360 4.25 -1.79 -21.85
N GLY B 361 3.72 -2.98 -22.15
CA GLY B 361 3.12 -3.82 -21.14
C GLY B 361 1.61 -3.65 -21.12
N ASP B 362 1.16 -2.43 -21.41
CA ASP B 362 -0.26 -2.14 -21.46
C ASP B 362 -0.95 -2.82 -22.63
N ILE B 363 -2.26 -2.94 -22.54
CA ILE B 363 -3.07 -3.43 -23.65
C ILE B 363 -4.00 -2.33 -24.14
N ILE B 364 -4.11 -2.18 -25.45
CA ILE B 364 -5.09 -1.27 -26.01
C ILE B 364 -6.01 -2.00 -26.99
N GLY B 365 -7.23 -1.50 -27.13
CA GLY B 365 -8.21 -2.13 -27.98
C GLY B 365 -8.40 -1.34 -29.28
N LEU B 366 -8.04 -1.97 -30.40
CA LEU B 366 -8.14 -1.33 -31.70
C LEU B 366 -9.47 -1.64 -32.37
N HIS B 367 -10.28 -0.60 -32.55
CA HIS B 367 -11.55 -0.74 -33.27
C HIS B 367 -11.32 -0.89 -34.76
N ASN B 368 -12.04 -1.83 -35.37
CA ASN B 368 -11.96 -2.05 -36.81
C ASN B 368 -13.19 -2.82 -37.28
N HIS B 369 -13.19 -3.18 -38.56
CA HIS B 369 -14.33 -3.90 -39.13
C HIS B 369 -13.88 -5.12 -39.94
N GLY B 370 -12.70 -5.64 -39.63
CA GLY B 370 -12.21 -6.84 -40.28
C GLY B 370 -10.85 -6.70 -40.93
N THR B 371 -10.14 -5.61 -40.64
CA THR B 371 -8.84 -5.36 -41.25
C THR B 371 -7.69 -5.68 -40.31
N ILE B 372 -8.00 -6.26 -39.15
CA ILE B 372 -6.98 -6.59 -38.18
C ILE B 372 -7.07 -8.06 -37.80
N GLN B 373 -5.96 -8.77 -37.92
CA GLN B 373 -5.97 -10.19 -37.63
C GLN B 373 -4.98 -10.57 -36.55
N ILE B 374 -5.18 -11.75 -35.99
CA ILE B 374 -4.31 -12.30 -34.96
C ILE B 374 -2.88 -12.26 -35.46
N GLY B 375 -1.98 -11.82 -34.60
CA GLY B 375 -0.57 -11.75 -34.96
C GLY B 375 -0.16 -10.45 -35.63
N ASP B 376 -1.12 -9.63 -36.05
CA ASP B 376 -0.78 -8.38 -36.73
C ASP B 376 0.17 -7.52 -35.91
N THR B 377 1.30 -7.16 -36.52
CA THR B 377 2.26 -6.27 -35.89
C THR B 377 2.08 -4.83 -36.38
N PHE B 378 2.10 -3.89 -35.45
CA PHE B 378 2.03 -2.47 -35.77
C PHE B 378 3.29 -1.77 -35.30
N THR B 379 3.78 -0.83 -36.12
CA THR B 379 4.97 -0.05 -35.79
C THR B 379 4.73 1.40 -36.16
N GLN B 380 5.80 2.10 -36.49
CA GLN B 380 5.69 3.48 -36.99
C GLN B 380 6.38 3.61 -38.35
N GLY B 381 6.48 2.49 -39.06
CA GLY B 381 7.10 2.46 -40.36
C GLY B 381 8.02 1.27 -40.55
N GLU B 382 8.83 0.97 -39.53
CA GLU B 382 9.72 -0.18 -39.57
C GLU B 382 8.90 -1.43 -39.83
N ARG B 383 9.35 -2.28 -40.75
CA ARG B 383 8.59 -3.46 -41.13
C ARG B 383 9.18 -4.76 -40.58
N PHE B 384 8.66 -5.17 -39.42
CA PHE B 384 8.98 -6.47 -38.86
C PHE B 384 7.69 -7.09 -38.33
N LYS B 385 7.73 -8.39 -38.07
CA LYS B 385 6.58 -9.06 -37.48
C LYS B 385 7.01 -9.79 -36.20
N PHE B 386 6.27 -9.55 -35.12
CA PHE B 386 6.60 -10.20 -33.85
C PHE B 386 6.34 -11.69 -33.94
N THR B 387 7.20 -12.47 -33.31
CA THR B 387 7.10 -13.92 -33.36
C THR B 387 6.51 -14.46 -32.05
N GLY B 388 6.20 -15.76 -32.03
CA GLY B 388 5.81 -16.44 -30.81
C GLY B 388 4.33 -16.45 -30.50
N ILE B 389 3.53 -15.77 -31.31
CA ILE B 389 2.08 -15.78 -31.12
C ILE B 389 1.54 -17.09 -31.68
N PRO B 390 1.06 -17.98 -30.78
CA PRO B 390 0.79 -19.37 -31.16
C PRO B 390 -0.66 -19.69 -31.49
N ASN B 391 -0.85 -20.71 -32.32
CA ASN B 391 -2.10 -21.44 -32.37
C ASN B 391 -1.96 -22.64 -31.44
N PHE B 392 -3.06 -23.09 -30.85
CA PHE B 392 -3.00 -24.25 -29.97
C PHE B 392 -3.81 -25.41 -30.52
N ALA B 393 -3.32 -26.62 -30.31
CA ALA B 393 -4.02 -27.80 -30.78
C ALA B 393 -5.48 -27.71 -30.40
N SER B 394 -6.37 -27.93 -31.36
CA SER B 394 -7.80 -27.91 -31.09
C SER B 394 -8.16 -29.08 -30.17
N GLU B 395 -9.19 -28.92 -29.37
CA GLU B 395 -9.59 -29.95 -28.42
C GLU B 395 -10.98 -30.48 -28.73
N LEU B 396 -11.75 -29.69 -29.49
CA LEU B 396 -13.11 -30.06 -29.84
C LEU B 396 -13.27 -29.92 -31.35
N PHE B 397 -14.03 -30.81 -31.96
CA PHE B 397 -14.11 -30.84 -33.41
C PHE B 397 -15.53 -31.05 -33.88
N ARG B 398 -15.88 -30.38 -34.97
CA ARG B 398 -17.18 -30.59 -35.60
C ARG B 398 -17.09 -30.42 -37.10
N LEU B 399 -17.88 -31.19 -37.82
CA LEU B 399 -18.03 -30.97 -39.26
C LEU B 399 -18.99 -29.81 -39.45
N VAL B 400 -18.68 -28.92 -40.40
CA VAL B 400 -19.57 -27.81 -40.69
C VAL B 400 -20.03 -27.77 -42.14
N ARG B 401 -21.31 -27.53 -42.35
CA ARG B 401 -21.91 -27.48 -43.68
C ARG B 401 -23.13 -26.58 -43.68
N LEU B 402 -23.80 -26.49 -44.83
CA LEU B 402 -25.01 -25.67 -44.97
C LEU B 402 -26.17 -26.52 -45.44
N LYS B 403 -27.38 -26.06 -45.18
CA LYS B 403 -28.58 -26.70 -45.73
C LYS B 403 -28.82 -26.20 -47.15
N ASP B 404 -28.51 -24.93 -47.38
CA ASP B 404 -28.56 -24.36 -48.72
C ASP B 404 -27.17 -24.41 -49.36
N PRO B 405 -26.96 -25.36 -50.26
CA PRO B 405 -25.68 -25.59 -50.94
C PRO B 405 -25.21 -24.40 -51.78
N LEU B 406 -26.11 -23.48 -52.11
CA LEU B 406 -25.76 -22.36 -52.99
C LEU B 406 -24.92 -21.30 -52.28
N LYS B 407 -24.58 -21.54 -51.02
CA LYS B 407 -23.90 -20.54 -50.21
C LYS B 407 -22.46 -20.92 -49.86
N GLN B 408 -21.97 -21.99 -50.48
CA GLN B 408 -20.66 -22.56 -50.13
C GLN B 408 -19.52 -21.53 -50.06
N LYS B 409 -19.41 -20.70 -51.09
CA LYS B 409 -18.33 -19.72 -51.17
C LYS B 409 -18.34 -18.73 -50.00
N ALA B 410 -19.53 -18.28 -49.59
CA ALA B 410 -19.64 -17.37 -48.47
C ALA B 410 -19.27 -18.10 -47.18
N LEU B 411 -19.58 -19.38 -47.13
CA LEU B 411 -19.24 -20.20 -45.97
C LEU B 411 -17.72 -20.26 -45.79
N LEU B 412 -17.03 -20.62 -46.87
CA LEU B 412 -15.57 -20.65 -46.87
C LEU B 412 -14.97 -19.28 -46.57
N LYS B 413 -15.53 -18.25 -47.20
CA LYS B 413 -15.02 -16.90 -47.00
C LYS B 413 -15.19 -16.50 -45.54
N GLY B 414 -16.35 -16.80 -44.98
CA GLY B 414 -16.63 -16.48 -43.59
C GLY B 414 -15.70 -17.23 -42.67
N LEU B 415 -15.59 -18.54 -42.86
CA LEU B 415 -14.76 -19.37 -42.00
C LEU B 415 -13.29 -18.94 -42.05
N THR B 416 -12.82 -18.60 -43.25
CA THR B 416 -11.46 -18.13 -43.43
C THR B 416 -11.19 -16.87 -42.59
N GLN B 417 -12.05 -15.87 -42.73
CA GLN B 417 -11.93 -14.66 -41.94
C GLN B 417 -11.97 -14.97 -40.45
N LEU B 418 -12.96 -15.76 -40.04
CA LEU B 418 -13.08 -16.18 -38.64
C LEU B 418 -11.80 -16.87 -38.17
N SER B 419 -11.24 -17.72 -39.02
CA SER B 419 -9.98 -18.39 -38.70
C SER B 419 -8.87 -17.35 -38.53
N GLU B 420 -8.88 -16.34 -39.39
CA GLU B 420 -7.88 -15.29 -39.33
C GLU B 420 -8.00 -14.43 -38.07
N GLU B 421 -9.21 -14.33 -37.52
CA GLU B 421 -9.42 -13.59 -36.28
C GLU B 421 -9.38 -14.48 -35.04
N GLY B 422 -8.95 -15.73 -35.22
CA GLY B 422 -8.74 -16.62 -34.11
C GLY B 422 -10.00 -17.18 -33.46
N ALA B 423 -11.13 -17.05 -34.16
CA ALA B 423 -12.41 -17.51 -33.61
C ALA B 423 -12.54 -19.03 -33.66
N THR B 424 -11.86 -19.63 -34.63
CA THR B 424 -11.90 -21.07 -34.86
C THR B 424 -10.71 -21.48 -35.71
N GLN B 425 -10.37 -22.76 -35.69
CA GLN B 425 -9.42 -23.29 -36.66
C GLN B 425 -10.23 -24.02 -37.72
N LEU B 426 -9.70 -24.10 -38.94
CA LEU B 426 -10.42 -24.76 -40.05
C LEU B 426 -9.57 -25.84 -40.69
N PHE B 427 -10.14 -27.02 -40.86
CA PHE B 427 -9.40 -28.15 -41.42
C PHE B 427 -10.05 -28.70 -42.68
N ARG B 428 -9.25 -28.94 -43.72
CA ARG B 428 -9.72 -29.55 -44.95
C ARG B 428 -9.08 -30.93 -45.14
N PRO B 429 -9.83 -32.00 -44.82
CA PRO B 429 -9.33 -33.38 -44.95
C PRO B 429 -8.88 -33.70 -46.37
N LEU B 430 -7.76 -34.41 -46.49
CA LEU B 430 -7.17 -34.72 -47.78
C LEU B 430 -8.11 -35.50 -48.70
N ASP B 431 -8.89 -36.41 -48.14
CA ASP B 431 -9.64 -37.34 -48.97
C ASP B 431 -11.08 -36.94 -49.24
N SER B 432 -11.45 -35.72 -48.82
CA SER B 432 -12.81 -35.25 -49.03
C SER B 432 -12.87 -33.74 -49.20
N ASN B 433 -14.08 -33.24 -49.45
CA ASN B 433 -14.32 -31.81 -49.55
C ASN B 433 -15.00 -31.27 -48.30
N GLU B 434 -15.08 -32.10 -47.27
CA GLU B 434 -15.71 -31.68 -46.01
C GLU B 434 -14.90 -30.60 -45.30
N LEU B 435 -15.58 -29.82 -44.47
CA LEU B 435 -14.92 -28.81 -43.65
C LEU B 435 -15.08 -29.16 -42.17
N ILE B 436 -13.96 -29.18 -41.45
CA ILE B 436 -13.98 -29.50 -40.02
C ILE B 436 -13.54 -28.31 -39.18
N LEU B 437 -14.34 -27.96 -38.19
CA LEU B 437 -13.99 -26.87 -37.28
C LEU B 437 -13.29 -27.37 -36.03
N GLY B 438 -12.23 -26.67 -35.63
CA GLY B 438 -11.48 -26.97 -34.43
C GLY B 438 -11.61 -25.84 -33.44
N ALA B 439 -11.94 -26.17 -32.20
CA ALA B 439 -12.10 -25.20 -31.13
C ALA B 439 -11.37 -25.66 -29.89
N VAL B 440 -10.98 -24.72 -29.03
CA VAL B 440 -10.41 -25.07 -27.74
C VAL B 440 -11.52 -25.09 -26.68
N GLY B 441 -12.49 -24.20 -26.84
CA GLY B 441 -13.62 -24.14 -25.92
C GLY B 441 -14.96 -24.16 -26.63
N LEU B 442 -15.95 -24.76 -25.98
CA LEU B 442 -17.28 -24.98 -26.56
C LEU B 442 -17.95 -23.71 -27.11
N LEU B 443 -17.68 -22.57 -26.48
CA LEU B 443 -18.31 -21.31 -26.87
C LEU B 443 -17.98 -20.92 -28.32
N GLN B 444 -16.77 -21.25 -28.77
CA GLN B 444 -16.34 -20.87 -30.12
C GLN B 444 -17.31 -21.34 -31.21
N PHE B 445 -17.88 -22.53 -31.04
CA PHE B 445 -18.85 -23.04 -32.00
C PHE B 445 -20.07 -22.12 -32.07
N ASP B 446 -20.51 -21.57 -30.93
CA ASP B 446 -21.66 -20.68 -30.89
C ASP B 446 -21.34 -19.33 -31.53
N VAL B 447 -20.13 -18.84 -31.28
CA VAL B 447 -19.69 -17.57 -31.83
C VAL B 447 -19.52 -17.65 -33.35
N VAL B 448 -19.00 -18.79 -33.82
CA VAL B 448 -18.86 -19.01 -35.26
C VAL B 448 -20.21 -19.02 -35.96
N ALA B 449 -21.16 -19.78 -35.42
CA ALA B 449 -22.46 -19.93 -36.05
C ALA B 449 -23.20 -18.59 -36.12
N TYR B 450 -23.02 -17.78 -35.08
CA TYR B 450 -23.67 -16.49 -35.00
C TYR B 450 -23.04 -15.48 -35.95
N ARG B 451 -21.72 -15.36 -35.87
CA ARG B 451 -20.98 -14.45 -36.73
C ARG B 451 -21.21 -14.77 -38.21
N LEU B 452 -21.26 -16.07 -38.54
CA LEU B 452 -21.51 -16.48 -39.92
C LEU B 452 -22.86 -15.96 -40.43
N GLU B 453 -23.87 -16.09 -39.58
CA GLU B 453 -25.21 -15.60 -39.93
C GLU B 453 -25.25 -14.08 -39.99
N ASN B 454 -24.80 -13.43 -38.92
CA ASN B 454 -24.87 -11.97 -38.81
C ASN B 454 -23.98 -11.22 -39.83
N GLU B 455 -22.75 -11.68 -40.01
CA GLU B 455 -21.81 -10.99 -40.90
C GLU B 455 -21.79 -11.54 -42.34
N TYR B 456 -22.27 -12.76 -42.53
CA TYR B 456 -22.17 -13.40 -43.84
C TYR B 456 -23.50 -13.95 -44.36
N ASN B 457 -24.56 -13.80 -43.58
CA ASN B 457 -25.86 -14.34 -43.95
C ASN B 457 -25.80 -15.82 -44.31
N VAL B 458 -24.95 -16.55 -43.60
CA VAL B 458 -24.75 -17.98 -43.85
C VAL B 458 -25.28 -18.81 -42.68
N LYS B 459 -26.23 -19.69 -42.96
CA LYS B 459 -26.78 -20.56 -41.93
C LYS B 459 -26.10 -21.93 -41.96
N CYS B 460 -25.22 -22.19 -40.99
CA CYS B 460 -24.46 -23.43 -40.98
C CYS B 460 -25.06 -24.48 -40.04
N VAL B 461 -24.75 -25.74 -40.32
CA VAL B 461 -25.18 -26.84 -39.48
C VAL B 461 -23.96 -27.63 -39.01
N TYR B 462 -23.95 -27.99 -37.73
CA TYR B 462 -22.85 -28.77 -37.17
C TYR B 462 -23.17 -30.27 -37.16
N GLU B 463 -22.15 -31.09 -37.36
CA GLU B 463 -22.29 -32.53 -37.16
C GLU B 463 -21.11 -33.05 -36.36
N SER B 464 -21.35 -34.09 -35.56
CA SER B 464 -20.29 -34.75 -34.82
C SER B 464 -19.38 -35.50 -35.79
N VAL B 465 -18.09 -35.52 -35.47
CA VAL B 465 -17.13 -36.30 -36.24
C VAL B 465 -16.27 -37.12 -35.29
N ASN B 466 -15.59 -38.13 -35.83
CA ASN B 466 -14.72 -38.99 -35.04
C ASN B 466 -13.29 -38.46 -34.96
N VAL B 467 -13.14 -37.28 -34.37
CA VAL B 467 -11.83 -36.68 -34.17
C VAL B 467 -11.81 -36.17 -32.74
N VAL B 468 -10.75 -36.46 -31.99
CA VAL B 468 -10.69 -36.04 -30.60
C VAL B 468 -9.52 -35.11 -30.32
N THR B 469 -8.47 -35.19 -31.12
CA THR B 469 -7.34 -34.27 -30.94
C THR B 469 -6.60 -34.01 -32.25
N ALA B 470 -5.65 -33.08 -32.22
CA ALA B 470 -4.93 -32.73 -33.43
C ALA B 470 -3.46 -32.40 -33.19
N ARG B 471 -2.62 -32.72 -34.16
CA ARG B 471 -1.21 -32.38 -34.10
C ARG B 471 -0.78 -31.85 -35.46
N TRP B 472 0.05 -30.82 -35.45
CA TRP B 472 0.69 -30.37 -36.68
C TRP B 472 1.82 -31.32 -37.03
N VAL B 473 1.92 -31.66 -38.32
CA VAL B 473 2.88 -32.64 -38.80
C VAL B 473 4.04 -31.95 -39.46
N ILE B 474 5.24 -32.35 -39.12
CA ILE B 474 6.44 -31.71 -39.64
C ILE B 474 7.52 -32.74 -39.92
N CYS B 475 8.00 -32.77 -41.15
CA CYS B 475 9.12 -33.65 -41.50
C CYS B 475 9.94 -33.08 -42.65
N ASP B 476 11.19 -32.70 -42.36
CA ASP B 476 12.06 -32.12 -43.37
C ASP B 476 12.51 -33.17 -44.38
N ASP B 477 12.26 -34.43 -44.06
CA ASP B 477 12.56 -35.53 -44.97
C ASP B 477 11.34 -35.81 -45.83
N LYS B 478 11.32 -35.20 -47.02
CA LYS B 478 10.14 -35.21 -47.88
C LYS B 478 9.75 -36.60 -48.39
N ALA B 479 10.71 -37.50 -48.56
CA ALA B 479 10.38 -38.85 -48.97
C ALA B 479 9.62 -39.59 -47.86
N VAL B 480 10.07 -39.44 -46.63
CA VAL B 480 9.34 -39.97 -45.49
C VAL B 480 7.94 -39.33 -45.39
N LEU B 481 7.89 -38.00 -45.43
CA LEU B 481 6.64 -37.27 -45.34
C LEU B 481 5.63 -37.73 -46.39
N GLU B 482 6.14 -38.06 -47.58
CA GLU B 482 5.27 -38.47 -48.68
C GLU B 482 4.72 -39.88 -48.45
N ARG B 483 5.54 -40.78 -47.91
CA ARG B 483 5.04 -42.10 -47.55
C ARG B 483 4.00 -41.96 -46.44
N PHE B 484 4.29 -41.08 -45.49
CA PHE B 484 3.36 -40.81 -44.40
C PHE B 484 2.00 -40.33 -44.93
N ASN B 485 2.03 -39.31 -45.79
CA ASN B 485 0.80 -38.79 -46.41
C ASN B 485 0.00 -39.85 -47.15
N GLN B 486 0.68 -40.67 -47.93
CA GLN B 486 0.03 -41.76 -48.65
C GLN B 486 -0.71 -42.69 -47.70
N GLU B 487 -0.02 -43.12 -46.64
CA GLU B 487 -0.57 -44.06 -45.68
C GLU B 487 -1.67 -43.48 -44.79
N GLN B 488 -1.49 -42.24 -44.33
CA GLN B 488 -2.38 -41.68 -43.32
C GLN B 488 -3.36 -40.61 -43.83
N SER B 489 -3.53 -40.55 -45.14
CA SER B 489 -4.38 -39.53 -45.76
C SER B 489 -5.78 -39.45 -45.16
N ARG B 490 -6.35 -40.60 -44.82
CA ARG B 490 -7.66 -40.62 -44.20
C ARG B 490 -7.72 -39.75 -42.93
N ASN B 491 -6.59 -39.60 -42.24
CA ASN B 491 -6.55 -38.84 -41.00
C ASN B 491 -5.78 -37.52 -41.13
N LEU B 492 -5.52 -37.09 -42.35
CA LEU B 492 -4.74 -35.87 -42.57
C LEU B 492 -5.58 -34.75 -43.14
N ALA B 493 -5.13 -33.52 -42.93
CA ALA B 493 -5.80 -32.34 -43.46
C ALA B 493 -4.88 -31.12 -43.46
N TYR B 494 -5.26 -30.12 -44.23
CA TYR B 494 -4.55 -28.84 -44.21
C TYR B 494 -5.40 -27.84 -43.45
N ASP B 495 -4.78 -27.04 -42.60
CA ASP B 495 -5.53 -26.06 -41.83
C ASP B 495 -5.59 -24.69 -42.52
N GLY B 496 -6.19 -23.71 -41.85
CA GLY B 496 -6.37 -22.40 -42.44
C GLY B 496 -5.09 -21.68 -42.83
N GLY B 497 -3.95 -22.18 -42.35
CA GLY B 497 -2.67 -21.57 -42.67
C GLY B 497 -1.88 -22.37 -43.69
N GLY B 498 -2.49 -23.45 -44.17
CA GLY B 498 -1.80 -24.33 -45.11
C GLY B 498 -0.93 -25.40 -44.45
N HIS B 499 -1.01 -25.53 -43.12
CA HIS B 499 -0.18 -26.51 -42.42
C HIS B 499 -0.82 -27.90 -42.34
N LEU B 500 -0.04 -28.92 -42.71
CA LEU B 500 -0.48 -30.30 -42.58
C LEU B 500 -0.80 -30.63 -41.12
N THR B 501 -1.98 -31.22 -40.89
CA THR B 501 -2.48 -31.50 -39.56
C THR B 501 -2.99 -32.93 -39.45
N TYR B 502 -2.60 -33.63 -38.39
CA TYR B 502 -3.13 -34.97 -38.12
C TYR B 502 -4.35 -34.86 -37.20
N LEU B 503 -5.51 -35.30 -37.69
CA LEU B 503 -6.73 -35.31 -36.90
C LEU B 503 -6.99 -36.73 -36.36
N ALA B 504 -6.60 -36.99 -35.11
CA ALA B 504 -6.72 -38.33 -34.54
C ALA B 504 -8.14 -38.68 -34.09
N PRO B 505 -8.64 -39.84 -34.54
CA PRO B 505 -9.95 -40.37 -34.13
C PRO B 505 -9.93 -40.81 -32.67
N SER B 506 -8.74 -41.03 -32.13
CA SER B 506 -8.60 -41.43 -30.72
C SER B 506 -7.17 -41.21 -30.26
N ARG B 507 -7.00 -41.06 -28.94
CA ARG B 507 -5.68 -40.90 -28.35
C ARG B 507 -4.82 -42.10 -28.67
N VAL B 508 -5.41 -43.29 -28.57
CA VAL B 508 -4.69 -44.51 -28.88
C VAL B 508 -4.19 -44.50 -30.32
N ASN B 509 -5.03 -44.04 -31.25
CA ASN B 509 -4.59 -43.94 -32.63
C ASN B 509 -3.43 -42.96 -32.80
N LEU B 510 -3.50 -41.82 -32.11
CA LEU B 510 -2.39 -40.87 -32.13
C LEU B 510 -1.08 -41.52 -31.66
N GLU B 511 -1.15 -42.25 -30.55
CA GLU B 511 0.02 -42.96 -30.00
C GLU B 511 0.61 -43.92 -31.03
N ILE B 512 -0.24 -44.78 -31.58
CA ILE B 512 0.24 -45.76 -32.56
C ILE B 512 0.88 -45.09 -33.76
N THR B 513 0.20 -44.07 -34.30
CA THR B 513 0.74 -43.37 -35.46
C THR B 513 2.08 -42.72 -35.14
N GLU B 515 4.22 -43.47 -32.82
CA GLU B 515 5.18 -44.54 -32.56
C GLU B 515 5.65 -45.17 -33.88
N LYS B 516 4.74 -45.18 -34.85
CA LYS B 516 5.02 -45.77 -36.15
C LYS B 516 5.92 -44.84 -36.97
N TRP B 517 5.94 -43.57 -36.61
CA TRP B 517 6.68 -42.57 -37.41
C TRP B 517 7.56 -41.67 -36.55
N PRO B 518 8.60 -42.26 -35.93
CA PRO B 518 9.47 -41.46 -35.05
C PRO B 518 10.27 -40.40 -35.81
N GLU B 519 10.30 -40.48 -37.14
CA GLU B 519 10.99 -39.48 -37.94
C GLU B 519 10.16 -38.21 -38.15
N ILE B 520 8.87 -38.30 -37.84
CA ILE B 520 7.95 -37.19 -38.04
C ILE B 520 7.59 -36.53 -36.72
N GLN B 521 7.65 -35.19 -36.68
CA GLN B 521 7.30 -34.46 -35.47
C GLN B 521 5.79 -34.14 -35.43
N PHE B 522 5.18 -34.41 -34.28
CA PHE B 522 3.78 -34.10 -34.06
C PHE B 522 3.69 -33.05 -32.96
N SER B 523 3.29 -31.84 -33.33
CA SER B 523 3.33 -30.72 -32.39
C SER B 523 1.96 -30.27 -31.92
N GLU B 524 1.90 -29.81 -30.67
CA GLU B 524 0.67 -29.31 -30.08
C GLU B 524 0.52 -27.79 -30.23
N THR B 525 1.59 -27.13 -30.68
CA THR B 525 1.54 -25.70 -30.98
C THR B 525 2.25 -25.38 -32.29
N ARG B 526 1.92 -24.22 -32.86
CA ARG B 526 2.66 -23.68 -33.99
C ARG B 526 2.46 -22.18 -33.95
N GLU B 527 3.33 -21.44 -34.65
CA GLU B 527 3.16 -20.00 -34.72
C GLU B 527 1.98 -19.70 -35.61
N HIS B 528 1.15 -18.76 -35.18
CA HIS B 528 -0.02 -18.38 -35.93
C HIS B 528 0.37 -17.97 -37.35
N VAL C 6 -9.88 15.98 -11.52
CA VAL C 6 -8.72 16.69 -11.01
C VAL C 6 -8.20 17.72 -12.01
N GLU C 7 -8.32 17.41 -13.30
CA GLU C 7 -7.92 18.35 -14.35
C GLU C 7 -9.04 19.34 -14.65
N LYS C 8 -10.26 18.83 -14.76
CA LYS C 8 -11.42 19.69 -15.03
C LYS C 8 -11.72 20.57 -13.83
N GLN C 9 -11.37 20.10 -12.63
CA GLN C 9 -11.57 20.86 -11.40
C GLN C 9 -10.89 22.23 -11.48
N THR C 10 -9.67 22.24 -12.02
CA THR C 10 -8.91 23.48 -12.18
C THR C 10 -9.43 24.29 -13.36
N ALA C 11 -9.72 23.59 -14.46
CA ALA C 11 -10.12 24.24 -15.70
C ALA C 11 -11.53 24.85 -15.63
N ARG C 13 -12.61 26.53 -12.95
CA ARG C 13 -12.61 27.62 -11.98
C ARG C 13 -12.06 28.93 -12.55
N ARG C 14 -12.69 30.02 -12.13
CA ARG C 14 -12.27 31.35 -12.50
C ARG C 14 -12.17 32.21 -11.25
N THR C 15 -10.94 32.51 -10.85
CA THR C 15 -10.70 33.28 -9.64
C THR C 15 -10.21 34.67 -9.98
N PHE C 16 -10.97 35.68 -9.58
CA PHE C 16 -10.64 37.06 -9.92
C PHE C 16 -11.06 38.01 -8.81
N ALA C 17 -10.88 39.30 -9.07
CA ALA C 17 -11.30 40.35 -8.14
C ALA C 17 -11.63 41.60 -8.93
N ILE C 18 -12.51 42.43 -8.38
CA ILE C 18 -12.90 43.66 -9.06
C ILE C 18 -12.01 44.82 -8.59
N ILE C 19 -11.35 45.49 -9.53
CA ILE C 19 -10.55 46.66 -9.21
C ILE C 19 -11.22 47.93 -9.69
N SER C 20 -11.34 48.91 -8.81
CA SER C 20 -12.07 50.13 -9.09
C SER C 20 -11.86 51.18 -8.02
N HIS C 21 -12.14 52.43 -8.38
CA HIS C 21 -12.15 53.52 -7.42
C HIS C 21 -13.52 53.54 -6.76
N PRO C 22 -13.57 53.90 -5.47
CA PRO C 22 -14.82 54.00 -4.73
C PRO C 22 -15.91 54.74 -5.52
N ASP C 23 -17.13 54.23 -5.45
CA ASP C 23 -18.28 54.86 -6.09
C ASP C 23 -18.40 54.53 -7.58
N ALA C 24 -17.44 53.81 -8.12
CA ALA C 24 -17.47 53.45 -9.53
C ALA C 24 -18.66 52.53 -9.87
N GLY C 25 -18.85 51.50 -9.07
CA GLY C 25 -19.94 50.57 -9.27
C GLY C 25 -19.66 49.13 -8.89
N LYS C 26 -18.59 48.90 -8.13
CA LYS C 26 -18.17 47.55 -7.74
C LYS C 26 -19.27 46.78 -6.99
N THR C 27 -19.84 47.41 -5.98
CA THR C 27 -20.89 46.77 -5.19
C THR C 27 -22.09 46.39 -6.07
N THR C 28 -22.47 47.29 -6.97
CA THR C 28 -23.63 47.08 -7.82
C THR C 28 -23.41 45.93 -8.79
N LEU C 29 -22.24 45.91 -9.42
CA LEU C 29 -21.89 44.85 -10.37
C LEU C 29 -21.76 43.49 -9.69
N THR C 30 -21.26 43.46 -8.47
CA THR C 30 -21.13 42.22 -7.73
C THR C 30 -22.50 41.60 -7.53
N GLU C 31 -23.46 42.44 -7.15
CA GLU C 31 -24.82 41.99 -6.98
C GLU C 31 -25.29 41.30 -8.26
N LYS C 32 -25.16 42.00 -9.39
CA LYS C 32 -25.62 41.48 -10.66
C LYS C 32 -24.94 40.16 -11.01
N LEU C 33 -23.64 40.08 -10.74
CA LEU C 33 -22.89 38.85 -10.99
C LEU C 33 -23.42 37.72 -10.12
N LEU C 34 -23.72 38.02 -8.85
CA LEU C 34 -24.28 37.01 -7.95
C LEU C 34 -25.64 36.51 -8.43
N LEU C 35 -26.41 37.41 -9.04
CA LEU C 35 -27.71 37.06 -9.59
C LEU C 35 -27.62 36.04 -10.71
N PHE C 36 -26.83 36.35 -11.74
CA PHE C 36 -26.62 35.42 -12.84
C PHE C 36 -26.24 34.04 -12.33
N GLY C 37 -25.55 33.99 -11.20
CA GLY C 37 -25.11 32.74 -10.62
C GLY C 37 -26.22 32.01 -9.90
N GLY C 38 -27.11 32.77 -9.27
CA GLY C 38 -28.23 32.19 -8.53
C GLY C 38 -28.19 32.55 -7.06
N ALA C 39 -27.07 33.11 -6.61
CA ALA C 39 -26.91 33.48 -5.21
C ALA C 39 -27.74 34.73 -4.88
N ILE C 40 -29.05 34.59 -4.96
CA ILE C 40 -29.97 35.70 -4.71
C ILE C 40 -29.78 36.27 -3.30
N GLN C 41 -29.75 35.38 -2.32
CA GLN C 41 -29.61 35.78 -0.92
C GLN C 41 -28.37 36.63 -0.71
N LEU C 42 -27.22 36.08 -1.07
CA LEU C 42 -25.95 36.78 -0.94
C LEU C 42 -26.03 38.14 -1.64
N ALA C 43 -26.49 38.14 -2.89
CA ALA C 43 -26.60 39.36 -3.66
C ALA C 43 -27.46 40.38 -2.92
N GLY C 44 -28.61 39.93 -2.42
CA GLY C 44 -29.50 40.80 -1.67
C GLY C 44 -28.84 41.34 -0.41
N THR C 45 -27.80 40.66 0.04
CA THR C 45 -27.11 41.06 1.27
C THR C 45 -26.16 42.23 1.06
N ILE C 46 -25.24 42.09 0.12
CA ILE C 46 -24.26 43.15 -0.14
C ILE C 46 -24.95 44.45 -0.54
N LYS C 47 -26.19 44.35 -1.00
CA LYS C 47 -26.97 45.54 -1.32
C LYS C 47 -27.24 46.37 -0.08
N SER C 48 -27.39 45.70 1.06
CA SER C 48 -27.56 46.39 2.34
C SER C 48 -26.27 47.07 2.76
N ARG C 49 -25.70 47.86 1.84
CA ARG C 49 -24.43 48.54 2.06
C ARG C 49 -24.39 49.84 1.27
N HIS C 54 -20.18 54.27 5.98
CA HIS C 54 -19.53 54.03 7.26
C HIS C 54 -18.15 54.67 7.33
N ALA C 55 -17.79 55.12 8.53
CA ALA C 55 -16.42 55.52 8.80
C ALA C 55 -15.76 54.34 9.50
N THR C 56 -14.43 54.35 9.56
CA THR C 56 -13.70 53.29 10.24
C THR C 56 -14.26 53.05 11.64
N SER C 57 -14.69 54.14 12.28
CA SER C 57 -15.27 54.06 13.62
C SER C 57 -16.52 53.19 13.63
N ASP C 58 -17.39 53.43 12.65
CA ASP C 58 -18.62 52.64 12.50
C ASP C 58 -18.29 51.18 12.22
N TRP C 59 -17.37 50.95 11.28
CA TRP C 59 -16.98 49.60 10.91
C TRP C 59 -16.48 48.81 12.11
N GLU C 61 -17.30 49.27 15.15
CA GLU C 61 -18.46 49.00 15.99
C GLU C 61 -19.14 47.71 15.54
N LEU C 62 -19.55 47.67 14.28
CA LEU C 62 -20.23 46.51 13.73
C LEU C 62 -19.37 45.26 13.85
N GLU C 63 -18.09 45.41 13.53
CA GLU C 63 -17.18 44.27 13.50
C GLU C 63 -17.03 43.60 14.87
N LYS C 64 -17.50 44.28 15.92
CA LYS C 64 -17.54 43.67 17.24
C LYS C 64 -18.81 42.85 17.41
N GLN C 65 -19.94 43.40 16.98
CA GLN C 65 -21.19 42.65 16.93
C GLN C 65 -21.30 41.87 15.62
N VAL C 70 -16.06 38.71 6.66
CA VAL C 70 -15.54 37.41 7.09
C VAL C 70 -15.97 36.28 6.17
N THR C 71 -17.28 36.09 6.04
CA THR C 71 -17.82 35.04 5.18
C THR C 71 -18.18 35.59 3.79
N THR C 72 -18.04 36.90 3.62
CA THR C 72 -18.21 37.52 2.32
C THR C 72 -16.92 38.20 1.86
N SER C 73 -15.80 37.82 2.47
CA SER C 73 -14.50 38.26 2.01
C SER C 73 -14.19 37.54 0.70
N VAL C 74 -14.77 36.36 0.56
CA VAL C 74 -14.68 35.58 -0.66
C VAL C 74 -16.09 35.15 -1.06
N GLN C 76 -17.86 32.61 -3.65
CA GLN C 76 -17.79 31.53 -4.62
C GLN C 76 -19.20 31.20 -5.11
N PHE C 77 -19.37 31.12 -6.43
CA PHE C 77 -20.69 30.86 -6.99
C PHE C 77 -20.60 30.25 -8.39
N PRO C 78 -21.61 29.45 -8.75
CA PRO C 78 -21.63 28.72 -10.03
C PRO C 78 -22.19 29.55 -11.18
N TYR C 79 -21.70 29.27 -12.38
CA TYR C 79 -22.26 29.84 -13.61
C TYR C 79 -21.97 28.90 -14.77
N LYS C 80 -23.00 28.25 -15.29
CA LYS C 80 -22.84 27.22 -16.31
C LYS C 80 -21.84 26.16 -15.85
N ASP C 81 -20.93 25.77 -16.75
CA ASP C 81 -19.92 24.77 -16.40
C ASP C 81 -18.76 25.40 -15.63
N TYR C 82 -19.00 26.56 -15.05
CA TYR C 82 -17.95 27.31 -14.37
C TYR C 82 -18.21 27.54 -12.89
N LEU C 83 -17.14 27.61 -12.10
CA LEU C 83 -17.22 27.97 -10.69
C LEU C 83 -16.42 29.25 -10.47
N ILE C 84 -17.09 30.29 -9.98
CA ILE C 84 -16.47 31.61 -9.89
C ILE C 84 -16.08 31.99 -8.46
N ASN C 85 -14.78 32.22 -8.26
CA ASN C 85 -14.27 32.71 -6.98
C ASN C 85 -14.01 34.21 -7.06
N LEU C 86 -14.85 34.99 -6.38
CA LEU C 86 -14.71 36.44 -6.38
C LEU C 86 -14.15 36.92 -5.05
N LEU C 87 -12.88 37.35 -5.07
CA LEU C 87 -12.24 37.86 -3.86
C LEU C 87 -12.54 39.33 -3.73
N ASP C 88 -13.06 39.73 -2.58
CA ASP C 88 -13.45 41.13 -2.41
C ASP C 88 -12.23 42.02 -2.21
N THR C 89 -12.36 43.28 -2.58
CA THR C 89 -11.30 44.26 -2.41
C THR C 89 -11.87 45.52 -1.79
N PRO C 90 -12.14 45.48 -0.48
CA PRO C 90 -12.78 46.59 0.25
C PRO C 90 -12.12 47.92 -0.08
N GLY C 91 -12.93 48.88 -0.53
CA GLY C 91 -12.43 50.18 -0.94
C GLY C 91 -12.82 51.34 -0.05
N HIS C 92 -13.78 51.13 0.87
CA HIS C 92 -14.24 52.25 1.70
C HIS C 92 -13.61 52.23 3.11
N ALA C 93 -14.45 52.24 4.13
CA ALA C 93 -13.98 52.28 5.52
C ALA C 93 -12.97 51.18 5.83
N ASP C 94 -13.19 50.00 5.27
CA ASP C 94 -12.33 48.86 5.60
C ASP C 94 -11.22 48.62 4.58
N PHE C 95 -10.90 49.63 3.79
CA PHE C 95 -9.72 49.62 2.94
C PHE C 95 -8.45 49.47 3.78
N THR C 96 -7.63 48.48 3.43
CA THR C 96 -6.34 48.26 4.10
C THR C 96 -5.35 47.68 3.09
N GLU C 97 -4.12 47.42 3.54
CA GLU C 97 -3.15 46.73 2.68
C GLU C 97 -3.68 45.37 2.22
N ASP C 98 -4.48 44.70 3.04
CA ASP C 98 -5.07 43.42 2.64
C ASP C 98 -5.73 43.57 1.28
N THR C 99 -6.27 44.75 1.02
CA THR C 99 -6.92 45.04 -0.26
C THR C 99 -5.99 44.85 -1.45
N TYR C 100 -4.76 45.34 -1.33
CA TYR C 100 -3.76 45.16 -2.38
C TYR C 100 -3.30 43.71 -2.45
N ARG C 101 -2.95 43.15 -1.29
CA ARG C 101 -2.36 41.82 -1.22
C ARG C 101 -3.28 40.74 -1.76
N THR C 102 -4.59 40.96 -1.66
CA THR C 102 -5.57 40.01 -2.17
C THR C 102 -5.33 39.68 -3.64
N LEU C 103 -5.04 40.71 -4.43
CA LEU C 103 -4.89 40.55 -5.88
C LEU C 103 -3.85 39.51 -6.25
N THR C 104 -2.92 39.24 -5.34
CA THR C 104 -1.91 38.22 -5.55
C THR C 104 -2.56 36.83 -5.61
N ALA C 105 -3.81 36.76 -5.17
CA ALA C 105 -4.52 35.50 -5.09
C ALA C 105 -5.47 35.25 -6.26
N VAL C 106 -5.53 36.18 -7.20
CA VAL C 106 -6.40 36.01 -8.35
C VAL C 106 -5.61 35.71 -9.62
N ASP C 107 -6.27 35.11 -10.61
CA ASP C 107 -5.63 34.76 -11.86
C ASP C 107 -5.92 35.79 -12.94
N SER C 108 -6.91 36.64 -12.69
CA SER C 108 -7.23 37.76 -13.57
C SER C 108 -8.08 38.76 -12.80
N ALA C 109 -8.36 39.91 -13.40
CA ALA C 109 -9.12 40.94 -12.70
C ALA C 109 -10.12 41.65 -13.60
N LEU C 110 -11.17 42.20 -12.98
CA LEU C 110 -12.19 42.93 -13.71
C LEU C 110 -12.18 44.40 -13.28
N VAL C 112 -13.65 48.12 -13.17
CA VAL C 112 -14.86 48.91 -13.32
C VAL C 112 -14.53 50.40 -13.26
N ILE C 113 -14.96 51.11 -14.29
CA ILE C 113 -14.69 52.53 -14.42
C ILE C 113 -15.99 53.33 -14.47
N ASP C 114 -16.05 54.42 -13.73
CA ASP C 114 -17.19 55.34 -13.79
C ASP C 114 -17.04 56.14 -15.08
N ALA C 115 -17.98 55.95 -15.99
CA ALA C 115 -17.90 56.59 -17.30
C ALA C 115 -17.72 58.11 -17.21
N ALA C 116 -18.36 58.74 -16.23
CA ALA C 116 -18.28 60.18 -16.09
C ALA C 116 -16.95 60.63 -15.50
N LYS C 117 -16.19 59.68 -14.96
CA LYS C 117 -14.94 59.99 -14.25
C LYS C 117 -13.67 59.49 -14.94
N GLY C 118 -13.74 58.31 -15.55
CA GLY C 118 -12.57 57.70 -16.15
C GLY C 118 -11.63 57.09 -15.13
N VAL C 119 -10.33 57.14 -15.43
CA VAL C 119 -9.31 56.61 -14.54
C VAL C 119 -9.15 57.46 -13.28
N GLU C 120 -9.35 56.87 -12.11
CA GLU C 120 -9.20 57.59 -10.85
C GLU C 120 -8.00 57.06 -10.07
N PRO C 121 -7.65 57.71 -8.95
CA PRO C 121 -6.46 57.34 -8.18
C PRO C 121 -6.40 55.86 -7.78
N ARG C 122 -7.46 55.32 -7.20
CA ARG C 122 -7.47 53.92 -6.82
C ARG C 122 -7.33 53.01 -8.04
N THR C 123 -7.86 53.46 -9.18
CA THR C 123 -7.77 52.69 -10.42
C THR C 123 -6.31 52.42 -10.75
N ILE C 124 -5.51 53.47 -10.65
CA ILE C 124 -4.08 53.45 -10.94
C ILE C 124 -3.31 52.53 -10.00
N LYS C 125 -3.57 52.66 -8.70
CA LYS C 125 -2.88 51.85 -7.69
C LYS C 125 -3.14 50.34 -7.86
N LEU C 126 -4.40 49.99 -8.04
CA LEU C 126 -4.79 48.58 -8.16
C LEU C 126 -4.26 47.96 -9.46
N GLU C 128 -1.37 48.94 -10.80
CA GLU C 128 0.04 48.74 -10.49
C GLU C 128 0.24 47.41 -9.75
N VAL C 129 -0.66 47.11 -8.82
CA VAL C 129 -0.60 45.85 -8.08
C VAL C 129 -0.77 44.66 -9.03
N CYS C 130 -1.76 44.74 -9.90
CA CYS C 130 -2.00 43.68 -10.87
C CYS C 130 -0.78 43.49 -11.78
N ARG C 131 -0.13 44.60 -12.11
CA ARG C 131 1.02 44.56 -13.00
C ARG C 131 2.15 43.69 -12.45
N LEU C 132 2.22 43.58 -11.12
CA LEU C 132 3.22 42.76 -10.45
C LEU C 132 3.25 41.34 -11.00
N ARG C 133 2.11 40.85 -11.46
CA ARG C 133 1.99 39.49 -11.95
C ARG C 133 1.44 39.49 -13.37
N HIS C 134 1.50 40.65 -14.02
CA HIS C 134 0.97 40.81 -15.36
C HIS C 134 -0.44 40.25 -15.44
N THR C 135 -1.19 40.45 -14.35
CA THR C 135 -2.55 39.95 -14.24
C THR C 135 -3.43 40.43 -15.39
N PRO C 136 -4.01 39.48 -16.15
CA PRO C 136 -4.94 39.81 -17.23
C PRO C 136 -6.05 40.72 -16.72
N ILE C 137 -6.43 41.72 -17.52
CA ILE C 137 -7.46 42.67 -17.12
C ILE C 137 -8.61 42.71 -18.12
N THR C 139 -12.28 44.99 -18.78
CA THR C 139 -12.78 46.31 -18.37
C THR C 139 -14.28 46.48 -18.59
N PHE C 140 -14.93 47.13 -17.63
CA PHE C 140 -16.34 47.45 -17.74
C PHE C 140 -16.57 48.94 -17.49
N ILE C 141 -16.93 49.68 -18.53
CA ILE C 141 -17.24 51.10 -18.40
C ILE C 141 -18.69 51.25 -17.98
N ASN C 142 -18.89 51.76 -16.76
CA ASN C 142 -20.19 51.71 -16.09
C ASN C 142 -20.93 53.06 -16.09
N LYS C 143 -22.24 53.01 -15.84
CA LYS C 143 -23.07 54.20 -15.74
C LYS C 143 -23.30 54.91 -17.08
N ASP C 145 -25.94 55.12 -18.47
CA ASP C 145 -27.27 55.73 -18.38
C ASP C 145 -27.21 57.19 -17.96
N ARG C 146 -26.02 57.67 -17.62
CA ARG C 146 -25.85 59.08 -17.34
C ARG C 146 -24.77 59.63 -18.24
N ASP C 147 -24.71 60.95 -18.35
CA ASP C 147 -23.70 61.57 -19.20
C ASP C 147 -22.32 61.05 -18.86
N THR C 148 -21.47 61.01 -19.88
CA THR C 148 -20.20 60.30 -19.82
C THR C 148 -19.12 61.13 -20.49
N ARG C 149 -17.86 60.81 -20.20
CA ARG C 149 -16.76 61.31 -21.00
C ARG C 149 -16.81 60.57 -22.33
N PRO C 150 -16.36 61.21 -23.41
CA PRO C 150 -16.40 60.52 -24.70
C PRO C 150 -15.69 59.17 -24.63
N SER C 151 -16.19 58.19 -25.37
CA SER C 151 -15.71 56.81 -25.29
C SER C 151 -14.28 56.67 -25.78
N ILE C 152 -13.95 57.37 -26.86
CA ILE C 152 -12.59 57.33 -27.39
C ILE C 152 -11.63 57.97 -26.40
N GLU C 153 -12.11 59.00 -25.71
CA GLU C 153 -11.31 59.66 -24.66
C GLU C 153 -11.06 58.72 -23.49
N LEU C 154 -12.07 57.95 -23.12
CA LEU C 154 -11.94 57.00 -22.01
C LEU C 154 -10.92 55.93 -22.35
N LEU C 155 -10.99 55.44 -23.58
CA LEU C 155 -10.07 54.42 -24.06
C LEU C 155 -8.66 54.98 -24.06
N ASP C 156 -8.53 56.19 -24.59
CA ASP C 156 -7.21 56.82 -24.68
C ASP C 156 -6.58 56.96 -23.30
N GLU C 157 -7.36 57.43 -22.34
CA GLU C 157 -6.86 57.63 -21.00
C GLU C 157 -6.33 56.32 -20.42
N ILE C 158 -7.13 55.26 -20.55
CA ILE C 158 -6.72 53.92 -20.11
C ILE C 158 -5.40 53.51 -20.73
N GLU C 159 -5.22 53.80 -22.02
CA GLU C 159 -4.00 53.40 -22.72
C GLU C 159 -2.74 54.07 -22.20
N SER C 160 -2.74 55.40 -22.11
CA SER C 160 -1.52 56.12 -21.74
C SER C 160 -1.26 56.08 -20.23
N ILE C 161 -2.32 56.23 -19.45
CA ILE C 161 -2.19 56.23 -18.00
C ILE C 161 -2.02 54.83 -17.42
N LEU C 162 -2.81 53.88 -17.89
CA LEU C 162 -2.76 52.53 -17.35
C LEU C 162 -1.90 51.59 -18.21
N ARG C 163 -1.19 52.16 -19.17
CA ARG C 163 -0.23 51.43 -20.00
C ARG C 163 -0.74 50.05 -20.43
N ILE C 164 -1.92 50.04 -21.04
CA ILE C 164 -2.50 48.80 -21.56
C ILE C 164 -3.42 49.10 -22.74
N HIS C 165 -3.26 48.32 -23.82
CA HIS C 165 -4.05 48.53 -25.02
C HIS C 165 -5.52 48.13 -24.79
N CYS C 166 -6.43 48.93 -25.32
CA CYS C 166 -7.85 48.69 -25.16
C CYS C 166 -8.43 47.92 -26.34
N ALA C 167 -9.24 46.92 -26.07
CA ALA C 167 -9.84 46.12 -27.14
C ALA C 167 -11.35 45.97 -26.94
N PRO C 168 -12.12 46.91 -27.52
CA PRO C 168 -13.57 46.93 -27.32
C PRO C 168 -14.24 45.66 -27.82
N VAL C 169 -15.12 45.09 -27.01
CA VAL C 169 -15.93 43.95 -27.42
C VAL C 169 -17.38 44.40 -27.45
N THR C 170 -17.72 45.33 -26.56
CA THR C 170 -19.01 46.01 -26.62
C THR C 170 -18.78 47.51 -26.79
N TRP C 171 -19.79 48.23 -27.24
CA TRP C 171 -19.67 49.65 -27.49
C TRP C 171 -21.00 50.36 -27.24
N PRO C 172 -20.94 51.52 -26.55
CA PRO C 172 -22.17 52.23 -26.16
C PRO C 172 -22.88 52.87 -27.36
N ILE C 173 -24.21 52.91 -27.30
CA ILE C 173 -25.00 53.63 -28.29
C ILE C 173 -25.74 54.78 -27.60
N GLY C 174 -25.24 55.99 -27.78
CA GLY C 174 -25.77 57.15 -27.07
C GLY C 174 -25.23 57.18 -25.65
N GLY C 176 -26.30 59.08 -21.37
CA GLY C 176 -27.02 60.01 -20.53
C GLY C 176 -28.53 59.93 -20.67
N LYS C 177 -29.09 60.76 -21.55
CA LYS C 177 -30.51 60.71 -21.81
C LYS C 177 -30.81 59.71 -22.92
N TYR C 178 -29.91 59.68 -23.91
CA TYR C 178 -30.14 58.90 -25.12
C TYR C 178 -29.30 57.62 -25.21
N PHE C 179 -29.01 57.00 -24.08
CA PHE C 179 -28.40 55.67 -24.07
C PHE C 179 -29.46 54.68 -24.57
N LYS C 180 -29.19 54.02 -25.68
CA LYS C 180 -30.18 53.15 -26.29
C LYS C 180 -29.77 51.67 -26.33
N GLY C 181 -28.50 51.40 -26.02
CA GLY C 181 -28.04 50.02 -26.00
C GLY C 181 -26.55 49.87 -26.21
N ILE C 182 -26.13 48.66 -26.54
CA ILE C 182 -24.72 48.37 -26.80
C ILE C 182 -24.53 47.54 -28.06
N TYR C 183 -23.34 47.65 -28.65
CA TYR C 183 -22.97 46.89 -29.82
C TYR C 183 -21.85 45.89 -29.50
N HIS C 184 -22.01 44.65 -29.96
CA HIS C 184 -21.04 43.58 -29.69
C HIS C 184 -20.15 43.34 -30.90
N LEU C 185 -19.00 44.02 -30.94
CA LEU C 185 -18.11 43.98 -32.11
C LEU C 185 -17.81 42.58 -32.65
N ILE C 186 -17.68 41.60 -31.77
CA ILE C 186 -17.36 40.24 -32.20
C ILE C 186 -18.57 39.54 -32.81
N GLU C 187 -19.70 39.57 -32.09
CA GLU C 187 -20.92 38.97 -32.58
C GLU C 187 -21.52 39.78 -33.72
N ASP C 188 -21.15 41.05 -33.81
CA ASP C 188 -21.84 41.96 -34.70
C ASP C 188 -23.35 41.92 -34.41
N ALA C 189 -23.72 42.32 -33.20
CA ALA C 189 -25.12 42.36 -32.81
C ALA C 189 -25.38 43.54 -31.90
N ILE C 190 -26.60 44.06 -31.93
CA ILE C 190 -26.99 45.17 -31.08
C ILE C 190 -28.01 44.75 -30.01
N TYR C 191 -27.66 44.96 -28.76
CA TYR C 191 -28.57 44.70 -27.65
C TYR C 191 -29.15 46.02 -27.15
N LEU C 192 -30.46 46.19 -27.28
CA LEU C 192 -31.10 47.45 -26.95
C LEU C 192 -31.38 47.57 -25.46
N TYR C 193 -31.18 48.78 -24.94
CA TYR C 193 -31.42 49.09 -23.54
C TYR C 193 -32.84 49.60 -23.35
N GLN C 194 -33.66 48.81 -22.67
CA GLN C 194 -35.05 49.16 -22.45
C GLN C 194 -35.48 48.81 -21.02
N PRO C 195 -35.57 49.85 -20.15
CA PRO C 195 -35.91 49.65 -18.74
C PRO C 195 -37.36 49.21 -18.56
N SER C 204 -34.98 42.31 -23.76
CA SER C 204 -33.67 42.64 -24.30
C SER C 204 -33.57 42.30 -25.78
N GLU C 205 -34.19 43.14 -26.61
CA GLU C 205 -34.23 42.94 -28.05
C GLU C 205 -32.84 42.93 -28.67
N ARG C 206 -32.61 41.97 -29.57
CA ARG C 206 -31.32 41.81 -30.22
C ARG C 206 -31.43 42.00 -31.73
N ILE C 207 -30.54 42.82 -32.29
CA ILE C 207 -30.52 43.06 -33.74
C ILE C 207 -29.14 42.74 -34.30
N GLU C 208 -29.09 42.09 -35.45
CA GLU C 208 -27.81 41.72 -36.06
C GLU C 208 -27.42 42.59 -37.25
N GLY C 209 -26.12 42.80 -37.43
CA GLY C 209 -25.61 43.70 -38.45
C GLY C 209 -25.55 45.14 -37.98
N ILE C 210 -24.35 45.69 -37.91
CA ILE C 210 -24.18 47.10 -37.55
C ILE C 210 -24.74 47.99 -38.66
N ASN C 211 -24.68 47.50 -39.90
CA ASN C 211 -25.23 48.23 -41.03
C ASN C 211 -26.69 47.85 -41.30
N ASN C 212 -27.28 47.10 -40.36
CA ASN C 212 -28.67 46.69 -40.47
C ASN C 212 -29.59 47.90 -40.48
N PRO C 213 -30.39 48.05 -41.55
CA PRO C 213 -31.31 49.17 -41.73
C PRO C 213 -32.29 49.32 -40.57
N GLU C 214 -32.37 48.31 -39.72
CA GLU C 214 -33.30 48.33 -38.59
C GLU C 214 -32.82 49.24 -37.46
N LEU C 215 -31.51 49.43 -37.38
CA LEU C 215 -30.94 50.36 -36.42
C LEU C 215 -31.43 51.78 -36.68
N ASP C 216 -31.24 52.25 -37.90
CA ASP C 216 -31.64 53.60 -38.29
C ASP C 216 -33.10 53.87 -37.95
N LYS C 217 -33.95 52.86 -38.15
CA LYS C 217 -35.37 52.99 -37.91
C LYS C 217 -35.72 53.21 -36.44
N LYS C 218 -34.99 52.54 -35.56
CA LYS C 218 -35.28 52.61 -34.12
C LYS C 218 -34.47 53.69 -33.40
N LEU C 219 -33.19 53.79 -33.72
CA LEU C 219 -32.27 54.66 -32.99
C LEU C 219 -32.08 56.03 -33.64
N GLY C 220 -32.28 56.09 -34.96
CA GLY C 220 -32.14 57.34 -35.69
C GLY C 220 -30.70 57.66 -36.04
N ASP C 221 -30.30 58.91 -35.83
CA ASP C 221 -28.95 59.35 -36.14
C ASP C 221 -27.89 58.61 -35.32
N LEU C 222 -28.31 58.05 -34.19
CA LEU C 222 -27.42 57.25 -33.36
C LEU C 222 -26.86 56.05 -34.13
N ALA C 223 -27.62 55.58 -35.10
CA ALA C 223 -27.19 54.45 -35.93
C ALA C 223 -25.96 54.80 -36.74
N SER C 224 -25.96 55.99 -37.34
CA SER C 224 -24.81 56.47 -38.09
C SER C 224 -23.64 56.78 -37.15
N GLU C 225 -23.95 57.30 -35.97
CA GLU C 225 -22.92 57.63 -35.00
C GLU C 225 -22.21 56.36 -34.57
N LEU C 226 -22.96 55.28 -34.42
CA LEU C 226 -22.40 54.00 -34.07
C LEU C 226 -21.43 53.53 -35.16
N ARG C 227 -21.91 53.47 -36.39
CA ARG C 227 -21.07 53.07 -37.52
C ARG C 227 -19.81 53.92 -37.57
N ASN C 228 -19.98 55.24 -37.46
CA ASN C 228 -18.84 56.15 -37.43
C ASN C 228 -17.83 55.78 -36.35
N GLU C 229 -18.30 55.65 -35.11
CA GLU C 229 -17.41 55.36 -33.99
C GLU C 229 -16.75 53.98 -34.12
N ILE C 230 -17.51 53.01 -34.59
CA ILE C 230 -16.96 51.67 -34.76
C ILE C 230 -15.84 51.67 -35.79
N GLU C 231 -15.99 52.49 -36.82
CA GLU C 231 -14.95 52.68 -37.82
C GLU C 231 -13.75 53.39 -37.19
N LEU C 232 -14.02 54.41 -36.38
CA LEU C 232 -12.96 55.10 -35.66
C LEU C 232 -12.20 54.11 -34.77
N VAL C 233 -12.92 53.17 -34.19
CA VAL C 233 -12.31 52.16 -33.32
C VAL C 233 -11.43 51.20 -34.12
N LYS C 234 -11.76 51.02 -35.40
CA LYS C 234 -11.01 50.11 -36.26
C LYS C 234 -9.56 50.52 -36.45
N GLY C 235 -9.33 51.82 -36.62
CA GLY C 235 -8.01 52.34 -36.92
C GLY C 235 -7.19 52.81 -35.72
N ALA C 236 -7.88 53.25 -34.67
CA ALA C 236 -7.19 53.81 -33.51
C ALA C 236 -7.15 52.86 -32.33
N SER C 237 -7.98 51.82 -32.40
CA SER C 237 -8.05 50.84 -31.32
C SER C 237 -7.58 49.47 -31.77
N HIS C 238 -7.63 48.50 -30.85
CA HIS C 238 -7.15 47.15 -31.13
C HIS C 238 -8.31 46.15 -31.09
N PRO C 239 -8.17 45.05 -31.86
CA PRO C 239 -9.12 43.94 -31.81
C PRO C 239 -8.75 42.99 -30.66
N PHE C 240 -9.75 42.45 -29.97
CA PHE C 240 -9.47 41.55 -28.86
C PHE C 240 -8.55 40.39 -29.27
N GLU C 241 -7.37 40.33 -28.65
CA GLU C 241 -6.41 39.28 -28.94
C GLU C 241 -6.09 38.46 -27.69
N ARG C 242 -6.52 37.20 -27.69
CA ARG C 242 -6.38 36.33 -26.52
C ARG C 242 -4.98 36.34 -25.92
N GLU C 243 -3.98 35.93 -26.70
CA GLU C 243 -2.61 35.89 -26.23
C GLU C 243 -2.22 37.20 -25.55
N GLY C 244 -2.57 38.32 -26.17
CA GLY C 244 -2.26 39.63 -25.62
C GLY C 244 -2.95 39.88 -24.30
N TYR C 245 -4.21 39.47 -24.19
CA TYR C 245 -4.98 39.64 -22.98
C TYR C 245 -4.39 38.82 -21.83
N LEU C 246 -4.03 37.57 -22.12
CA LEU C 246 -3.46 36.67 -21.12
C LEU C 246 -2.05 37.09 -20.72
N LYS C 247 -1.39 37.88 -21.56
CA LYS C 247 -0.06 38.38 -21.26
C LYS C 247 -0.14 39.63 -20.39
N GLY C 248 -1.32 40.23 -20.34
CA GLY C 248 -1.54 41.44 -19.59
C GLY C 248 -1.19 42.68 -20.39
N GLU C 249 -1.14 42.54 -21.70
CA GLU C 249 -0.76 43.64 -22.58
C GLU C 249 -1.98 44.32 -23.21
N LEU C 250 -3.15 43.72 -23.01
CA LEU C 250 -4.34 44.13 -23.73
C LEU C 250 -5.60 43.78 -22.93
N THR C 251 -6.54 44.72 -22.83
CA THR C 251 -7.77 44.46 -22.07
C THR C 251 -9.02 44.66 -22.91
N PRO C 252 -9.93 43.68 -22.87
CA PRO C 252 -11.20 43.79 -23.59
C PRO C 252 -12.14 44.76 -22.88
N ILE C 253 -12.72 45.68 -23.64
CA ILE C 253 -13.57 46.73 -23.07
C ILE C 253 -15.06 46.43 -23.23
N PHE C 254 -15.78 46.48 -22.12
CA PHE C 254 -17.23 46.35 -22.13
C PHE C 254 -17.90 47.61 -21.57
N PHE C 255 -19.10 47.90 -22.05
CA PHE C 255 -19.85 49.08 -21.62
C PHE C 255 -21.22 48.66 -21.09
N GLY C 256 -21.80 49.47 -20.21
CA GLY C 256 -23.14 49.18 -19.73
C GLY C 256 -23.57 50.01 -18.54
N SER C 257 -24.67 49.59 -17.92
CA SER C 257 -25.21 50.26 -16.73
C SER C 257 -25.51 49.23 -15.64
N ALA C 258 -24.59 49.07 -14.70
CA ALA C 258 -24.70 48.03 -13.68
C ALA C 258 -25.99 48.14 -12.87
N ILE C 259 -26.47 49.36 -12.69
CA ILE C 259 -27.70 49.58 -11.94
C ILE C 259 -28.92 49.01 -12.67
N ASN C 260 -28.82 48.91 -13.99
CA ASN C 260 -29.91 48.35 -14.80
C ASN C 260 -29.58 46.95 -15.30
N ASN C 261 -28.53 46.35 -14.75
CA ASN C 261 -28.09 45.02 -15.16
C ASN C 261 -27.92 44.90 -16.68
N PHE C 262 -27.55 46.01 -17.31
CA PHE C 262 -27.40 46.04 -18.75
C PHE C 262 -25.94 45.98 -19.18
N GLY C 263 -25.63 45.11 -20.12
CA GLY C 263 -24.27 44.93 -20.60
C GLY C 263 -23.49 44.02 -19.67
N VAL C 264 -24.13 43.61 -18.58
CA VAL C 264 -23.50 42.76 -17.59
C VAL C 264 -23.35 41.32 -18.10
N GLY C 265 -24.42 40.79 -18.67
CA GLY C 265 -24.40 39.44 -19.21
C GLY C 265 -23.24 39.21 -20.15
N GLU C 266 -23.04 40.15 -21.07
CA GLU C 266 -21.97 40.06 -22.06
C GLU C 266 -20.58 40.06 -21.45
N LEU C 267 -20.43 40.78 -20.33
CA LEU C 267 -19.16 40.81 -19.63
C LEU C 267 -18.89 39.46 -18.98
N LEU C 268 -19.87 38.93 -18.29
CA LEU C 268 -19.72 37.63 -17.63
C LEU C 268 -19.38 36.50 -18.60
N ASP C 269 -20.09 36.44 -19.73
CA ASP C 269 -19.86 35.38 -20.71
C ASP C 269 -18.43 35.42 -21.23
N ALA C 270 -17.96 36.61 -21.60
CA ALA C 270 -16.60 36.77 -22.09
C ALA C 270 -15.60 36.43 -21.00
N PHE C 271 -15.94 36.79 -19.76
CA PHE C 271 -15.11 36.46 -18.61
C PHE C 271 -14.92 34.94 -18.47
N VAL C 272 -16.01 34.22 -18.21
CA VAL C 272 -15.91 32.76 -18.03
C VAL C 272 -15.26 32.05 -19.21
N LYS C 273 -15.33 32.68 -20.39
CA LYS C 273 -14.76 32.08 -21.59
C LYS C 273 -13.28 32.38 -21.71
N GLU C 274 -12.91 33.65 -21.57
CA GLU C 274 -11.52 34.06 -21.78
C GLU C 274 -10.66 34.04 -20.53
N ALA C 275 -11.22 34.44 -19.39
CA ALA C 275 -10.44 34.51 -18.16
C ALA C 275 -9.73 33.19 -17.90
N PRO C 276 -8.45 33.25 -17.53
CA PRO C 276 -7.60 32.08 -17.33
C PRO C 276 -7.98 31.26 -16.10
N PRO C 277 -7.76 29.94 -16.15
CA PRO C 277 -7.94 29.07 -15.00
C PRO C 277 -6.77 29.21 -14.04
N PRO C 278 -6.90 28.66 -12.82
CA PRO C 278 -5.81 28.72 -11.83
C PRO C 278 -4.46 28.41 -12.45
N GLN C 279 -3.57 29.40 -12.45
CA GLN C 279 -2.23 29.22 -12.98
C GLN C 279 -1.28 28.70 -11.91
N GLY C 280 -0.09 28.30 -12.33
CA GLY C 280 0.91 27.80 -11.41
C GLY C 280 1.57 28.95 -10.66
N ARG C 281 2.39 28.62 -9.67
CA ARG C 281 3.07 29.63 -8.89
C ARG C 281 4.51 29.22 -8.61
N GLU C 282 5.44 30.14 -8.85
CA GLU C 282 6.85 29.89 -8.57
C GLU C 282 7.12 29.78 -7.08
N THR C 283 8.22 29.13 -6.72
CA THR C 283 8.65 29.00 -5.33
C THR C 283 10.16 29.13 -5.24
N ASN C 284 10.71 29.04 -4.03
CA ASN C 284 12.14 29.09 -3.85
C ASN C 284 12.84 27.88 -4.45
N SER C 285 12.07 26.81 -4.67
CA SER C 285 12.62 25.55 -5.18
C SER C 285 12.31 25.31 -6.66
N ARG C 286 11.08 25.61 -7.06
CA ARG C 286 10.63 25.29 -8.41
C ARG C 286 9.24 25.87 -8.70
N LEU C 287 8.81 25.74 -9.95
CA LEU C 287 7.46 26.12 -10.36
C LEU C 287 6.47 25.03 -9.97
N VAL C 288 5.52 25.39 -9.11
CA VAL C 288 4.47 24.45 -8.70
C VAL C 288 3.25 24.59 -9.61
N LYS C 289 2.81 23.47 -10.18
CA LYS C 289 1.64 23.48 -11.05
C LYS C 289 0.39 23.06 -10.28
N PRO C 290 -0.77 23.60 -10.68
CA PRO C 290 -2.04 23.29 -10.02
C PRO C 290 -2.39 21.81 -10.15
N GLU C 291 -2.02 21.21 -11.28
CA GLU C 291 -2.39 19.83 -11.58
C GLU C 291 -1.72 18.83 -10.65
N GLU C 292 -0.65 19.26 -9.97
CA GLU C 292 0.08 18.38 -9.07
C GLU C 292 -0.85 17.66 -8.10
N GLU C 293 -0.52 16.40 -7.80
CA GLU C 293 -1.33 15.57 -6.92
C GLU C 293 -1.33 16.11 -5.49
N LYS C 294 -0.15 16.39 -4.98
CA LYS C 294 0.01 16.82 -3.59
C LYS C 294 -0.57 18.21 -3.33
N PHE C 295 -1.29 18.34 -2.21
CA PHE C 295 -1.90 19.60 -1.82
C PHE C 295 -0.87 20.65 -1.40
N SER C 296 -1.04 21.87 -1.90
CA SER C 296 -0.23 23.00 -1.47
C SER C 296 -1.06 24.29 -1.53
N GLY C 297 -0.64 25.29 -0.76
CA GLY C 297 -1.32 26.57 -0.74
C GLY C 297 -0.50 27.64 -0.03
N PHE C 298 -1.01 28.86 0.02
CA PHE C 298 -0.32 29.96 0.69
C PHE C 298 -1.28 30.98 1.27
N VAL C 299 -0.90 31.56 2.41
CA VAL C 299 -1.73 32.55 3.07
C VAL C 299 -1.40 33.96 2.59
N PHE C 300 -2.43 34.73 2.27
CA PHE C 300 -2.24 36.07 1.73
C PHE C 300 -2.98 37.11 2.55
N LYS C 301 -3.67 36.67 3.59
CA LYS C 301 -4.55 37.54 4.35
C LYS C 301 -5.01 36.86 5.64
N ILE C 302 -5.04 37.63 6.72
CA ILE C 302 -5.40 37.12 8.03
C ILE C 302 -6.41 38.06 8.68
N GLN C 303 -7.53 37.51 9.12
CA GLN C 303 -8.58 38.32 9.72
C GLN C 303 -8.76 37.94 11.19
N ALA C 304 -8.66 38.92 12.08
CA ALA C 304 -8.80 38.66 13.51
C ALA C 304 -10.24 38.86 13.98
N ASN C 305 -10.70 37.97 14.85
CA ASN C 305 -11.98 38.12 15.51
C ASN C 305 -11.89 39.28 16.49
N ASP C 307 -14.29 40.30 18.69
CA ASP C 307 -14.99 40.07 19.95
C ASP C 307 -14.05 39.93 21.15
N PRO C 308 -14.34 40.67 22.22
CA PRO C 308 -13.51 40.74 23.44
C PRO C 308 -13.18 39.36 24.01
N GLY C 309 -11.99 39.22 24.55
CA GLY C 309 -11.57 37.96 25.14
C GLY C 309 -11.08 36.95 24.13
N HIS C 310 -11.78 36.86 23.00
CA HIS C 310 -11.42 35.91 21.95
C HIS C 310 -9.99 36.13 21.47
N ARG C 311 -9.41 35.08 20.89
CA ARG C 311 -8.01 35.10 20.46
C ARG C 311 -7.86 34.33 19.15
N ASP C 312 -8.99 34.03 18.51
CA ASP C 312 -8.98 33.26 17.28
C ASP C 312 -8.85 34.15 16.04
N ARG C 313 -8.21 33.61 15.01
CA ARG C 313 -8.01 34.33 13.77
C ARG C 313 -8.40 33.42 12.61
N ILE C 314 -8.49 34.00 11.43
CA ILE C 314 -8.70 33.20 10.22
C ILE C 314 -7.60 33.54 9.22
N ALA C 315 -6.87 32.52 8.79
CA ALA C 315 -5.85 32.69 7.78
C ALA C 315 -6.40 32.26 6.43
N PHE C 316 -6.64 33.24 5.54
CA PHE C 316 -7.13 32.94 4.21
C PHE C 316 -6.02 32.35 3.35
N LEU C 317 -6.28 31.17 2.79
CA LEU C 317 -5.27 30.46 2.03
C LEU C 317 -5.76 30.15 0.61
N ARG C 318 -4.98 30.55 -0.39
CA ARG C 318 -5.25 30.14 -1.76
C ARG C 318 -4.62 28.80 -2.03
N ILE C 319 -5.37 27.90 -2.66
CA ILE C 319 -4.86 26.59 -2.99
C ILE C 319 -4.12 26.65 -4.33
N ALA C 320 -2.86 26.23 -4.32
CA ALA C 320 -2.04 26.30 -5.52
C ALA C 320 -1.96 24.96 -6.25
N SER C 321 -2.27 23.88 -5.54
CA SER C 321 -2.22 22.54 -6.14
C SER C 321 -2.95 21.48 -5.33
N GLY C 322 -2.98 20.26 -5.85
CA GLY C 322 -3.61 19.13 -5.18
C GLY C 322 -5.07 19.38 -4.89
N GLN C 323 -5.50 19.04 -3.68
CA GLN C 323 -6.85 19.32 -3.24
C GLN C 323 -6.93 19.39 -1.71
N TYR C 324 -7.86 20.18 -1.21
CA TYR C 324 -8.13 20.23 0.21
C TYR C 324 -9.17 19.18 0.57
N GLN C 325 -8.92 18.45 1.65
CA GLN C 325 -9.87 17.48 2.16
C GLN C 325 -10.14 17.74 3.63
N LYS C 326 -11.41 17.96 3.96
CA LYS C 326 -11.80 18.27 5.33
C LYS C 326 -11.36 17.18 6.28
N GLY C 327 -10.30 17.44 7.03
CA GLY C 327 -9.73 16.47 7.96
C GLY C 327 -8.40 15.92 7.52
N LYS C 329 -4.19 15.81 6.56
CA LYS C 329 -2.93 16.17 7.20
C LYS C 329 -2.15 17.11 6.29
N ALA C 330 -1.84 18.30 6.79
CA ALA C 330 -1.07 19.27 6.02
C ALA C 330 0.27 19.53 6.69
N TYR C 331 1.22 20.05 5.92
CA TYR C 331 2.54 20.37 6.44
C TYR C 331 2.76 21.88 6.53
N HIS C 332 2.88 22.38 7.75
CA HIS C 332 3.15 23.79 8.03
C HIS C 332 4.63 24.09 7.82
N VAL C 333 4.99 24.44 6.59
CA VAL C 333 6.39 24.58 6.21
C VAL C 333 7.23 25.40 7.19
N ARG C 334 6.82 26.64 7.44
CA ARG C 334 7.60 27.54 8.30
C ARG C 334 7.90 26.92 9.66
N LEU C 335 6.92 26.24 10.22
CA LEU C 335 7.08 25.64 11.54
C LEU C 335 7.62 24.20 11.49
N LYS C 336 7.86 23.70 10.27
CA LYS C 336 8.34 22.33 10.08
C LYS C 336 7.51 21.38 10.92
N LYS C 337 6.19 21.48 10.77
CA LYS C 337 5.27 20.80 11.67
C LYS C 337 4.05 20.27 10.92
N GLU C 338 3.66 19.04 11.24
CA GLU C 338 2.44 18.47 10.71
C GLU C 338 1.25 19.09 11.45
N ILE C 339 0.27 19.57 10.69
CA ILE C 339 -0.96 20.10 11.29
C ILE C 339 -2.16 19.41 10.69
N GLN C 340 -3.32 19.60 11.32
CA GLN C 340 -4.55 19.00 10.82
C GLN C 340 -5.58 20.08 10.51
N ILE C 341 -6.10 20.06 9.29
CA ILE C 341 -7.12 21.00 8.85
C ILE C 341 -8.48 20.33 8.89
N ASN C 342 -9.22 20.54 9.97
CA ASN C 342 -10.45 19.81 10.22
C ASN C 342 -11.72 20.46 9.67
N ASN C 343 -11.81 21.78 9.77
CA ASN C 343 -13.02 22.50 9.40
C ASN C 343 -12.69 23.87 8.82
N ALA C 344 -11.92 23.87 7.73
CA ALA C 344 -11.51 25.11 7.07
C ALA C 344 -12.71 25.83 6.45
N LEU C 345 -12.82 27.12 6.72
CA LEU C 345 -13.89 27.93 6.16
C LEU C 345 -13.96 27.81 4.64
N THR C 346 -15.16 27.61 4.12
CA THR C 346 -15.39 27.58 2.68
C THR C 346 -16.35 28.72 2.34
N PHE C 347 -16.38 29.13 1.07
CA PHE C 347 -17.13 30.34 0.73
C PHE C 347 -18.17 30.17 -0.36
N ALA C 349 -21.62 30.26 -1.87
CA ALA C 349 -22.85 30.97 -1.57
C ALA C 349 -24.01 30.00 -1.44
N GLY C 350 -24.78 30.15 -0.36
CA GLY C 350 -25.91 29.27 -0.11
C GLY C 350 -25.49 28.01 0.63
N LYS C 351 -24.24 27.96 1.09
CA LYS C 351 -23.75 26.79 1.81
C LYS C 351 -24.39 26.68 3.19
N ARG C 352 -24.60 25.45 3.63
CA ARG C 352 -25.14 25.20 4.97
C ARG C 352 -23.99 24.94 5.92
N GLU C 353 -22.92 24.36 5.38
CA GLU C 353 -21.74 24.03 6.17
C GLU C 353 -20.49 24.14 5.31
N ASN C 354 -19.33 24.21 5.96
CA ASN C 354 -18.06 24.23 5.25
C ASN C 354 -17.92 23.03 4.32
N ALA C 355 -17.36 23.26 3.13
CA ALA C 355 -17.24 22.23 2.12
C ALA C 355 -16.25 21.14 2.53
N GLU C 356 -16.51 19.92 2.07
CA GLU C 356 -15.68 18.77 2.44
C GLU C 356 -14.39 18.75 1.62
N GLU C 357 -14.40 19.44 0.49
CA GLU C 357 -13.24 19.50 -0.38
C GLU C 357 -13.06 20.87 -1.00
N ALA C 358 -11.90 21.10 -1.59
CA ALA C 358 -11.61 22.35 -2.30
C ALA C 358 -10.51 22.09 -3.32
N TRP C 359 -10.52 22.87 -4.40
CA TRP C 359 -9.56 22.68 -5.48
C TRP C 359 -8.79 23.96 -5.74
N PRO C 360 -7.65 23.85 -6.44
CA PRO C 360 -6.80 25.02 -6.70
C PRO C 360 -7.61 26.20 -7.23
N GLY C 361 -7.27 27.40 -6.76
CA GLY C 361 -7.98 28.59 -7.16
C GLY C 361 -9.00 28.99 -6.11
N ASP C 362 -9.48 28.01 -5.36
CA ASP C 362 -10.40 28.28 -4.27
C ASP C 362 -9.65 28.92 -3.12
N ILE C 363 -10.39 29.58 -2.23
CA ILE C 363 -9.83 30.07 -0.98
C ILE C 363 -10.49 29.36 0.18
N ILE C 364 -9.70 28.93 1.16
CA ILE C 364 -10.25 28.38 2.39
C ILE C 364 -9.68 29.14 3.59
N GLY C 365 -10.44 29.16 4.68
CA GLY C 365 -10.02 29.86 5.89
C GLY C 365 -9.43 28.92 6.92
N LEU C 366 -8.19 29.19 7.32
CA LEU C 366 -7.51 28.38 8.32
C LEU C 366 -7.69 28.97 9.72
N HIS C 367 -8.39 28.23 10.58
CA HIS C 367 -8.60 28.64 11.96
C HIS C 367 -7.32 28.45 12.75
N ASN C 368 -6.97 29.43 13.56
CA ASN C 368 -5.80 29.36 14.43
C ASN C 368 -5.80 30.48 15.45
N HIS C 369 -4.76 30.54 16.27
CA HIS C 369 -4.70 31.54 17.34
C HIS C 369 -3.40 32.33 17.33
N GLY C 370 -2.74 32.36 16.18
CA GLY C 370 -1.53 33.15 16.03
C GLY C 370 -0.31 32.32 15.70
N THR C 371 -0.51 31.25 14.95
CA THR C 371 0.59 30.39 14.54
C THR C 371 0.72 30.37 13.02
N ILE C 372 -0.20 31.07 12.35
CA ILE C 372 -0.15 31.20 10.89
C ILE C 372 0.08 32.65 10.49
N GLN C 373 1.05 32.87 9.61
CA GLN C 373 1.48 34.22 9.24
C GLN C 373 1.37 34.47 7.74
N ILE C 374 1.33 35.74 7.36
CA ILE C 374 1.35 36.12 5.96
C ILE C 374 2.55 35.50 5.27
N GLY C 375 2.31 34.94 4.09
CA GLY C 375 3.36 34.29 3.33
C GLY C 375 3.45 32.81 3.62
N ASP C 376 2.76 32.34 4.64
CA ASP C 376 2.89 30.93 5.03
C ASP C 376 2.46 29.97 3.93
N THR C 377 3.38 29.09 3.56
CA THR C 377 3.10 28.04 2.59
C THR C 377 2.72 26.76 3.32
N PHE C 378 1.80 26.01 2.73
CA PHE C 378 1.41 24.71 3.28
C PHE C 378 1.51 23.65 2.20
N THR C 379 2.08 22.50 2.56
CA THR C 379 2.21 21.37 1.64
C THR C 379 1.82 20.09 2.36
N GLN C 380 2.42 18.98 1.96
CA GLN C 380 2.16 17.68 2.59
C GLN C 380 3.46 17.01 3.01
N GLY C 381 4.52 17.81 3.11
CA GLY C 381 5.81 17.29 3.54
C GLY C 381 6.97 17.90 2.78
N GLU C 382 6.77 18.18 1.49
CA GLU C 382 7.79 18.82 0.69
C GLU C 382 8.01 20.25 1.16
N ARG C 383 9.21 20.55 1.64
CA ARG C 383 9.50 21.87 2.21
C ARG C 383 9.96 22.88 1.17
N PHE C 384 9.03 23.76 0.77
CA PHE C 384 9.36 24.90 -0.06
C PHE C 384 8.43 26.07 0.29
N LYS C 385 8.69 27.23 -0.30
CA LYS C 385 7.94 28.44 0.04
C LYS C 385 7.55 29.22 -1.22
N PHE C 386 6.26 29.46 -1.39
CA PHE C 386 5.76 30.23 -2.52
C PHE C 386 6.31 31.66 -2.50
N THR C 387 6.46 32.24 -3.68
CA THR C 387 7.05 33.56 -3.81
C THR C 387 6.04 34.56 -4.37
N GLY C 388 6.43 35.83 -4.40
CA GLY C 388 5.61 36.86 -5.02
C GLY C 388 4.57 37.47 -4.10
N ILE C 389 4.37 36.89 -2.93
CA ILE C 389 3.47 37.49 -1.94
C ILE C 389 4.10 38.78 -1.47
N PRO C 390 3.47 39.92 -1.79
CA PRO C 390 4.12 41.22 -1.64
C PRO C 390 3.77 42.03 -0.39
N ASN C 391 4.72 42.88 0.01
CA ASN C 391 4.44 44.01 0.88
C ASN C 391 4.32 45.25 0.00
N PHE C 392 3.43 46.15 0.37
CA PHE C 392 3.20 47.37 -0.40
C PHE C 392 3.60 48.61 0.37
N ALA C 393 4.10 49.63 -0.33
CA ALA C 393 4.52 50.86 0.32
C ALA C 393 3.42 51.45 1.19
N SER C 394 3.73 51.65 2.48
CA SER C 394 2.80 52.31 3.38
C SER C 394 2.48 53.71 2.88
N GLU C 395 1.24 54.14 3.10
CA GLU C 395 0.74 55.42 2.61
C GLU C 395 0.41 56.35 3.76
N LEU C 396 0.25 55.79 4.95
CA LEU C 396 -0.07 56.55 6.15
C LEU C 396 0.87 56.14 7.28
N PHE C 397 1.26 57.10 8.10
CA PHE C 397 2.30 56.87 9.09
C PHE C 397 1.97 57.52 10.42
N ARG C 398 2.28 56.83 11.52
CA ARG C 398 2.10 57.38 12.86
C ARG C 398 3.14 56.83 13.81
N LEU C 399 3.58 57.69 14.73
CA LEU C 399 4.45 57.24 15.79
C LEU C 399 3.59 56.48 16.79
N VAL C 400 4.14 55.41 17.36
CA VAL C 400 3.41 54.65 18.35
C VAL C 400 4.25 54.55 19.63
N ARG C 401 3.62 54.83 20.76
CA ARG C 401 4.30 54.78 22.06
C ARG C 401 3.33 54.42 23.18
N LEU C 402 3.85 54.34 24.41
CA LEU C 402 3.03 54.06 25.58
C LEU C 402 3.10 55.18 26.61
N LYS C 403 2.03 55.35 27.37
CA LYS C 403 2.06 56.24 28.52
C LYS C 403 2.54 55.47 29.74
N ASP C 404 2.53 54.15 29.63
CA ASP C 404 3.11 53.28 30.65
C ASP C 404 4.36 52.61 30.10
N PRO C 405 5.52 53.24 30.32
CA PRO C 405 6.79 52.81 29.73
C PRO C 405 7.22 51.38 30.12
N LEU C 406 6.57 50.79 31.11
CA LEU C 406 6.95 49.47 31.58
C LEU C 406 6.38 48.34 30.72
N LYS C 407 5.72 48.70 29.62
CA LYS C 407 5.12 47.71 28.73
C LYS C 407 5.80 47.71 27.35
N GLN C 408 6.98 48.33 27.28
CA GLN C 408 7.70 48.42 26.02
C GLN C 408 7.87 47.07 25.34
N LYS C 409 8.25 46.07 26.14
CA LYS C 409 8.44 44.71 25.63
C LYS C 409 7.15 44.18 25.01
N ALA C 410 6.04 44.35 25.73
CA ALA C 410 4.74 43.88 25.25
C ALA C 410 4.35 44.59 23.94
N LEU C 411 4.51 45.90 23.92
CA LEU C 411 4.22 46.66 22.70
C LEU C 411 4.95 46.05 21.50
N LEU C 412 6.26 45.92 21.61
CA LEU C 412 7.09 45.35 20.54
C LEU C 412 6.67 43.94 20.15
N LYS C 413 6.46 43.07 21.13
CA LYS C 413 5.99 41.72 20.85
C LYS C 413 4.65 41.76 20.13
N GLY C 414 3.76 42.63 20.59
CA GLY C 414 2.46 42.78 19.97
C GLY C 414 2.57 43.27 18.53
N LEU C 415 3.35 44.34 18.34
CA LEU C 415 3.51 44.95 17.03
C LEU C 415 4.20 44.04 16.04
N THR C 416 5.22 43.32 16.50
CA THR C 416 5.87 42.31 15.69
C THR C 416 4.86 41.28 15.18
N GLN C 417 4.10 40.70 16.11
CA GLN C 417 3.08 39.73 15.75
C GLN C 417 2.06 40.34 14.79
N LEU C 418 1.60 41.55 15.11
CA LEU C 418 0.68 42.25 14.23
C LEU C 418 1.28 42.40 12.83
N SER C 419 2.56 42.74 12.78
CA SER C 419 3.27 42.93 11.51
C SER C 419 3.31 41.65 10.69
N GLU C 420 3.54 40.52 11.36
CA GLU C 420 3.64 39.24 10.67
C GLU C 420 2.28 38.79 10.15
N GLU C 421 1.21 39.30 10.75
CA GLU C 421 -0.15 39.00 10.30
C GLU C 421 -0.68 40.05 9.32
N GLY C 422 0.19 40.95 8.85
CA GLY C 422 -0.17 41.93 7.85
C GLY C 422 -1.08 43.06 8.31
N ALA C 423 -1.22 43.23 9.62
CA ALA C 423 -2.11 44.24 10.16
C ALA C 423 -1.49 45.63 10.08
N THR C 424 -0.16 45.68 10.02
CA THR C 424 0.56 46.93 9.95
C THR C 424 1.97 46.66 9.47
N GLN C 425 2.65 47.72 9.05
CA GLN C 425 4.09 47.64 8.86
C GLN C 425 4.76 48.35 10.02
N LEU C 426 5.97 47.96 10.36
CA LEU C 426 6.67 48.54 11.50
C LEU C 426 8.05 49.06 11.10
N PHE C 427 8.36 50.28 11.54
CA PHE C 427 9.63 50.92 11.16
C PHE C 427 10.41 51.40 12.36
N ARG C 428 11.71 51.13 12.35
CA ARG C 428 12.62 51.59 13.40
C ARG C 428 13.62 52.55 12.80
N PRO C 429 13.44 53.87 13.02
CA PRO C 429 14.38 54.86 12.49
C PRO C 429 15.80 54.64 13.04
N LEU C 430 16.81 54.90 12.22
CA LEU C 430 18.20 54.64 12.60
C LEU C 430 18.73 55.51 13.73
N ASP C 431 18.18 56.72 13.87
CA ASP C 431 18.76 57.70 14.79
C ASP C 431 17.97 57.85 16.09
N SER C 432 17.05 56.93 16.35
CA SER C 432 16.27 56.98 17.58
C SER C 432 15.66 55.62 17.93
N ASN C 433 15.03 55.56 19.09
CA ASN C 433 14.39 54.35 19.57
C ASN C 433 12.89 54.35 19.28
N GLU C 434 12.46 55.28 18.43
CA GLU C 434 11.04 55.44 18.15
C GLU C 434 10.46 54.34 17.25
N LEU C 435 9.16 54.11 17.37
CA LEU C 435 8.47 53.14 16.53
C LEU C 435 7.42 53.84 15.68
N ILE C 436 7.51 53.66 14.37
CA ILE C 436 6.56 54.24 13.44
C ILE C 436 5.75 53.13 12.77
N LEU C 437 4.43 53.31 12.74
CA LEU C 437 3.57 52.37 12.04
C LEU C 437 3.24 52.90 10.65
N GLY C 438 3.27 52.00 9.68
CA GLY C 438 2.88 52.32 8.32
C GLY C 438 1.63 51.55 7.94
N ALA C 439 0.64 52.27 7.43
CA ALA C 439 -0.60 51.66 7.02
C ALA C 439 -0.91 52.04 5.58
N VAL C 440 -1.72 51.22 4.93
CA VAL C 440 -2.23 51.53 3.60
C VAL C 440 -3.59 52.18 3.79
N GLY C 441 -4.39 51.61 4.69
CA GLY C 441 -5.71 52.16 4.99
C GLY C 441 -5.82 52.64 6.42
N LEU C 442 -6.58 53.71 6.61
CA LEU C 442 -6.74 54.32 7.94
C LEU C 442 -7.25 53.32 8.98
N LEU C 443 -8.08 52.37 8.56
CA LEU C 443 -8.63 51.40 9.51
C LEU C 443 -7.56 50.61 10.26
N GLN C 444 -6.43 50.36 9.61
CA GLN C 444 -5.37 49.52 10.20
C GLN C 444 -4.92 50.03 11.56
N PHE C 445 -4.87 51.35 11.71
CA PHE C 445 -4.52 51.97 12.99
C PHE C 445 -5.50 51.61 14.09
N ASP C 446 -6.79 51.67 13.79
CA ASP C 446 -7.81 51.31 14.77
C ASP C 446 -7.69 49.84 15.16
N VAL C 447 -7.57 48.98 14.15
CA VAL C 447 -7.46 47.55 14.38
C VAL C 447 -6.23 47.23 15.22
N VAL C 448 -5.13 47.92 14.96
CA VAL C 448 -3.89 47.67 15.70
C VAL C 448 -4.03 48.12 17.16
N ALA C 449 -4.57 49.32 17.37
CA ALA C 449 -4.77 49.81 18.73
C ALA C 449 -5.68 48.88 19.53
N TYR C 450 -6.74 48.40 18.89
CA TYR C 450 -7.66 47.52 19.57
C TYR C 450 -7.03 46.16 19.87
N ARG C 451 -6.30 45.62 18.90
CA ARG C 451 -5.67 44.31 19.05
C ARG C 451 -4.57 44.34 20.11
N LEU C 452 -3.82 45.43 20.17
CA LEU C 452 -2.79 45.56 21.20
C LEU C 452 -3.43 45.51 22.59
N GLU C 453 -4.62 46.09 22.70
CA GLU C 453 -5.37 46.10 23.96
C GLU C 453 -6.00 44.75 24.28
N ASN C 454 -6.73 44.20 23.31
CA ASN C 454 -7.48 42.96 23.53
C ASN C 454 -6.58 41.74 23.69
N GLU C 455 -5.45 41.72 22.98
CA GLU C 455 -4.61 40.53 22.92
C GLU C 455 -3.28 40.65 23.68
N TYR C 456 -2.78 41.87 23.82
CA TYR C 456 -1.50 42.09 24.49
C TYR C 456 -1.61 43.00 25.69
N ASN C 457 -2.84 43.38 26.02
CA ASN C 457 -3.11 44.29 27.14
C ASN C 457 -2.15 45.47 27.18
N VAL C 458 -1.99 46.15 26.05
CA VAL C 458 -1.20 47.37 26.02
C VAL C 458 -2.01 48.49 25.37
N LYS C 459 -1.94 49.67 25.95
CA LYS C 459 -2.68 50.82 25.45
C LYS C 459 -1.73 51.74 24.70
N CYS C 460 -1.81 51.71 23.36
CA CYS C 460 -0.88 52.51 22.58
C CYS C 460 -1.43 53.91 22.33
N VAL C 461 -0.52 54.84 22.06
CA VAL C 461 -0.89 56.20 21.77
C VAL C 461 -0.28 56.59 20.43
N TYR C 462 -1.05 57.29 19.61
CA TYR C 462 -0.58 57.73 18.29
C TYR C 462 -0.20 59.20 18.29
N GLU C 463 0.91 59.51 17.62
CA GLU C 463 1.30 60.89 17.36
C GLU C 463 1.63 61.05 15.89
N SER C 464 1.25 62.19 15.31
CA SER C 464 1.56 62.46 13.92
C SER C 464 3.07 62.51 13.70
N VAL C 465 3.50 62.14 12.50
CA VAL C 465 4.92 62.23 12.14
C VAL C 465 5.08 62.88 10.77
N ASN C 466 6.24 63.49 10.55
CA ASN C 466 6.55 64.13 9.27
C ASN C 466 7.03 63.10 8.25
N VAL C 467 6.19 62.12 7.96
CA VAL C 467 6.48 61.13 6.92
C VAL C 467 5.25 60.95 6.05
N VAL C 468 5.42 61.08 4.74
CA VAL C 468 4.27 60.98 3.84
C VAL C 468 4.31 59.73 2.94
N THR C 469 5.49 59.15 2.77
CA THR C 469 5.61 57.97 1.93
C THR C 469 6.87 57.17 2.23
N ALA C 470 6.95 55.96 1.69
CA ALA C 470 8.05 55.06 1.98
C ALA C 470 8.46 54.25 0.76
N ARG C 471 9.76 54.03 0.62
N ARG C 471 9.76 54.02 0.63
CA ARG C 471 10.30 53.20 -0.45
CA ARG C 471 10.33 53.20 -0.42
C ARG C 471 11.39 52.31 0.13
C ARG C 471 11.37 52.29 0.19
N TRP C 472 11.45 51.05 -0.32
CA TRP C 472 12.51 50.15 0.13
C TRP C 472 13.80 50.48 -0.63
N VAL C 473 14.90 50.57 0.11
CA VAL C 473 16.19 50.93 -0.46
C VAL C 473 16.94 49.68 -0.89
N ILE C 474 17.28 49.62 -2.17
CA ILE C 474 18.08 48.51 -2.69
C ILE C 474 19.31 49.05 -3.43
N CYS C 475 20.44 48.37 -3.25
CA CYS C 475 21.69 48.78 -3.88
C CYS C 475 22.77 47.76 -3.53
N ASP C 476 23.35 47.15 -4.54
CA ASP C 476 24.36 46.11 -4.32
C ASP C 476 25.76 46.68 -4.14
N ASP C 477 25.88 48.00 -4.24
CA ASP C 477 27.17 48.67 -4.07
C ASP C 477 27.38 49.09 -2.62
N LYS C 478 28.04 48.24 -1.84
CA LYS C 478 28.26 48.48 -0.43
C LYS C 478 29.01 49.79 -0.17
N ALA C 479 29.74 50.26 -1.16
CA ALA C 479 30.50 51.50 -1.04
C ALA C 479 29.57 52.70 -1.06
N VAL C 480 28.55 52.63 -1.90
CA VAL C 480 27.56 53.70 -1.99
C VAL C 480 26.56 53.61 -0.84
N LEU C 481 26.17 52.38 -0.52
CA LEU C 481 25.15 52.15 0.49
C LEU C 481 25.55 52.67 1.87
N GLU C 482 26.82 52.51 2.22
CA GLU C 482 27.32 52.95 3.52
C GLU C 482 27.29 54.47 3.66
N ARG C 483 27.60 55.17 2.56
CA ARG C 483 27.59 56.64 2.57
C ARG C 483 26.16 57.15 2.61
N PHE C 484 25.30 56.54 1.80
CA PHE C 484 23.87 56.80 1.85
C PHE C 484 23.36 56.72 3.27
N ASN C 485 23.64 55.61 3.94
CA ASN C 485 23.25 55.40 5.33
C ASN C 485 23.77 56.49 6.27
N GLN C 486 25.02 56.90 6.08
CA GLN C 486 25.61 57.94 6.89
C GLN C 486 24.89 59.27 6.68
N GLU C 487 24.64 59.60 5.41
CA GLU C 487 24.12 60.91 5.05
C GLU C 487 22.61 61.03 5.25
N GLN C 488 21.88 59.97 4.93
CA GLN C 488 20.43 60.01 4.97
C GLN C 488 19.83 59.26 6.16
N SER C 489 20.66 58.98 7.17
CA SER C 489 20.23 58.17 8.30
C SER C 489 18.96 58.71 8.96
N ARG C 490 18.78 60.03 8.90
CA ARG C 490 17.62 60.67 9.52
C ARG C 490 16.31 60.29 8.83
N ASN C 491 16.40 59.84 7.59
CA ASN C 491 15.21 59.41 6.87
C ASN C 491 15.19 57.91 6.61
N LEU C 492 16.07 57.19 7.31
CA LEU C 492 16.18 55.75 7.10
C LEU C 492 15.74 54.95 8.32
N ALA C 493 15.27 53.72 8.06
CA ALA C 493 14.79 52.83 9.10
C ALA C 493 14.82 51.40 8.60
N TYR C 494 14.74 50.44 9.53
CA TYR C 494 14.51 49.05 9.16
C TYR C 494 13.09 48.66 9.50
N ASP C 495 12.43 47.95 8.58
CA ASP C 495 11.05 47.52 8.80
C ASP C 495 11.00 46.17 9.52
N GLY C 496 9.79 45.62 9.68
CA GLY C 496 9.59 44.41 10.45
C GLY C 496 10.21 43.16 9.87
N GLY C 497 10.79 43.29 8.68
CA GLY C 497 11.44 42.16 8.03
C GLY C 497 12.93 42.35 7.95
N GLY C 498 13.40 43.45 8.53
CA GLY C 498 14.81 43.79 8.52
C GLY C 498 15.27 44.37 7.19
N HIS C 499 14.34 44.98 6.47
CA HIS C 499 14.67 45.62 5.19
C HIS C 499 14.87 47.11 5.33
N LEU C 500 15.96 47.63 4.78
CA LEU C 500 16.23 49.07 4.80
C LEU C 500 15.11 49.84 4.09
N THR C 501 14.60 50.89 4.73
CA THR C 501 13.45 51.63 4.19
C THR C 501 13.65 53.14 4.27
N TYR C 502 13.41 53.84 3.17
CA TYR C 502 13.47 55.30 3.17
C TYR C 502 12.11 55.88 3.53
N LEU C 503 12.07 56.67 4.61
CA LEU C 503 10.84 57.33 5.02
C LEU C 503 10.91 58.82 4.65
N ALA C 504 10.21 59.19 3.58
CA ALA C 504 10.28 60.55 3.06
C ALA C 504 9.40 61.53 3.82
N PRO C 505 9.98 62.65 4.28
CA PRO C 505 9.19 63.70 4.91
C PRO C 505 8.30 64.40 3.89
N SER C 506 8.61 64.28 2.60
CA SER C 506 7.78 64.88 1.55
C SER C 506 8.01 64.21 0.20
N ARG C 507 7.10 64.45 -0.73
CA ARG C 507 7.24 63.92 -2.09
C ARG C 507 8.47 64.50 -2.77
N VAL C 508 8.69 65.79 -2.57
CA VAL C 508 9.81 66.47 -3.22
C VAL C 508 11.13 65.97 -2.66
N ASN C 509 11.13 65.69 -1.37
CA ASN C 509 12.33 65.16 -0.73
C ASN C 509 12.71 63.81 -1.33
N LEU C 510 11.71 63.00 -1.65
CA LEU C 510 11.95 61.68 -2.24
C LEU C 510 12.44 61.83 -3.67
N GLU C 511 11.92 62.82 -4.39
CA GLU C 511 12.31 63.05 -5.77
C GLU C 511 13.76 63.53 -5.86
N ILE C 512 14.13 64.47 -5.01
CA ILE C 512 15.52 64.93 -4.97
C ILE C 512 16.44 63.80 -4.59
N THR C 513 16.13 63.13 -3.48
CA THR C 513 16.97 62.05 -2.97
C THR C 513 17.21 60.98 -4.02
N GLU C 515 17.23 61.45 -7.15
CA GLU C 515 18.02 62.01 -8.22
C GLU C 515 19.49 62.10 -7.83
N LYS C 516 19.75 62.33 -6.55
CA LYS C 516 21.12 62.44 -6.06
C LYS C 516 21.77 61.06 -5.92
N TRP C 517 20.95 60.02 -5.93
CA TRP C 517 21.45 58.66 -5.80
C TRP C 517 20.84 57.75 -6.87
N PRO C 518 21.18 58.01 -8.14
CA PRO C 518 20.63 57.26 -9.29
C PRO C 518 21.05 55.79 -9.28
N GLU C 519 22.07 55.45 -8.50
CA GLU C 519 22.53 54.07 -8.43
C GLU C 519 21.84 53.31 -7.31
N ILE C 520 20.82 53.92 -6.73
CA ILE C 520 20.03 53.28 -5.69
C ILE C 520 18.58 53.08 -6.16
N GLN C 521 18.05 51.87 -5.97
CA GLN C 521 16.69 51.57 -6.35
C GLN C 521 15.72 51.79 -5.19
N PHE C 522 14.72 52.63 -5.40
CA PHE C 522 13.69 52.90 -4.40
C PHE C 522 12.37 52.28 -4.84
N SER C 523 12.09 51.07 -4.35
CA SER C 523 10.94 50.29 -4.79
C SER C 523 9.70 50.52 -3.94
N GLU C 524 8.53 50.39 -4.57
CA GLU C 524 7.25 50.53 -3.88
C GLU C 524 6.72 49.17 -3.41
N THR C 525 7.44 48.11 -3.73
CA THR C 525 7.07 46.78 -3.27
C THR C 525 8.28 45.92 -2.95
N ARG C 526 8.06 44.92 -2.11
CA ARG C 526 9.06 43.89 -1.85
C ARG C 526 8.33 42.63 -1.48
N GLU C 527 8.90 41.49 -1.83
CA GLU C 527 8.34 40.22 -1.38
C GLU C 527 8.23 40.24 0.14
N HIS C 528 7.10 39.79 0.67
CA HIS C 528 6.89 39.76 2.11
C HIS C 528 7.94 38.92 2.81
N VAL D 6 25.14 29.62 0.69
CA VAL D 6 24.84 30.29 1.95
C VAL D 6 23.88 29.43 2.81
N GLU D 7 22.95 28.77 2.15
CA GLU D 7 22.00 27.92 2.85
C GLU D 7 22.63 26.57 3.18
N LYS D 8 23.33 26.00 2.21
CA LYS D 8 24.05 24.75 2.41
C LYS D 8 24.89 24.81 3.67
N GLN D 9 25.57 25.95 3.87
CA GLN D 9 26.47 26.11 5.00
C GLN D 9 25.76 25.95 6.33
N THR D 10 24.52 26.43 6.40
CA THR D 10 23.74 26.29 7.62
C THR D 10 23.23 24.86 7.80
N ALA D 11 22.80 24.24 6.69
CA ALA D 11 22.21 22.91 6.75
C ALA D 11 23.18 21.84 7.27
N ARG D 13 25.65 22.27 9.41
CA ARG D 13 26.20 22.52 10.74
C ARG D 13 25.37 21.90 11.87
N ARG D 14 26.07 21.48 12.91
CA ARG D 14 25.45 20.93 14.11
C ARG D 14 26.17 21.48 15.32
N THR D 15 25.50 22.39 16.02
CA THR D 15 26.10 23.03 17.18
C THR D 15 25.46 22.47 18.43
N PHE D 16 26.30 21.94 19.33
CA PHE D 16 25.78 21.33 20.54
C PHE D 16 26.74 21.40 21.72
N ALA D 17 26.30 20.90 22.86
CA ALA D 17 27.12 20.85 24.05
C ALA D 17 26.81 19.57 24.78
N ILE D 18 27.77 19.08 25.56
CA ILE D 18 27.52 17.92 26.41
C ILE D 18 27.11 18.37 27.81
N ILE D 19 25.97 17.89 28.28
CA ILE D 19 25.55 18.18 29.64
C ILE D 19 25.65 16.94 30.49
N SER D 20 26.22 17.10 31.67
CA SER D 20 26.59 15.96 32.48
C SER D 20 27.13 16.38 33.82
N HIS D 21 26.95 15.50 34.81
CA HIS D 21 27.58 15.66 36.10
C HIS D 21 29.03 15.27 35.97
N PRO D 22 29.91 15.94 36.73
CA PRO D 22 31.34 15.62 36.72
C PRO D 22 31.62 14.12 36.82
N ASP D 23 32.62 13.65 36.09
CA ASP D 23 33.07 12.25 36.11
C ASP D 23 32.18 11.26 35.36
N ALA D 24 31.12 11.77 34.74
CA ALA D 24 30.21 10.92 33.97
C ALA D 24 30.86 10.36 32.69
N GLY D 25 31.83 11.09 32.14
CA GLY D 25 32.51 10.65 30.93
C GLY D 25 32.44 11.65 29.78
N LYS D 26 32.31 12.93 30.11
CA LYS D 26 32.26 13.96 29.07
C LYS D 26 33.58 14.06 28.32
N THR D 27 34.68 14.14 29.05
CA THR D 27 36.00 14.24 28.43
C THR D 27 36.26 13.01 27.55
N THR D 28 35.91 11.84 28.07
CA THR D 28 36.13 10.59 27.35
C THR D 28 35.31 10.54 26.07
N LEU D 29 34.01 10.79 26.18
CA LEU D 29 33.14 10.80 25.02
C LEU D 29 33.60 11.84 24.01
N THR D 30 33.95 13.03 24.51
CA THR D 30 34.48 14.10 23.67
C THR D 30 35.69 13.63 22.85
N GLU D 31 36.64 12.98 23.51
CA GLU D 31 37.82 12.42 22.85
C GLU D 31 37.40 11.51 21.68
N LYS D 32 36.47 10.60 21.94
CA LYS D 32 36.03 9.66 20.92
C LYS D 32 35.33 10.35 19.76
N LEU D 33 34.57 11.39 20.04
CA LEU D 33 33.88 12.15 18.99
C LEU D 33 34.88 12.85 18.09
N LEU D 34 35.92 13.42 18.68
CA LEU D 34 36.99 14.05 17.91
C LEU D 34 37.68 13.04 17.02
N LEU D 35 37.86 11.82 17.53
CA LEU D 35 38.51 10.76 16.75
C LEU D 35 37.71 10.43 15.49
N PHE D 36 36.39 10.36 15.63
CA PHE D 36 35.53 10.10 14.48
C PHE D 36 35.66 11.18 13.42
N GLY D 37 35.96 12.40 13.87
CA GLY D 37 36.08 13.53 12.98
C GLY D 37 37.49 13.72 12.48
N GLY D 38 38.41 12.90 12.98
CA GLY D 38 39.79 12.91 12.53
C GLY D 38 40.70 13.83 13.31
N ALA D 39 40.17 14.48 14.35
CA ALA D 39 40.96 15.42 15.13
C ALA D 39 41.94 14.70 16.06
N ILE D 40 42.69 13.76 15.50
CA ILE D 40 43.60 12.92 16.27
C ILE D 40 44.38 13.69 17.32
N GLN D 41 45.10 14.73 16.87
CA GLN D 41 45.89 15.55 17.78
C GLN D 41 45.03 16.09 18.90
N LEU D 42 43.96 16.81 18.56
CA LEU D 42 43.10 17.42 19.57
C LEU D 42 42.62 16.41 20.61
N ALA D 43 42.23 15.23 20.16
CA ALA D 43 41.76 14.18 21.05
C ALA D 43 42.80 13.85 22.12
N GLY D 44 44.07 13.90 21.73
CA GLY D 44 45.17 13.64 22.64
C GLY D 44 45.32 14.67 23.76
N THR D 45 45.24 15.95 23.41
CA THR D 45 45.39 17.01 24.41
C THR D 45 44.27 16.96 25.44
N ILE D 46 43.03 16.89 24.96
CA ILE D 46 41.87 16.86 25.85
C ILE D 46 42.15 15.96 27.05
N LYS D 47 42.77 14.81 26.78
CA LYS D 47 43.32 13.96 27.83
C LYS D 47 43.97 12.72 27.25
N HIS D 54 41.79 18.68 40.45
CA HIS D 54 42.47 19.46 41.47
C HIS D 54 41.67 20.70 41.87
N ALA D 55 42.36 21.80 42.19
CA ALA D 55 41.69 22.98 42.72
C ALA D 55 41.72 24.18 41.77
N THR D 56 40.89 25.18 42.06
CA THR D 56 40.84 26.39 41.27
C THR D 56 42.17 27.12 41.36
N SER D 57 42.80 27.03 42.53
CA SER D 57 44.14 27.55 42.75
C SER D 57 45.12 27.03 41.70
N ASP D 58 44.98 25.76 41.34
CA ASP D 58 45.85 25.15 40.35
C ASP D 58 45.48 25.59 38.93
N TRP D 59 44.19 25.71 38.68
CA TRP D 59 43.72 26.09 37.35
C TRP D 59 44.17 27.51 37.04
N GLU D 61 46.83 29.01 38.16
CA GLU D 61 48.25 28.92 37.86
C GLU D 61 48.52 28.51 36.42
N LEU D 62 47.95 27.40 35.98
CA LEU D 62 48.13 26.94 34.60
C LEU D 62 47.66 27.98 33.59
N GLU D 63 46.63 28.74 33.96
CA GLU D 63 46.07 29.75 33.07
C GLU D 63 47.00 30.95 32.95
N LYS D 64 47.57 31.35 34.08
CA LYS D 64 48.56 32.42 34.10
C LYS D 64 49.82 32.01 33.34
N GLN D 65 50.35 30.84 33.70
CA GLN D 65 51.56 30.32 33.08
C GLN D 65 51.38 30.16 31.58
N ARG D 66 50.23 29.62 31.19
CA ARG D 66 49.96 29.31 29.79
C ARG D 66 48.68 29.96 29.28
N SER D 69 41.66 26.77 28.58
CA SER D 69 42.21 27.80 27.72
C SER D 69 41.21 28.16 26.63
N VAL D 70 41.47 29.25 25.90
CA VAL D 70 40.50 29.79 24.96
C VAL D 70 40.43 29.04 23.64
N THR D 71 41.55 28.47 23.20
CA THR D 71 41.59 27.80 21.90
C THR D 71 40.71 26.54 21.87
N THR D 72 40.40 26.00 23.04
CA THR D 72 39.64 24.76 23.13
C THR D 72 38.26 24.92 23.81
N SER D 73 37.87 26.15 24.08
CA SER D 73 36.54 26.44 24.62
C SER D 73 35.47 26.00 23.63
N VAL D 74 35.81 26.04 22.36
CA VAL D 74 34.96 25.54 21.30
C VAL D 74 35.77 24.57 20.44
N GLN D 76 35.53 22.58 16.85
CA GLN D 76 34.86 22.39 15.56
C GLN D 76 35.59 21.31 14.76
N PHE D 77 34.85 20.33 14.27
CA PHE D 77 35.43 19.25 13.48
C PHE D 77 34.43 18.71 12.48
N PRO D 78 34.94 18.21 11.34
CA PRO D 78 34.07 17.65 10.31
C PRO D 78 33.75 16.19 10.61
N TYR D 79 32.58 15.73 10.17
CA TYR D 79 32.23 14.31 10.23
C TYR D 79 31.31 13.99 9.07
N LYS D 80 31.80 13.17 8.16
CA LYS D 80 31.12 12.94 6.90
C LYS D 80 30.86 14.27 6.21
N ASP D 81 29.60 14.58 5.90
CA ASP D 81 29.28 15.83 5.22
C ASP D 81 28.79 16.92 6.16
N TYR D 82 29.10 16.78 7.46
CA TYR D 82 28.65 17.76 8.44
C TYR D 82 29.82 18.50 9.07
N LEU D 83 29.54 19.68 9.59
CA LEU D 83 30.50 20.38 10.43
C LEU D 83 29.92 20.49 11.83
N ILE D 84 30.66 19.97 12.79
CA ILE D 84 30.17 19.92 14.16
C ILE D 84 30.83 20.97 15.03
N ASN D 85 30.03 21.76 15.72
CA ASN D 85 30.54 22.66 16.73
C ASN D 85 30.21 22.13 18.12
N LEU D 86 31.23 21.73 18.85
CA LEU D 86 31.08 21.28 20.23
C LEU D 86 31.55 22.38 21.18
N LEU D 87 30.61 22.99 21.89
CA LEU D 87 30.94 24.02 22.87
C LEU D 87 31.22 23.37 24.21
N ASP D 88 32.33 23.74 24.84
CA ASP D 88 32.70 23.13 26.13
C ASP D 88 31.86 23.67 27.30
N THR D 89 31.55 22.80 28.23
CA THR D 89 30.80 23.16 29.42
C THR D 89 31.59 22.71 30.65
N PRO D 90 32.60 23.50 31.04
CA PRO D 90 33.49 23.13 32.14
C PRO D 90 32.69 22.82 33.39
N GLY D 91 32.99 21.68 34.00
CA GLY D 91 32.27 21.22 35.19
C GLY D 91 33.14 20.97 36.39
N HIS D 92 34.46 20.99 36.21
CA HIS D 92 35.37 20.79 37.33
C HIS D 92 35.80 22.11 37.98
N ALA D 93 37.10 22.36 38.07
CA ALA D 93 37.59 23.54 38.78
C ALA D 93 37.22 24.85 38.08
N ASP D 94 37.04 24.76 36.76
CA ASP D 94 36.75 25.93 35.94
C ASP D 94 35.25 26.09 35.64
N PHE D 95 34.43 25.44 36.45
CA PHE D 95 32.99 25.61 36.40
C PHE D 95 32.60 27.01 36.87
N THR D 96 31.78 27.69 36.09
CA THR D 96 31.31 29.04 36.43
C THR D 96 29.95 29.25 35.80
N GLU D 97 29.41 30.46 35.92
CA GLU D 97 28.13 30.77 35.30
C GLU D 97 28.22 30.64 33.78
N ASP D 98 29.43 30.76 33.24
CA ASP D 98 29.66 30.61 31.82
C ASP D 98 29.26 29.21 31.36
N THR D 99 29.42 28.23 32.24
CA THR D 99 29.03 26.87 31.91
C THR D 99 27.53 26.79 31.62
N TYR D 100 26.72 27.52 32.39
CA TYR D 100 25.28 27.60 32.14
C TYR D 100 24.97 28.38 30.87
N ARG D 101 25.52 29.60 30.79
CA ARG D 101 25.18 30.52 29.71
C ARG D 101 25.58 29.99 28.33
N THR D 102 26.64 29.20 28.28
CA THR D 102 27.09 28.58 27.03
C THR D 102 25.96 27.82 26.33
N LEU D 103 25.07 27.22 27.12
CA LEU D 103 23.97 26.43 26.57
C LEU D 103 22.99 27.27 25.75
N THR D 104 22.99 28.59 25.95
CA THR D 104 22.12 29.46 25.16
C THR D 104 22.61 29.58 23.72
N ALA D 105 23.84 29.13 23.47
CA ALA D 105 24.42 29.24 22.14
C ALA D 105 24.40 27.93 21.35
N VAL D 106 23.70 26.93 21.87
CA VAL D 106 23.61 25.65 21.17
C VAL D 106 22.22 25.44 20.61
N ASP D 107 22.10 24.56 19.62
CA ASP D 107 20.80 24.22 19.07
C ASP D 107 20.28 22.89 19.63
N SER D 108 21.17 22.13 20.25
CA SER D 108 20.77 20.91 20.94
C SER D 108 21.84 20.48 21.94
N ALA D 109 21.53 19.50 22.76
CA ALA D 109 22.45 19.05 23.80
C ALA D 109 22.56 17.52 23.85
N LEU D 110 23.73 17.04 24.25
CA LEU D 110 23.93 15.61 24.47
C LEU D 110 24.19 15.36 25.96
N VAL D 112 25.08 13.11 29.09
CA VAL D 112 25.82 11.89 29.42
C VAL D 112 25.58 11.52 30.89
N ILE D 113 25.17 10.28 31.12
CA ILE D 113 24.84 9.81 32.44
C ILE D 113 25.69 8.61 32.83
N ASP D 114 26.17 8.60 34.07
CA ASP D 114 26.90 7.45 34.59
C ASP D 114 25.87 6.37 34.93
N ALA D 115 25.93 5.24 34.23
CA ALA D 115 24.95 4.17 34.42
C ALA D 115 24.91 3.71 35.86
N ALA D 116 26.03 3.86 36.56
CA ALA D 116 26.11 3.49 37.97
C ALA D 116 25.53 4.55 38.90
N LYS D 117 25.41 5.78 38.41
CA LYS D 117 25.00 6.91 39.24
C LYS D 117 23.58 7.38 38.94
N GLY D 118 23.15 7.24 37.69
CA GLY D 118 21.88 7.78 37.24
C GLY D 118 21.90 9.29 37.20
N VAL D 119 20.75 9.91 37.44
CA VAL D 119 20.62 11.36 37.45
C VAL D 119 21.32 11.98 38.65
N GLU D 120 22.28 12.87 38.40
CA GLU D 120 23.04 13.52 39.48
C GLU D 120 22.75 15.03 39.52
N PRO D 121 23.22 15.74 40.58
CA PRO D 121 22.90 17.16 40.76
C PRO D 121 23.12 18.07 39.54
N ARG D 122 24.30 18.04 38.93
CA ARG D 122 24.55 18.86 37.74
C ARG D 122 23.69 18.43 36.55
N THR D 123 23.34 17.15 36.49
CA THR D 123 22.49 16.67 35.40
C THR D 123 21.20 17.46 35.45
N ILE D 124 20.68 17.62 36.66
CA ILE D 124 19.44 18.36 36.88
C ILE D 124 19.56 19.85 36.53
N LYS D 125 20.62 20.50 37.01
CA LYS D 125 20.81 21.93 36.75
C LYS D 125 20.90 22.21 35.25
N LEU D 126 21.75 21.46 34.57
CA LEU D 126 22.01 21.69 33.14
C LEU D 126 20.76 21.43 32.27
N GLU D 128 17.77 21.95 33.46
CA GLU D 128 16.97 23.13 33.78
C GLU D 128 17.35 24.29 32.86
N VAL D 129 18.66 24.44 32.63
CA VAL D 129 19.15 25.51 31.75
C VAL D 129 18.72 25.28 30.31
N CYS D 130 18.84 24.04 29.85
CA CYS D 130 18.41 23.66 28.52
C CYS D 130 16.91 23.85 28.33
N ARG D 131 16.15 23.57 29.37
CA ARG D 131 14.69 23.67 29.33
C ARG D 131 14.23 25.12 29.04
N LEU D 132 15.07 26.09 29.38
CA LEU D 132 14.77 27.49 29.08
C LEU D 132 14.37 27.67 27.61
N ARG D 133 15.05 26.96 26.73
CA ARG D 133 14.80 27.08 25.30
C ARG D 133 14.24 25.79 24.72
N HIS D 134 13.80 24.89 25.60
CA HIS D 134 13.33 23.58 25.19
C HIS D 134 14.34 22.94 24.25
N THR D 135 15.61 22.99 24.65
CA THR D 135 16.68 22.45 23.83
C THR D 135 16.50 20.94 23.66
N PRO D 136 16.55 20.48 22.40
CA PRO D 136 16.50 19.04 22.12
C PRO D 136 17.65 18.32 22.81
N ILE D 137 17.36 17.16 23.39
CA ILE D 137 18.35 16.40 24.15
C ILE D 137 18.51 14.98 23.60
N THR D 139 20.54 11.41 24.65
CA THR D 139 21.12 10.87 25.88
C THR D 139 22.04 9.67 25.64
N PHE D 140 23.22 9.72 26.25
CA PHE D 140 24.15 8.60 26.22
C PHE D 140 24.36 8.05 27.63
N ILE D 141 23.95 6.81 27.84
CA ILE D 141 24.17 6.15 29.11
C ILE D 141 25.53 5.47 29.05
N ASN D 142 26.48 6.00 29.83
CA ASN D 142 27.87 5.61 29.72
C ASN D 142 28.26 4.52 30.73
N LYS D 143 29.42 3.91 30.51
CA LYS D 143 30.01 2.93 31.43
C LYS D 143 29.28 1.59 31.56
N ASP D 145 30.40 -1.17 30.64
CA ASP D 145 31.41 -2.20 30.91
C ASP D 145 31.55 -2.53 32.41
N ARG D 146 30.95 -1.71 33.26
CA ARG D 146 30.93 -1.97 34.70
C ARG D 146 29.48 -2.17 35.13
N ASP D 147 29.27 -2.75 36.30
CA ASP D 147 27.91 -2.92 36.80
C ASP D 147 27.14 -1.61 36.73
N THR D 148 25.83 -1.68 36.58
CA THR D 148 25.05 -0.46 36.47
C THR D 148 23.76 -0.56 37.29
N ARG D 149 23.02 0.54 37.33
CA ARG D 149 21.63 0.50 37.79
C ARG D 149 20.82 -0.15 36.68
N PRO D 150 19.68 -0.77 37.02
CA PRO D 150 18.87 -1.40 35.98
C PRO D 150 18.45 -0.38 34.92
N SER D 151 18.45 -0.82 33.66
CA SER D 151 18.19 0.07 32.54
C SER D 151 16.81 0.73 32.64
N ILE D 152 15.81 -0.04 33.04
CA ILE D 152 14.45 0.48 33.19
C ILE D 152 14.39 1.51 34.31
N GLU D 153 15.20 1.30 35.35
CA GLU D 153 15.31 2.24 36.45
C GLU D 153 15.90 3.57 35.97
N LEU D 154 17.00 3.49 35.24
CA LEU D 154 17.67 4.67 34.72
C LEU D 154 16.72 5.57 33.92
N LEU D 155 15.89 4.96 33.09
CA LEU D 155 14.97 5.73 32.23
C LEU D 155 13.84 6.34 33.05
N ASP D 156 13.40 5.63 34.08
CA ASP D 156 12.32 6.15 34.93
C ASP D 156 12.79 7.35 35.73
N GLU D 157 14.04 7.32 36.17
CA GLU D 157 14.60 8.43 36.90
C GLU D 157 14.71 9.63 35.97
N ILE D 158 15.06 9.38 34.72
CA ILE D 158 15.14 10.46 33.75
C ILE D 158 13.76 11.04 33.49
N GLU D 159 12.77 10.19 33.25
CA GLU D 159 11.42 10.68 33.00
C GLU D 159 10.83 11.40 34.21
N SER D 160 11.04 10.86 35.40
CA SER D 160 10.42 11.40 36.58
C SER D 160 11.14 12.65 37.07
N ILE D 161 12.46 12.57 37.21
CA ILE D 161 13.23 13.68 37.70
C ILE D 161 13.47 14.76 36.65
N LEU D 162 13.84 14.36 35.44
CA LEU D 162 14.17 15.33 34.40
C LEU D 162 12.97 15.75 33.56
N ARG D 163 11.80 15.18 33.85
CA ARG D 163 10.57 15.53 33.17
C ARG D 163 10.71 15.48 31.64
N ILE D 164 11.18 14.34 31.14
CA ILE D 164 11.26 14.14 29.69
C ILE D 164 11.09 12.66 29.34
N HIS D 165 10.36 12.40 28.27
CA HIS D 165 10.09 11.03 27.84
C HIS D 165 11.35 10.39 27.29
N CYS D 166 11.58 9.13 27.65
CA CYS D 166 12.74 8.41 27.14
C CYS D 166 12.35 7.52 25.96
N ALA D 167 13.11 7.65 24.87
CA ALA D 167 12.89 6.85 23.68
C ALA D 167 14.14 6.05 23.32
N PRO D 168 14.27 4.83 23.86
CA PRO D 168 15.44 4.00 23.58
C PRO D 168 15.70 3.82 22.09
N VAL D 169 16.95 3.99 21.68
CA VAL D 169 17.35 3.77 20.29
C VAL D 169 18.37 2.64 20.21
N THR D 170 19.28 2.60 21.18
CA THR D 170 20.09 1.41 21.37
C THR D 170 19.81 0.89 22.76
N TRP D 171 20.11 -0.39 23.00
CA TRP D 171 19.80 -1.00 24.29
C TRP D 171 20.97 -1.90 24.67
N PRO D 172 21.26 -2.01 25.97
CA PRO D 172 22.45 -2.78 26.35
C PRO D 172 22.19 -4.29 26.36
N ILE D 173 23.23 -5.06 26.04
CA ILE D 173 23.16 -6.51 26.16
C ILE D 173 24.06 -6.95 27.32
N GLY D 174 23.44 -7.28 28.44
CA GLY D 174 24.16 -7.59 29.66
C GLY D 174 24.67 -6.31 30.28
N GLY D 176 28.29 -4.74 32.92
CA GLY D 176 29.56 -5.01 33.57
C GLY D 176 30.28 -6.18 32.96
N LYS D 177 30.55 -7.19 33.78
CA LYS D 177 31.33 -8.35 33.37
C LYS D 177 30.71 -9.08 32.19
N TYR D 178 29.38 -9.09 32.13
CA TYR D 178 28.68 -9.78 31.06
C TYR D 178 28.07 -8.83 30.05
N PHE D 179 28.72 -7.69 29.84
CA PHE D 179 28.32 -6.74 28.80
C PHE D 179 28.81 -7.25 27.45
N LYS D 180 27.86 -7.54 26.56
CA LYS D 180 28.19 -8.17 25.29
C LYS D 180 28.00 -7.25 24.09
N GLY D 181 27.37 -6.10 24.31
CA GLY D 181 27.14 -5.16 23.23
C GLY D 181 25.80 -4.44 23.34
N ILE D 182 25.26 -4.02 22.21
CA ILE D 182 24.01 -3.25 22.19
C ILE D 182 23.08 -3.68 21.06
N TYR D 183 21.80 -3.42 21.28
CA TYR D 183 20.78 -3.64 20.27
C TYR D 183 20.29 -2.30 19.76
N HIS D 184 20.29 -2.13 18.43
CA HIS D 184 19.77 -0.93 17.80
C HIS D 184 18.32 -1.19 17.43
N LEU D 185 17.39 -0.57 18.14
CA LEU D 185 15.96 -0.82 17.93
C LEU D 185 15.45 -0.44 16.54
N ILE D 186 16.07 0.55 15.90
CA ILE D 186 15.61 1.01 14.59
C ILE D 186 16.22 0.18 13.46
N GLU D 187 17.44 -0.28 13.65
CA GLU D 187 18.11 -1.12 12.65
C GLU D 187 17.76 -2.58 12.85
N ASP D 188 17.29 -2.93 14.04
CA ASP D 188 17.07 -4.33 14.39
C ASP D 188 18.38 -5.08 14.18
N ALA D 189 19.48 -4.47 14.59
CA ALA D 189 20.78 -5.10 14.46
C ALA D 189 21.56 -5.10 15.77
N ILE D 190 22.37 -6.13 15.96
CA ILE D 190 23.14 -6.29 17.18
C ILE D 190 24.61 -5.97 16.93
N TYR D 191 25.18 -5.12 17.77
CA TYR D 191 26.59 -4.81 17.70
C TYR D 191 27.33 -5.44 18.88
N LEU D 192 28.22 -6.37 18.56
CA LEU D 192 28.95 -7.11 19.59
C LEU D 192 30.15 -6.36 20.12
N TYR D 193 30.17 -6.21 21.44
CA TYR D 193 31.26 -5.58 22.16
C TYR D 193 32.38 -6.59 22.37
N GLN D 194 33.29 -6.67 21.42
CA GLN D 194 34.41 -7.60 21.51
C GLN D 194 35.72 -6.83 21.63
N PRO D 195 36.05 -6.38 22.85
CA PRO D 195 37.26 -5.60 23.10
C PRO D 195 38.50 -6.32 22.60
N GLY D 196 39.15 -5.74 21.59
CA GLY D 196 40.35 -6.32 21.03
C GLY D 196 41.61 -5.68 21.58
N SER D 204 33.78 -4.96 15.62
CA SER D 204 32.46 -4.42 15.33
C SER D 204 31.60 -5.43 14.57
N GLU D 205 31.46 -6.62 15.14
CA GLU D 205 30.64 -7.66 14.52
C GLU D 205 29.16 -7.33 14.64
N ARG D 206 28.46 -7.33 13.51
CA ARG D 206 27.05 -6.98 13.43
C ARG D 206 26.20 -8.17 13.05
N ILE D 207 25.15 -8.41 13.84
CA ILE D 207 24.21 -9.49 13.58
C ILE D 207 22.84 -8.91 13.30
N GLU D 208 22.25 -9.30 12.17
CA GLU D 208 20.94 -8.77 11.79
C GLU D 208 19.81 -9.61 12.36
N GLY D 209 18.81 -8.92 12.93
CA GLY D 209 17.65 -9.58 13.48
C GLY D 209 17.78 -9.93 14.95
N ILE D 210 16.82 -9.47 15.76
CA ILE D 210 16.84 -9.73 17.20
C ILE D 210 16.45 -11.19 17.50
N ASN D 211 15.79 -11.83 16.55
CA ASN D 211 15.41 -13.23 16.69
C ASN D 211 16.33 -14.17 15.93
N ASN D 212 17.41 -13.63 15.36
CA ASN D 212 18.40 -14.42 14.67
C ASN D 212 19.08 -15.45 15.59
N PRO D 213 19.04 -16.74 15.20
CA PRO D 213 19.57 -17.85 16.00
C PRO D 213 21.05 -17.73 16.34
N GLU D 214 21.81 -17.00 15.52
CA GLU D 214 23.22 -16.75 15.81
C GLU D 214 23.39 -16.01 17.14
N LEU D 215 22.38 -15.23 17.53
CA LEU D 215 22.44 -14.50 18.80
C LEU D 215 22.51 -15.47 19.99
N ASP D 216 21.61 -16.45 20.00
CA ASP D 216 21.54 -17.40 21.10
C ASP D 216 22.81 -18.26 21.18
N LYS D 217 23.45 -18.49 20.03
CA LYS D 217 24.67 -19.28 19.99
C LYS D 217 25.83 -18.54 20.63
N LYS D 218 25.86 -17.23 20.43
CA LYS D 218 26.96 -16.41 20.92
C LYS D 218 26.69 -15.80 22.29
N LEU D 219 25.44 -15.45 22.56
CA LEU D 219 25.11 -14.73 23.80
C LEU D 219 24.30 -15.58 24.79
N GLY D 220 23.90 -16.77 24.36
CA GLY D 220 23.12 -17.66 25.20
C GLY D 220 21.90 -17.02 25.83
N ASP D 221 21.85 -17.03 27.16
CA ASP D 221 20.72 -16.50 27.90
C ASP D 221 20.52 -14.99 27.75
N LEU D 222 21.60 -14.28 27.50
CA LEU D 222 21.51 -12.83 27.34
C LEU D 222 20.60 -12.47 26.17
N ALA D 223 20.51 -13.36 25.19
CA ALA D 223 19.65 -13.13 24.04
C ALA D 223 18.19 -13.07 24.43
N SER D 224 17.76 -14.00 25.29
CA SER D 224 16.38 -14.06 25.72
C SER D 224 16.02 -12.90 26.65
N GLU D 225 16.94 -12.56 27.55
CA GLU D 225 16.77 -11.40 28.42
C GLU D 225 16.64 -10.12 27.59
N LEU D 226 17.42 -10.04 26.51
CA LEU D 226 17.34 -8.89 25.60
C LEU D 226 15.94 -8.74 25.03
N ARG D 227 15.44 -9.84 24.45
CA ARG D 227 14.12 -9.86 23.83
C ARG D 227 13.03 -9.54 24.85
N ASN D 228 13.22 -10.03 26.07
CA ASN D 228 12.32 -9.71 27.17
C ASN D 228 12.32 -8.21 27.43
N GLU D 229 13.50 -7.64 27.63
CA GLU D 229 13.64 -6.22 27.96
C GLU D 229 13.12 -5.31 26.84
N ILE D 230 13.33 -5.72 25.60
CA ILE D 230 12.83 -4.95 24.46
C ILE D 230 11.30 -4.92 24.49
N GLU D 231 10.69 -6.06 24.82
CA GLU D 231 9.24 -6.14 25.00
C GLU D 231 8.77 -5.19 26.09
N LEU D 232 9.48 -5.19 27.23
CA LEU D 232 9.15 -4.28 28.32
C LEU D 232 9.28 -2.83 27.87
N VAL D 233 10.37 -2.54 27.17
CA VAL D 233 10.61 -1.19 26.67
C VAL D 233 9.54 -0.73 25.69
N LYS D 234 9.20 -1.59 24.74
CA LYS D 234 8.13 -1.28 23.81
C LYS D 234 6.86 -0.85 24.56
N GLY D 235 6.46 -1.67 25.53
CA GLY D 235 5.22 -1.45 26.24
C GLY D 235 5.16 -0.21 27.11
N ALA D 236 6.24 0.06 27.85
CA ALA D 236 6.24 1.13 28.84
C ALA D 236 7.08 2.34 28.45
N SER D 237 7.51 2.40 27.19
CA SER D 237 8.37 3.49 26.75
C SER D 237 7.90 4.07 25.42
N HIS D 238 8.67 5.01 24.88
CA HIS D 238 8.31 5.66 23.62
C HIS D 238 9.27 5.28 22.51
N PRO D 239 8.75 5.18 21.28
CA PRO D 239 9.61 5.05 20.10
C PRO D 239 10.09 6.43 19.70
N PHE D 240 11.24 6.52 19.03
CA PHE D 240 11.73 7.82 18.64
C PHE D 240 10.78 8.50 17.66
N GLU D 241 10.52 9.78 17.90
CA GLU D 241 9.73 10.61 16.99
C GLU D 241 10.37 11.99 17.02
N ARG D 242 10.75 12.50 15.85
CA ARG D 242 11.61 13.68 15.77
C ARG D 242 10.91 14.98 16.19
N GLU D 243 9.62 15.09 15.92
CA GLU D 243 8.88 16.27 16.33
C GLU D 243 9.00 16.48 17.84
N GLY D 244 8.88 15.38 18.60
CA GLY D 244 8.97 15.44 20.05
C GLY D 244 10.37 15.70 20.56
N TYR D 245 11.34 15.01 19.95
CA TYR D 245 12.75 15.28 20.21
C TYR D 245 13.09 16.76 19.97
N LEU D 246 12.63 17.28 18.83
CA LEU D 246 12.90 18.67 18.46
C LEU D 246 12.17 19.66 19.35
N LYS D 247 11.06 19.23 19.94
CA LYS D 247 10.29 20.07 20.85
C LYS D 247 10.83 20.03 22.27
N GLY D 248 11.73 19.08 22.54
CA GLY D 248 12.34 18.94 23.84
C GLY D 248 11.52 18.11 24.82
N GLU D 249 10.63 17.29 24.27
CA GLU D 249 9.73 16.48 25.08
C GLU D 249 10.16 15.01 25.11
N LEU D 250 11.07 14.66 24.22
CA LEU D 250 11.49 13.28 24.06
C LEU D 250 12.98 13.20 23.77
N THR D 251 13.66 12.30 24.45
CA THR D 251 15.09 12.12 24.24
C THR D 251 15.45 10.71 23.81
N PRO D 252 16.08 10.57 22.64
CA PRO D 252 16.58 9.25 22.22
C PRO D 252 17.67 8.77 23.16
N ILE D 253 17.59 7.53 23.61
CA ILE D 253 18.60 6.99 24.51
C ILE D 253 19.56 6.05 23.80
N PHE D 254 20.85 6.25 24.05
CA PHE D 254 21.90 5.37 23.57
C PHE D 254 22.71 4.86 24.75
N PHE D 255 23.17 3.62 24.64
CA PHE D 255 23.98 3.01 25.69
C PHE D 255 25.36 2.67 25.14
N GLY D 256 26.36 2.67 26.01
CA GLY D 256 27.68 2.23 25.59
C GLY D 256 28.79 2.38 26.60
N SER D 257 30.01 2.27 26.11
CA SER D 257 31.21 2.42 26.89
C SER D 257 32.12 3.36 26.13
N ALA D 258 32.26 4.59 26.62
CA ALA D 258 33.04 5.60 25.92
C ALA D 258 34.53 5.33 25.99
N ILE D 259 34.97 4.76 27.10
CA ILE D 259 36.39 4.46 27.25
C ILE D 259 36.82 3.40 26.24
N ASN D 260 35.88 2.52 25.88
CA ASN D 260 36.14 1.50 24.89
C ASN D 260 35.66 1.91 23.50
N ASN D 261 35.25 3.17 23.37
CA ASN D 261 34.77 3.70 22.11
C ASN D 261 33.64 2.83 21.56
N PHE D 262 32.83 2.29 22.47
CA PHE D 262 31.74 1.42 22.03
C PHE D 262 30.39 2.10 22.17
N GLY D 263 29.59 1.99 21.12
CA GLY D 263 28.27 2.60 21.10
C GLY D 263 28.30 4.06 20.74
N VAL D 264 29.50 4.60 20.59
CA VAL D 264 29.67 6.03 20.28
C VAL D 264 29.24 6.33 18.85
N GLY D 265 29.62 5.45 17.93
CA GLY D 265 29.28 5.57 16.52
C GLY D 265 27.78 5.67 16.26
N GLU D 266 27.00 4.79 16.88
CA GLU D 266 25.56 4.81 16.72
C GLU D 266 24.98 6.16 17.14
N LEU D 267 25.43 6.65 18.28
CA LEU D 267 25.01 7.95 18.81
C LEU D 267 25.33 9.07 17.83
N LEU D 268 26.58 9.08 17.38
CA LEU D 268 27.07 10.14 16.51
C LEU D 268 26.30 10.20 15.20
N ASP D 269 26.04 9.03 14.62
CA ASP D 269 25.31 8.96 13.35
C ASP D 269 23.88 9.43 13.51
N ALA D 270 23.27 9.10 14.65
CA ALA D 270 21.93 9.57 14.93
C ALA D 270 21.95 11.07 15.21
N PHE D 271 23.01 11.53 15.88
CA PHE D 271 23.17 12.95 16.18
C PHE D 271 23.16 13.82 14.93
N VAL D 272 24.15 13.65 14.06
CA VAL D 272 24.22 14.46 12.85
C VAL D 272 22.95 14.35 12.00
N LYS D 273 22.28 13.21 12.08
CA LYS D 273 21.08 12.96 11.28
C LYS D 273 19.84 13.65 11.83
N GLU D 274 19.67 13.60 13.16
CA GLU D 274 18.44 14.08 13.79
C GLU D 274 18.58 15.44 14.46
N ALA D 275 19.76 15.73 15.01
CA ALA D 275 19.96 17.00 15.69
C ALA D 275 19.77 18.18 14.74
N PRO D 276 19.18 19.27 15.22
CA PRO D 276 18.83 20.40 14.36
C PRO D 276 20.02 21.24 13.93
N PRO D 277 19.96 21.80 12.71
CA PRO D 277 20.92 22.81 12.27
C PRO D 277 20.67 24.12 13.01
N PRO D 278 21.55 25.11 12.86
CA PRO D 278 21.36 26.38 13.56
C PRO D 278 19.95 26.92 13.32
N GLN D 279 19.31 27.40 14.38
CA GLN D 279 17.93 27.88 14.29
C GLN D 279 17.88 29.39 14.42
N GLY D 280 16.75 29.98 14.03
CA GLY D 280 16.53 31.40 14.17
C GLY D 280 16.52 31.79 15.64
N ARG D 281 16.84 33.04 15.93
CA ARG D 281 16.73 33.54 17.30
C ARG D 281 15.89 34.81 17.40
N GLU D 282 15.19 34.94 18.52
CA GLU D 282 14.35 36.10 18.76
C GLU D 282 15.18 37.31 19.20
N THR D 283 14.64 38.49 18.93
CA THR D 283 15.26 39.74 19.37
C THR D 283 14.20 40.56 20.08
N ASN D 284 14.53 41.80 20.41
CA ASN D 284 13.58 42.65 21.10
C ASN D 284 12.39 43.02 20.23
N SER D 285 12.51 42.74 18.92
CA SER D 285 11.39 42.91 18.00
C SER D 285 11.21 41.67 17.12
N ARG D 286 11.83 41.68 15.95
CA ARG D 286 11.62 40.62 14.99
C ARG D 286 12.42 39.36 15.28
N LEU D 287 11.97 38.25 14.69
CA LEU D 287 12.71 37.00 14.68
C LEU D 287 13.79 37.09 13.59
N VAL D 288 14.99 36.63 13.91
CA VAL D 288 16.09 36.61 12.95
C VAL D 288 16.39 35.18 12.50
N LYS D 289 16.39 34.97 11.19
CA LYS D 289 16.64 33.65 10.61
C LYS D 289 18.08 33.51 10.11
N PRO D 290 18.66 32.31 10.27
CA PRO D 290 20.07 32.08 9.94
C PRO D 290 20.36 32.31 8.46
N GLU D 291 19.41 31.97 7.60
CA GLU D 291 19.64 32.09 6.16
C GLU D 291 19.69 33.53 5.63
N GLU D 292 19.33 34.50 6.47
CA GLU D 292 19.39 35.90 6.05
C GLU D 292 20.80 36.24 5.56
N GLU D 293 20.89 37.12 4.58
CA GLU D 293 22.17 37.46 3.96
C GLU D 293 23.07 38.27 4.90
N LYS D 294 22.45 39.07 5.76
CA LYS D 294 23.20 39.96 6.66
C LYS D 294 23.79 39.22 7.86
N PHE D 295 25.02 39.56 8.20
CA PHE D 295 25.69 39.03 9.38
C PHE D 295 25.06 39.57 10.67
N SER D 296 24.89 38.68 11.65
CA SER D 296 24.49 39.10 12.99
C SER D 296 24.86 38.02 14.01
N GLY D 297 25.03 38.43 15.27
CA GLY D 297 25.35 37.49 16.33
C GLY D 297 25.29 38.11 17.72
N PHE D 298 25.50 37.28 18.74
CA PHE D 298 25.46 37.76 20.12
C PHE D 298 26.58 37.15 20.97
N VAL D 299 27.00 37.91 21.98
CA VAL D 299 28.07 37.53 22.89
C VAL D 299 27.51 36.80 24.10
N PHE D 300 27.99 35.57 24.34
CA PHE D 300 27.46 34.75 25.43
C PHE D 300 28.51 34.41 26.50
N LYS D 301 29.77 34.71 26.21
CA LYS D 301 30.85 34.39 27.14
C LYS D 301 32.05 35.32 26.93
N ILE D 302 32.73 35.68 28.01
CA ILE D 302 33.93 36.49 27.92
C ILE D 302 35.07 35.93 28.78
N GLN D 303 36.26 35.89 28.20
CA GLN D 303 37.44 35.43 28.93
C GLN D 303 38.60 36.41 28.77
N ALA D 304 39.20 36.77 29.90
CA ALA D 304 40.29 37.75 29.89
C ALA D 304 41.66 37.10 30.01
N ASN D 305 42.66 37.77 29.48
CA ASN D 305 44.05 37.33 29.60
C ASN D 305 44.53 37.49 31.04
N ASP D 307 47.44 37.54 31.99
CA ASP D 307 48.77 38.14 31.99
C ASP D 307 48.80 39.44 32.76
N PRO D 308 49.79 39.59 33.66
CA PRO D 308 49.96 40.83 34.42
C PRO D 308 50.25 42.02 33.50
N GLY D 309 49.50 43.10 33.67
CA GLY D 309 49.70 44.29 32.86
C GLY D 309 48.90 44.30 31.58
N HIS D 310 48.39 43.15 31.18
CA HIS D 310 47.61 43.05 29.95
C HIS D 310 46.10 43.23 30.18
N ARG D 311 45.43 43.75 29.16
CA ARG D 311 43.99 44.03 29.23
C ARG D 311 43.22 43.24 28.18
N ASP D 312 43.88 42.25 27.58
CA ASP D 312 43.30 41.44 26.50
C ASP D 312 42.07 40.66 26.95
N ARG D 313 41.06 40.62 26.08
CA ARG D 313 39.85 39.86 26.34
C ARG D 313 39.33 39.23 25.04
N ILE D 314 38.66 38.10 25.16
CA ILE D 314 38.02 37.49 23.99
C ILE D 314 36.53 37.31 24.23
N ALA D 315 35.73 37.99 23.42
CA ALA D 315 34.29 37.92 23.52
C ALA D 315 33.75 36.85 22.59
N PHE D 316 33.22 35.78 23.16
CA PHE D 316 32.69 34.66 22.38
C PHE D 316 31.34 35.01 21.79
N LEU D 317 31.26 35.00 20.46
CA LEU D 317 30.03 35.35 19.75
C LEU D 317 29.52 34.18 18.94
N ARG D 318 28.24 33.85 19.09
CA ARG D 318 27.61 32.88 18.23
C ARG D 318 27.02 33.59 17.02
N ILE D 319 27.28 33.07 15.82
CA ILE D 319 26.75 33.68 14.61
C ILE D 319 25.28 33.28 14.39
N ALA D 320 24.39 34.27 14.41
CA ALA D 320 22.96 34.01 14.26
C ALA D 320 22.48 34.07 12.82
N SER D 321 23.21 34.80 11.98
CA SER D 321 22.83 34.92 10.58
C SER D 321 23.99 35.42 9.72
N GLY D 322 23.80 35.35 8.41
CA GLY D 322 24.78 35.85 7.46
C GLY D 322 26.10 35.10 7.47
N GLN D 323 27.17 35.83 7.20
CA GLN D 323 28.50 35.24 7.08
C GLN D 323 29.52 36.10 7.80
N TYR D 324 30.37 35.48 8.61
CA TYR D 324 31.50 36.21 9.17
C TYR D 324 32.61 36.25 8.15
N GLN D 325 33.20 37.43 7.96
CA GLN D 325 34.28 37.59 7.02
C GLN D 325 35.40 38.38 7.68
N LYS D 326 36.60 37.82 7.62
CA LYS D 326 37.75 38.42 8.30
C LYS D 326 38.01 39.83 7.78
N GLY D 327 38.06 40.79 8.69
CA GLY D 327 38.29 42.18 8.33
C GLY D 327 37.01 42.94 8.00
N LYS D 329 33.44 44.99 8.43
CA LYS D 329 32.81 46.01 9.28
C LYS D 329 31.56 45.40 9.90
N ALA D 330 31.34 45.68 11.19
CA ALA D 330 30.14 45.22 11.87
C ALA D 330 29.57 46.35 12.71
N TYR D 331 28.30 46.21 13.10
CA TYR D 331 27.65 47.26 13.90
C TYR D 331 27.50 46.83 15.35
N HIS D 332 28.11 47.60 16.24
CA HIS D 332 28.08 47.32 17.67
C HIS D 332 26.87 48.02 18.28
N VAL D 333 25.77 47.29 18.33
CA VAL D 333 24.47 47.85 18.65
C VAL D 333 24.42 48.67 19.94
N ARG D 334 24.96 48.13 21.02
CA ARG D 334 24.93 48.82 22.30
C ARG D 334 25.67 50.16 22.20
N LEU D 335 26.82 50.16 21.54
CA LEU D 335 27.62 51.37 21.39
C LEU D 335 27.15 52.19 20.18
N LYS D 336 26.14 51.68 19.49
CA LYS D 336 25.60 52.32 18.30
C LYS D 336 26.68 52.94 17.43
N LYS D 337 27.66 52.13 17.06
CA LYS D 337 28.73 52.56 16.17
C LYS D 337 29.31 51.41 15.36
N GLU D 338 30.17 51.74 14.41
CA GLU D 338 30.76 50.75 13.53
C GLU D 338 32.15 50.35 14.02
N ILE D 339 32.41 49.06 14.02
CA ILE D 339 33.69 48.54 14.44
C ILE D 339 34.22 47.62 13.36
N GLN D 340 35.44 47.14 13.53
CA GLN D 340 36.03 46.21 12.58
C GLN D 340 36.44 44.94 13.30
N ILE D 341 36.17 43.79 12.67
CA ILE D 341 36.56 42.50 13.23
C ILE D 341 37.67 41.93 12.38
N ASN D 342 38.92 42.14 12.81
CA ASN D 342 40.08 41.82 11.97
C ASN D 342 40.57 40.38 12.05
N ASN D 343 40.65 39.84 13.26
CA ASN D 343 41.24 38.52 13.44
C ASN D 343 40.51 37.71 14.51
N ALA D 344 39.22 37.48 14.29
CA ALA D 344 38.40 36.74 15.25
C ALA D 344 38.89 35.33 15.45
N LEU D 345 38.93 34.89 16.71
CA LEU D 345 39.34 33.53 17.05
C LEU D 345 38.36 32.51 16.46
N THR D 346 38.89 31.55 15.71
CA THR D 346 38.08 30.45 15.19
C THR D 346 38.50 29.13 15.85
N PHE D 347 37.77 28.05 15.59
CA PHE D 347 37.91 26.85 16.41
C PHE D 347 37.96 25.51 15.66
N ALA D 349 39.46 22.20 14.51
CA ALA D 349 40.51 21.35 15.07
C ALA D 349 41.70 21.24 14.12
N GLY D 350 42.90 21.25 14.70
CA GLY D 350 44.11 21.14 13.90
C GLY D 350 44.41 22.36 13.04
N LYS D 351 43.63 23.42 13.20
CA LYS D 351 43.82 24.63 12.41
C LYS D 351 45.16 25.27 12.75
N ARG D 352 45.67 26.05 11.81
CA ARG D 352 46.92 26.78 12.03
C ARG D 352 46.62 28.22 12.41
N GLU D 353 45.69 28.82 11.69
CA GLU D 353 45.31 30.20 11.93
C GLU D 353 43.80 30.36 11.93
N ASN D 354 43.33 31.56 12.28
CA ASN D 354 41.91 31.84 12.31
C ASN D 354 41.30 31.86 10.90
N ALA D 355 40.19 31.14 10.72
CA ALA D 355 39.54 31.05 9.44
C ALA D 355 39.14 32.42 8.90
N GLU D 356 39.14 32.56 7.57
CA GLU D 356 38.80 33.83 6.93
C GLU D 356 37.29 34.05 6.95
N GLU D 357 36.54 32.99 7.22
CA GLU D 357 35.08 33.10 7.27
C GLU D 357 34.45 32.12 8.25
N ALA D 358 33.17 32.33 8.53
CA ALA D 358 32.41 31.45 9.41
C ALA D 358 30.93 31.69 9.14
N TRP D 359 30.08 30.77 9.57
CA TRP D 359 28.67 30.81 9.21
C TRP D 359 27.75 30.61 10.42
N PRO D 360 26.43 30.75 10.22
CA PRO D 360 25.47 30.60 11.32
C PRO D 360 25.64 29.28 12.08
N GLY D 361 25.65 29.37 13.41
CA GLY D 361 25.89 28.21 14.24
C GLY D 361 27.31 28.19 14.77
N ASP D 362 28.24 28.77 14.02
CA ASP D 362 29.64 28.81 14.43
C ASP D 362 29.83 29.82 15.56
N ILE D 363 30.89 29.62 16.34
CA ILE D 363 31.31 30.59 17.33
C ILE D 363 32.61 31.24 16.85
N ILE D 364 32.74 32.54 17.07
CA ILE D 364 34.01 33.22 16.83
C ILE D 364 34.37 34.03 18.06
N GLY D 365 35.66 34.30 18.25
CA GLY D 365 36.13 35.04 19.40
C GLY D 365 36.56 36.46 19.05
N LEU D 366 35.81 37.45 19.53
CA LEU D 366 36.10 38.84 19.22
C LEU D 366 37.13 39.47 20.17
N HIS D 367 38.28 39.84 19.61
CA HIS D 367 39.31 40.51 20.38
C HIS D 367 38.90 41.92 20.77
N ASN D 368 39.05 42.25 22.04
CA ASN D 368 38.77 43.60 22.54
C ASN D 368 39.38 43.85 23.90
N HIS D 369 39.14 45.04 24.45
CA HIS D 369 39.72 45.42 25.72
C HIS D 369 38.69 46.03 26.67
N GLY D 370 37.44 45.58 26.57
CA GLY D 370 36.40 46.01 27.50
C GLY D 370 35.20 46.69 26.87
N THR D 371 35.21 46.84 25.55
CA THR D 371 34.08 47.47 24.86
C THR D 371 33.00 46.47 24.46
N ILE D 372 33.22 45.19 24.77
CA ILE D 372 32.23 44.17 24.46
C ILE D 372 31.76 43.44 25.73
N GLN D 373 30.45 43.43 25.95
CA GLN D 373 29.88 42.85 27.17
C GLN D 373 28.93 41.70 26.85
N ILE D 374 28.62 40.90 27.88
CA ILE D 374 27.67 39.81 27.73
C ILE D 374 26.36 40.35 27.17
N GLY D 375 25.84 39.70 26.13
CA GLY D 375 24.57 40.08 25.54
C GLY D 375 24.71 41.01 24.35
N ASP D 376 25.90 41.54 24.12
CA ASP D 376 26.13 42.47 23.02
C ASP D 376 25.72 41.87 21.70
N THR D 377 24.84 42.58 21.00
CA THR D 377 24.40 42.18 19.67
C THR D 377 25.20 42.89 18.59
N PHE D 378 25.67 42.13 17.63
CA PHE D 378 26.39 42.70 16.49
C PHE D 378 25.63 42.42 15.21
N THR D 379 25.49 43.44 14.36
CA THR D 379 24.87 43.28 13.06
C THR D 379 25.73 43.96 12.01
N GLN D 380 25.14 44.25 10.85
CA GLN D 380 25.82 45.01 9.81
C GLN D 380 25.12 46.36 9.61
N GLY D 381 24.42 46.81 10.64
CA GLY D 381 23.78 48.11 10.61
C GLY D 381 22.45 48.13 11.33
N GLU D 382 21.65 47.07 11.15
CA GLU D 382 20.33 47.01 11.73
C GLU D 382 20.42 47.11 13.24
N ARG D 383 19.45 47.80 13.83
CA ARG D 383 19.44 48.02 15.27
C ARG D 383 18.41 47.12 15.95
N PHE D 384 18.89 46.00 16.48
CA PHE D 384 18.09 45.13 17.31
C PHE D 384 18.99 44.42 18.31
N LYS D 385 18.39 43.85 19.35
CA LYS D 385 19.14 43.12 20.36
C LYS D 385 18.55 41.73 20.54
N PHE D 386 19.38 40.70 20.47
CA PHE D 386 18.91 39.34 20.67
C PHE D 386 18.45 39.14 22.11
N THR D 387 17.41 38.33 22.29
CA THR D 387 16.84 38.09 23.61
C THR D 387 17.20 36.69 24.08
N GLY D 388 16.75 36.34 25.29
CA GLY D 388 16.93 35.01 25.82
C GLY D 388 18.30 34.70 26.38
N ILE D 389 19.20 35.68 26.36
CA ILE D 389 20.52 35.50 26.97
C ILE D 389 20.45 35.70 28.49
N PRO D 390 20.54 34.61 29.26
CA PRO D 390 20.18 34.61 30.68
C PRO D 390 21.28 34.94 31.70
N ASN D 391 20.84 35.48 32.85
CA ASN D 391 21.59 35.38 34.09
C ASN D 391 20.99 34.20 34.85
N PHE D 392 21.80 33.52 35.66
CA PHE D 392 21.32 32.38 36.44
C PHE D 392 21.52 32.66 37.93
N ALA D 393 20.58 32.20 38.76
CA ALA D 393 20.66 32.46 40.19
C ALA D 393 22.03 32.08 40.76
N SER D 394 22.67 33.03 41.43
CA SER D 394 23.98 32.76 42.03
C SER D 394 23.85 31.66 43.09
N GLU D 395 24.92 30.89 43.27
CA GLU D 395 24.90 29.76 44.18
C GLU D 395 25.93 29.94 45.30
N LEU D 396 26.77 30.97 45.14
CA LEU D 396 27.81 31.29 46.09
C LEU D 396 27.76 32.79 46.33
N PHE D 397 27.95 33.22 47.57
CA PHE D 397 27.82 34.63 47.92
C PHE D 397 28.91 35.09 48.87
N ARG D 398 29.48 36.26 48.59
CA ARG D 398 30.49 36.81 49.48
C ARG D 398 30.44 38.33 49.52
N LEU D 399 30.64 38.87 50.71
CA LEU D 399 30.82 40.30 50.87
C LEU D 399 32.21 40.63 50.34
N VAL D 400 32.31 41.73 49.59
CA VAL D 400 33.59 42.17 49.10
C VAL D 400 33.87 43.60 49.58
N ARG D 401 35.03 43.79 50.18
CA ARG D 401 35.42 45.11 50.68
C ARG D 401 36.92 45.29 50.56
N LEU D 402 37.41 46.46 50.97
CA LEU D 402 38.83 46.75 50.97
C LEU D 402 39.32 47.00 52.39
N LYS D 403 40.59 46.67 52.64
CA LYS D 403 41.23 47.03 53.89
C LYS D 403 41.45 48.54 53.89
N ASP D 404 41.91 49.06 52.76
CA ASP D 404 42.07 50.50 52.59
C ASP D 404 41.01 51.06 51.64
N PRO D 405 40.07 51.85 52.19
CA PRO D 405 38.96 52.42 51.42
C PRO D 405 39.41 53.48 50.42
N LEU D 406 40.71 53.60 50.22
CA LEU D 406 41.27 54.58 49.32
C LEU D 406 40.79 54.45 47.88
N LYS D 407 40.77 53.21 47.38
CA LYS D 407 40.43 52.96 45.98
C LYS D 407 39.01 52.45 45.81
N GLN D 408 38.13 52.80 46.75
CA GLN D 408 36.74 52.35 46.72
C GLN D 408 36.10 52.62 45.36
N LYS D 409 36.39 53.78 44.79
CA LYS D 409 35.89 54.14 43.47
C LYS D 409 36.33 53.10 42.44
N ALA D 410 37.63 52.80 42.43
CA ALA D 410 38.19 51.85 41.49
C ALA D 410 37.60 50.45 41.68
N LEU D 411 37.29 50.10 42.93
CA LEU D 411 36.67 48.81 43.22
C LEU D 411 35.30 48.72 42.56
N LEU D 412 34.47 49.73 42.80
CA LEU D 412 33.11 49.74 42.26
C LEU D 412 33.10 49.76 40.73
N LYS D 413 34.06 50.48 40.15
CA LYS D 413 34.24 50.54 38.70
C LYS D 413 34.62 49.18 38.12
N GLY D 414 35.48 48.46 38.83
CA GLY D 414 35.89 47.13 38.42
C GLY D 414 34.75 46.13 38.53
N LEU D 415 34.09 46.10 39.69
CA LEU D 415 33.00 45.16 39.93
C LEU D 415 31.90 45.35 38.91
N THR D 416 31.65 46.62 38.56
CA THR D 416 30.64 46.94 37.56
C THR D 416 31.04 46.34 36.22
N GLN D 417 32.28 46.58 35.83
CA GLN D 417 32.80 46.07 34.56
C GLN D 417 32.81 44.54 34.52
N LEU D 418 33.32 43.93 35.58
CA LEU D 418 33.36 42.47 35.69
C LEU D 418 31.95 41.88 35.61
N SER D 419 30.99 42.55 36.24
CA SER D 419 29.61 42.09 36.24
C SER D 419 29.03 42.17 34.83
N GLU D 420 29.42 43.20 34.10
CA GLU D 420 28.97 43.36 32.74
C GLU D 420 29.63 42.34 31.81
N GLU D 421 30.78 41.83 32.21
CA GLU D 421 31.47 40.81 31.42
C GLU D 421 31.16 39.41 31.93
N GLY D 422 30.19 39.32 32.84
CA GLY D 422 29.73 38.04 33.34
C GLY D 422 30.63 37.32 34.31
N ALA D 423 31.69 38.00 34.76
CA ALA D 423 32.66 37.38 35.65
C ALA D 423 32.11 37.18 37.06
N THR D 424 31.02 37.87 37.36
CA THR D 424 30.41 37.82 38.68
C THR D 424 29.07 38.52 38.62
N GLN D 425 28.26 38.31 39.64
CA GLN D 425 27.05 39.12 39.80
C GLN D 425 27.28 40.05 40.98
N LEU D 426 26.63 41.20 40.96
CA LEU D 426 26.82 42.20 42.00
C LEU D 426 25.47 42.57 42.61
N PHE D 427 25.39 42.53 43.94
CA PHE D 427 24.17 42.89 44.63
C PHE D 427 24.42 44.03 45.61
N ARG D 428 23.48 44.98 45.64
CA ARG D 428 23.52 46.07 46.60
C ARG D 428 22.18 46.11 47.33
N PRO D 429 22.17 45.64 48.58
CA PRO D 429 20.94 45.59 49.39
C PRO D 429 20.21 46.92 49.42
N LEU D 430 18.90 46.88 49.58
CA LEU D 430 18.08 48.07 49.55
C LEU D 430 18.38 48.97 50.74
N ASP D 431 18.69 48.35 51.88
CA ASP D 431 18.73 49.04 53.16
C ASP D 431 20.12 49.38 53.69
N SER D 432 21.16 48.74 53.13
CA SER D 432 22.53 48.90 53.62
C SER D 432 23.47 49.37 52.52
N ASN D 433 24.76 49.40 52.84
CA ASN D 433 25.77 49.92 51.91
C ASN D 433 26.80 48.89 51.45
N GLU D 434 26.55 47.62 51.75
CA GLU D 434 27.53 46.57 51.44
C GLU D 434 27.52 46.17 49.96
N LEU D 435 28.66 45.69 49.47
CA LEU D 435 28.74 45.11 48.14
C LEU D 435 28.77 43.60 48.30
N ILE D 436 27.83 42.91 47.65
CA ILE D 436 27.76 41.45 47.72
C ILE D 436 27.96 40.84 46.35
N LEU D 437 28.95 39.96 46.24
CA LEU D 437 29.18 39.26 44.98
C LEU D 437 28.50 37.89 44.94
N GLY D 438 27.90 37.57 43.79
CA GLY D 438 27.29 36.27 43.59
C GLY D 438 27.96 35.50 42.47
N ALA D 439 28.28 34.23 42.73
CA ALA D 439 28.95 33.40 41.76
C ALA D 439 28.20 32.07 41.58
N VAL D 440 28.31 31.49 40.40
CA VAL D 440 27.80 30.14 40.17
C VAL D 440 28.88 29.13 40.55
N GLY D 441 30.13 29.45 40.24
CA GLY D 441 31.25 28.58 40.55
C GLY D 441 32.34 29.26 41.36
N LEU D 442 32.94 28.48 42.27
CA LEU D 442 34.01 28.96 43.14
C LEU D 442 35.10 29.75 42.41
N LEU D 443 35.52 29.26 41.25
CA LEU D 443 36.59 29.90 40.49
C LEU D 443 36.35 31.40 40.28
N GLN D 444 35.10 31.78 40.07
CA GLN D 444 34.77 33.17 39.75
C GLN D 444 35.36 34.15 40.76
N PHE D 445 35.33 33.78 42.03
CA PHE D 445 35.89 34.63 43.08
C PHE D 445 37.38 34.87 42.89
N ASP D 446 38.10 33.83 42.46
CA ASP D 446 39.54 33.94 42.19
C ASP D 446 39.81 34.86 41.00
N VAL D 447 39.03 34.68 39.94
CA VAL D 447 39.18 35.52 38.74
C VAL D 447 38.87 36.99 39.03
N VAL D 448 37.84 37.23 39.83
CA VAL D 448 37.47 38.60 40.22
C VAL D 448 38.55 39.26 41.08
N ALA D 449 39.05 38.53 42.07
CA ALA D 449 40.13 39.01 42.92
C ALA D 449 41.37 39.34 42.09
N TYR D 450 41.68 38.47 41.13
CA TYR D 450 42.87 38.67 40.31
C TYR D 450 42.69 39.78 39.26
N ARG D 451 41.49 39.87 38.68
CA ARG D 451 41.21 40.88 37.68
C ARG D 451 41.19 42.30 38.25
N LEU D 452 40.62 42.45 39.45
CA LEU D 452 40.58 43.73 40.14
C LEU D 452 41.98 44.26 40.40
N GLU D 453 42.89 43.37 40.76
CA GLU D 453 44.26 43.78 41.08
C GLU D 453 45.04 44.15 39.82
N ASN D 454 44.96 43.29 38.82
CA ASN D 454 45.76 43.46 37.62
C ASN D 454 45.24 44.54 36.67
N GLU D 455 43.94 44.79 36.70
CA GLU D 455 43.32 45.75 35.78
C GLU D 455 42.89 47.03 36.48
N TYR D 456 42.69 46.97 37.79
CA TYR D 456 42.20 48.12 38.54
C TYR D 456 43.05 48.39 39.78
N ASN D 457 44.24 47.80 39.82
CA ASN D 457 45.16 47.94 40.94
C ASN D 457 44.46 48.01 42.30
N VAL D 458 43.45 47.17 42.47
CA VAL D 458 42.68 47.12 43.71
C VAL D 458 42.83 45.75 44.36
N LYS D 459 43.08 45.73 45.67
CA LYS D 459 43.21 44.47 46.39
C LYS D 459 41.99 44.25 47.27
N CYS D 460 41.13 43.31 46.88
CA CYS D 460 39.89 43.08 47.59
C CYS D 460 40.02 41.97 48.62
N VAL D 461 39.17 42.03 49.63
CA VAL D 461 39.07 40.94 50.59
C VAL D 461 37.61 40.48 50.67
N TYR D 462 37.44 39.17 50.80
CA TYR D 462 36.11 38.58 50.82
C TYR D 462 35.70 38.28 52.26
N GLU D 463 34.39 38.28 52.50
CA GLU D 463 33.86 37.88 53.79
C GLU D 463 32.60 37.04 53.59
N SER D 464 32.52 35.94 54.32
CA SER D 464 31.34 35.09 54.27
C SER D 464 30.12 35.92 54.64
N VAL D 465 28.98 35.59 54.03
CA VAL D 465 27.75 36.29 54.32
C VAL D 465 26.63 35.27 54.53
N ASN D 466 25.61 35.66 55.31
CA ASN D 466 24.49 34.78 55.57
C ASN D 466 23.49 34.77 54.41
N VAL D 467 23.98 34.36 53.24
CA VAL D 467 23.13 34.22 52.05
C VAL D 467 23.45 32.91 51.34
N VAL D 468 22.44 32.09 51.09
CA VAL D 468 22.67 30.80 50.43
C VAL D 468 22.09 30.72 49.03
N THR D 469 21.08 31.54 48.71
CA THR D 469 20.52 31.50 47.37
C THR D 469 19.83 32.81 46.99
N ALA D 470 19.55 32.98 45.71
CA ALA D 470 18.95 34.21 45.22
C ALA D 470 17.81 33.94 44.24
N ARG D 471 16.86 34.87 44.19
CA ARG D 471 15.75 34.82 43.26
C ARG D 471 15.41 36.23 42.83
N TRP D 472 15.27 36.46 41.53
CA TRP D 472 14.78 37.74 41.06
C TRP D 472 13.28 37.87 41.37
N VAL D 473 12.89 39.04 41.86
CA VAL D 473 11.50 39.27 42.23
C VAL D 473 10.75 40.01 41.13
N ILE D 474 9.61 39.47 40.72
CA ILE D 474 8.79 40.13 39.70
C ILE D 474 7.33 40.25 40.12
N CYS D 475 6.78 41.46 39.98
CA CYS D 475 5.40 41.76 40.35
C CYS D 475 4.99 43.08 39.72
N ASP D 476 3.94 43.05 38.90
CA ASP D 476 3.50 44.23 38.16
C ASP D 476 2.65 45.17 39.02
N ASP D 477 2.20 44.65 40.15
CA ASP D 477 1.39 45.40 41.09
C ASP D 477 2.27 46.16 42.08
N LYS D 478 2.51 47.43 41.82
CA LYS D 478 3.40 48.23 42.66
C LYS D 478 3.01 48.22 44.14
N ALA D 479 1.71 48.28 44.43
CA ALA D 479 1.23 48.30 45.81
C ALA D 479 1.64 47.03 46.55
N VAL D 480 1.39 45.89 45.92
CA VAL D 480 1.81 44.60 46.47
C VAL D 480 3.31 44.60 46.72
N LEU D 481 4.08 44.97 45.70
CA LEU D 481 5.53 45.00 45.80
C LEU D 481 6.00 45.88 46.96
N GLU D 482 5.37 47.04 47.10
CA GLU D 482 5.70 47.95 48.19
C GLU D 482 5.39 47.31 49.54
N ARG D 483 4.30 46.53 49.58
CA ARG D 483 3.93 45.80 50.78
C ARG D 483 4.96 44.72 51.07
N PHE D 484 5.27 43.94 50.04
CA PHE D 484 6.39 43.01 50.08
C PHE D 484 7.68 43.66 50.61
N ASN D 485 8.06 44.79 50.03
CA ASN D 485 9.31 45.46 50.41
C ASN D 485 9.34 45.91 51.86
N GLN D 486 8.23 46.46 52.34
CA GLN D 486 8.16 46.93 53.72
C GLN D 486 8.49 45.83 54.70
N GLU D 487 8.15 44.59 54.34
CA GLU D 487 8.40 43.46 55.24
C GLU D 487 9.74 42.79 54.97
N GLN D 488 10.19 42.80 53.71
CA GLN D 488 11.35 41.98 53.33
C GLN D 488 12.58 42.74 52.85
N SER D 489 12.52 44.07 52.83
CA SER D 489 13.61 44.88 52.29
C SER D 489 14.97 44.45 52.85
N ARG D 490 14.97 43.97 54.08
CA ARG D 490 16.17 43.49 54.73
C ARG D 490 16.84 42.35 53.94
N ASN D 491 16.05 41.69 53.08
CA ASN D 491 16.56 40.57 52.29
C ASN D 491 16.62 40.89 50.81
N LEU D 492 16.38 42.14 50.46
CA LEU D 492 16.27 42.55 49.07
C LEU D 492 17.48 43.36 48.60
N ALA D 493 17.73 43.30 47.31
CA ALA D 493 18.86 44.01 46.72
C ALA D 493 18.58 44.35 45.28
N TYR D 494 19.32 45.32 44.74
CA TYR D 494 19.36 45.50 43.30
C TYR D 494 20.63 44.86 42.78
N ASP D 495 20.52 44.11 41.69
CA ASP D 495 21.73 43.55 41.09
C ASP D 495 22.38 44.54 40.14
N GLY D 496 23.46 44.10 39.48
CA GLY D 496 24.24 44.96 38.62
C GLY D 496 23.45 45.58 37.48
N GLY D 497 22.35 44.94 37.10
CA GLY D 497 21.53 45.45 36.01
C GLY D 497 20.30 46.22 36.47
N GLY D 498 20.23 46.51 37.77
CA GLY D 498 19.10 47.22 38.32
C GLY D 498 17.89 46.36 38.62
N HIS D 499 18.07 45.04 38.63
CA HIS D 499 16.95 44.13 38.91
C HIS D 499 16.80 43.78 40.38
N LEU D 500 15.58 43.85 40.88
CA LEU D 500 15.26 43.51 42.27
C LEU D 500 15.52 42.03 42.55
N THR D 501 16.28 41.75 43.60
CA THR D 501 16.68 40.40 43.93
C THR D 501 16.48 40.07 45.41
N TYR D 502 15.87 38.92 45.67
CA TYR D 502 15.74 38.40 47.03
C TYR D 502 16.97 37.54 47.37
N LEU D 503 17.69 37.92 48.42
CA LEU D 503 18.83 37.14 48.90
C LEU D 503 18.40 36.36 50.14
N ALA D 504 18.28 35.04 50.00
CA ALA D 504 17.79 34.20 51.09
C ALA D 504 18.88 33.79 52.06
N PRO D 505 18.68 34.07 53.36
CA PRO D 505 19.61 33.61 54.38
C PRO D 505 19.61 32.09 54.48
N SER D 506 18.47 31.47 54.16
CA SER D 506 18.33 30.02 54.22
C SER D 506 17.28 29.50 53.22
N ARG D 507 17.29 28.20 52.98
CA ARG D 507 16.30 27.59 52.10
C ARG D 507 14.90 27.73 52.68
N VAL D 508 14.79 27.56 53.99
CA VAL D 508 13.50 27.61 54.66
C VAL D 508 12.91 29.01 54.58
N ASN D 509 13.75 30.01 54.82
CA ASN D 509 13.34 31.41 54.71
C ASN D 509 12.72 31.70 53.33
N LEU D 510 13.37 31.22 52.28
CA LEU D 510 12.90 31.43 50.91
C LEU D 510 11.54 30.77 50.68
N GLU D 511 11.39 29.53 51.15
CA GLU D 511 10.12 28.81 51.04
C GLU D 511 9.00 29.52 51.80
N ILE D 512 9.29 29.97 53.01
CA ILE D 512 8.29 30.67 53.81
C ILE D 512 7.85 31.98 53.15
N THR D 513 8.82 32.75 52.68
CA THR D 513 8.53 34.02 52.02
C THR D 513 7.74 33.80 50.73
N GLU D 515 5.79 31.23 49.99
CA GLU D 515 4.45 30.75 50.30
C GLU D 515 3.54 31.87 50.82
N LYS D 516 4.12 32.82 51.54
CA LYS D 516 3.37 33.95 52.06
C LYS D 516 2.99 34.94 50.95
N TRP D 517 3.71 34.89 49.84
CA TRP D 517 3.51 35.87 48.78
C TRP D 517 3.35 35.26 47.39
N PRO D 518 2.29 34.47 47.19
CA PRO D 518 2.09 33.75 45.93
C PRO D 518 1.78 34.68 44.74
N GLU D 519 1.42 35.93 45.01
CA GLU D 519 1.21 36.92 43.96
C GLU D 519 2.53 37.34 43.35
N ILE D 520 3.61 37.08 44.07
CA ILE D 520 4.94 37.48 43.63
C ILE D 520 5.69 36.35 42.95
N GLN D 521 6.25 36.64 41.78
CA GLN D 521 7.04 35.66 41.06
C GLN D 521 8.47 35.68 41.56
N PHE D 522 8.98 34.53 41.96
CA PHE D 522 10.39 34.38 42.33
C PHE D 522 11.09 33.55 41.28
N SER D 523 11.98 34.17 40.52
CA SER D 523 12.59 33.49 39.40
C SER D 523 14.05 33.12 39.60
N GLU D 524 14.45 31.98 39.06
CA GLU D 524 15.83 31.51 39.12
C GLU D 524 16.66 31.98 37.93
N THR D 525 16.01 32.62 36.96
CA THR D 525 16.75 33.18 35.84
C THR D 525 16.15 34.52 35.45
N ARG D 526 16.92 35.32 34.72
CA ARG D 526 16.37 36.51 34.11
C ARG D 526 17.11 36.80 32.82
N GLU D 527 16.46 37.53 31.94
CA GLU D 527 17.10 38.05 30.75
C GLU D 527 18.24 38.97 31.18
N HIS D 528 19.45 38.69 30.70
CA HIS D 528 20.61 39.47 31.10
C HIS D 528 20.42 40.96 30.83
#